data_8HID
#
_entry.id   8HID
#
_cell.length_a   83.466
_cell.length_b   140.871
_cell.length_c   233.428
_cell.angle_alpha   90.00
_cell.angle_beta   90.00
_cell.angle_gamma   90.00
#
_symmetry.space_group_name_H-M   'P 21 21 21'
#
loop_
_entity.id
_entity.type
_entity.pdbx_description
1 polymer Catalase
2 non-polymer (~{S})-azanyl-[2-[[3-bromanyl-4-(diethylamino)phenyl]methyl]hydrazinyl]methanethiol
3 non-polymer 'PROTOPORPHYRIN IX CONTAINING FE'
4 water water
#
_entity_poly.entity_id   1
_entity_poly.type   'polypeptide(L)'
_entity_poly.pdbx_seq_one_letter_code
;MADSRDPASDQMQHWKEQRAAQKADVLTTGAGNPVGDKLNVITVGPRGPLLVQDVVFTDEMAHFDRERIPERVVHAKGAG
AFGYFEVTHDITKYSKAKVFEHIGKKTPIAVRFSTVAGESGSADTVRDPRGFAVKFYTEDGNWDLVGNNTPIFFIRDPIL
FPSFIHSQKRNPQTHLKDPDMVWDFWSLRPESLHQVSFLFSDRGIPDGHRHMNGYGSHTFKLVNANGEAVYCKFHYKTDQ
GIKNLSVEDAARLSQEDPDYGIRDLFNAIATGKYPSWTFYIQVMTFNQAETFPFNPFDLTKVWPHKDYPLIPVGKLVLNR
NPVNYFAEVEQIAFDPSNMPPGIEASPDKMLQGRLFAYPDTHRHRLGPNYLHIPVNCPYRARVANYQRDGPMCMQDNQGG
APNYYPNSFGAPEQQPSALEHSIQYSGEVRRFNTANDDNVTQVRAFYVNVLNEEQRKRLCENIAGHLKDAQIFIQKKAVK
NFTEVHPDYGSHIQALLDKYNAEKPKNAIHTFVQSGSHLAAREKANL
;
_entity_poly.pdbx_strand_id   A,B,C,D
#
# COMPACT_ATOMS: atom_id res chain seq x y z
N ARG A 5 34.01 24.14 1.02
CA ARG A 5 33.34 25.39 0.75
C ARG A 5 32.74 25.46 -0.65
N ASP A 6 32.48 24.31 -1.23
CA ASP A 6 31.62 24.19 -2.36
C ASP A 6 30.22 24.31 -1.86
N PRO A 7 29.35 24.76 -2.69
CA PRO A 7 27.96 25.04 -2.28
C PRO A 7 27.24 23.84 -1.69
N ALA A 8 27.56 22.63 -2.12
CA ALA A 8 26.92 21.44 -1.55
C ALA A 8 27.24 21.30 -0.07
N SER A 9 28.53 21.34 0.27
CA SER A 9 28.94 21.15 1.67
C SER A 9 28.41 22.26 2.57
N ASP A 10 28.17 23.45 2.02
CA ASP A 10 27.71 24.59 2.79
C ASP A 10 26.22 24.85 2.64
N GLN A 11 25.43 23.80 2.41
CA GLN A 11 23.99 24.01 2.22
C GLN A 11 23.30 24.32 3.54
N MET A 12 23.71 23.68 4.64
CA MET A 12 23.05 23.92 5.92
C MET A 12 23.35 25.31 6.45
N GLN A 13 24.61 25.74 6.36
CA GLN A 13 24.98 27.06 6.84
C GLN A 13 24.32 28.15 6.01
N HIS A 14 24.26 27.98 4.68
CA HIS A 14 23.52 28.92 3.84
C HIS A 14 22.06 28.99 4.25
N TRP A 15 21.47 27.84 4.60
CA TRP A 15 20.08 27.84 5.05
C TRP A 15 19.93 28.61 6.36
N LYS A 16 20.92 28.48 7.25
CA LYS A 16 20.86 29.17 8.53
C LYS A 16 21.13 30.67 8.36
N GLU A 17 21.89 31.05 7.34
CA GLU A 17 22.10 32.47 7.07
C GLU A 17 20.82 33.15 6.58
N GLN A 18 19.85 32.37 6.11
CA GLN A 18 18.51 32.88 5.85
C GLN A 18 17.61 32.80 7.07
N ARG A 19 18.01 32.04 8.06
CA ARG A 19 17.30 32.08 9.31
C ARG A 19 17.54 33.44 9.86
N ALA A 20 18.79 33.81 9.80
CA ALA A 20 19.47 34.55 10.79
C ALA A 20 18.67 35.81 10.94
N ALA A 21 18.48 36.26 12.15
CA ALA A 21 17.39 37.21 12.38
C ALA A 21 15.97 36.66 12.25
N GLN A 22 15.76 35.40 12.46
CA GLN A 22 14.43 34.96 12.67
C GLN A 22 14.68 34.10 13.82
N LYS A 23 13.77 34.17 14.78
CA LYS A 23 13.65 33.24 15.86
C LYS A 23 13.28 31.94 15.20
N ALA A 24 13.78 30.85 15.69
CA ALA A 24 13.46 29.57 15.11
C ALA A 24 12.03 29.12 15.38
N ASP A 25 11.51 28.30 14.49
CA ASP A 25 10.12 27.86 14.53
C ASP A 25 9.81 26.99 15.72
N VAL A 26 8.58 26.96 16.12
CA VAL A 26 8.18 26.09 17.22
C VAL A 26 8.08 24.66 16.71
N LEU A 27 8.68 23.73 17.45
CA LEU A 27 8.71 22.32 17.06
C LEU A 27 7.39 21.67 17.44
N THR A 28 6.72 21.08 16.45
CA THR A 28 5.39 20.54 16.63
C THR A 28 5.36 19.05 16.31
N THR A 29 4.22 18.42 16.62
CA THR A 29 3.93 17.08 16.15
C THR A 29 3.41 17.17 14.72
N GLY A 30 2.92 16.06 14.18
CA GLY A 30 2.33 16.10 12.86
C GLY A 30 1.04 16.91 12.81
N ALA A 31 0.28 16.91 13.90
CA ALA A 31 -0.99 17.62 13.97
C ALA A 31 -0.85 19.06 14.44
N GLY A 32 0.37 19.59 14.50
CA GLY A 32 0.59 20.97 14.85
C GLY A 32 0.74 21.26 16.34
N ASN A 33 0.64 20.25 17.19
CA ASN A 33 0.74 20.47 18.63
C ASN A 33 2.18 20.82 19.00
N PRO A 34 2.41 21.93 19.70
CA PRO A 34 3.78 22.26 20.12
C PRO A 34 4.37 21.20 21.04
N VAL A 35 5.65 20.91 20.84
CA VAL A 35 6.36 19.91 21.63
C VAL A 35 7.10 20.61 22.75
N GLY A 36 7.04 20.03 23.95
CA GLY A 36 7.74 20.59 25.10
C GLY A 36 9.19 20.17 25.14
N ASP A 37 9.43 18.85 25.11
CA ASP A 37 10.77 18.31 25.12
C ASP A 37 10.80 17.13 24.14
N LYS A 38 11.44 17.32 22.99
CA LYS A 38 11.61 16.25 22.02
C LYS A 38 12.96 15.54 22.17
N LEU A 39 13.62 15.71 23.31
CA LEU A 39 14.88 15.03 23.56
C LEU A 39 14.81 13.96 24.63
N ASN A 40 13.67 13.81 25.30
CA ASN A 40 13.52 12.84 26.37
C ASN A 40 12.13 12.22 26.33
N VAL A 41 12.08 10.92 26.55
CA VAL A 41 10.85 10.13 26.45
C VAL A 41 10.18 10.06 27.81
N ILE A 42 8.85 9.93 27.81
CA ILE A 42 8.09 9.86 29.06
C ILE A 42 8.27 8.49 29.68
N THR A 43 8.64 8.45 30.96
CA THR A 43 8.75 7.21 31.72
C THR A 43 8.14 7.40 33.09
N VAL A 44 7.89 6.30 33.79
CA VAL A 44 7.42 6.34 35.18
C VAL A 44 8.66 6.34 36.06
N GLY A 45 9.12 7.55 36.40
CA GLY A 45 10.34 7.72 37.16
C GLY A 45 11.56 7.74 36.25
N PRO A 46 12.71 8.11 36.81
CA PRO A 46 13.94 8.20 35.99
C PRO A 46 14.35 6.89 35.33
N ARG A 47 14.07 5.74 35.94
CA ARG A 47 14.48 4.45 35.38
C ARG A 47 13.30 3.51 35.14
N GLY A 48 12.09 4.03 35.01
CA GLY A 48 10.92 3.22 34.78
C GLY A 48 10.64 3.03 33.31
N PRO A 49 9.72 2.11 32.98
CA PRO A 49 9.42 1.83 31.57
C PRO A 49 8.70 2.96 30.84
N LEU A 50 8.51 2.79 29.54
CA LEU A 50 7.97 3.81 28.65
C LEU A 50 6.45 3.72 28.59
N LEU A 51 5.82 4.86 28.34
CA LEU A 51 4.37 5.01 28.40
C LEU A 51 3.80 5.34 27.03
N VAL A 52 2.67 4.70 26.71
CA VAL A 52 2.02 4.90 25.41
C VAL A 52 1.57 6.34 25.24
N GLN A 53 1.26 7.03 26.34
CA GLN A 53 0.78 8.41 26.24
C GLN A 53 1.84 9.38 25.76
N ASP A 54 3.10 8.95 25.64
CA ASP A 54 4.09 9.78 24.95
C ASP A 54 3.78 9.78 23.47
N VAL A 55 2.74 10.53 23.09
CA VAL A 55 2.31 10.58 21.69
C VAL A 55 3.37 11.23 20.82
N VAL A 56 4.12 12.17 21.38
CA VAL A 56 5.17 12.85 20.62
C VAL A 56 6.18 11.84 20.10
N PHE A 57 6.65 10.95 20.97
CA PHE A 57 7.59 9.92 20.55
C PHE A 57 6.98 9.03 19.46
N THR A 58 5.77 8.53 19.70
CA THR A 58 5.11 7.65 18.74
C THR A 58 4.85 8.36 17.42
N ASP A 59 4.36 9.60 17.50
CA ASP A 59 4.07 10.37 16.29
C ASP A 59 5.32 10.51 15.43
N GLU A 60 6.47 10.78 16.05
CA GLU A 60 7.71 10.95 15.30
C GLU A 60 8.30 9.61 14.88
N MET A 61 8.33 8.63 15.79
CA MET A 61 8.94 7.35 15.48
C MET A 61 8.19 6.64 14.36
N ALA A 62 6.86 6.75 14.34
CA ALA A 62 6.07 6.04 13.34
C ALA A 62 6.30 6.61 11.95
N HIS A 63 6.55 7.91 11.84
CA HIS A 63 6.81 8.49 10.52
C HIS A 63 8.20 8.12 10.03
N PHE A 64 9.19 8.13 10.92
CA PHE A 64 10.52 7.63 10.57
C PHE A 64 10.45 6.17 10.13
N ASP A 65 9.52 5.40 10.69
CA ASP A 65 9.35 4.01 10.29
C ASP A 65 8.77 3.87 8.89
N ARG A 66 8.31 4.97 8.29
CA ARG A 66 7.64 4.94 7.00
C ARG A 66 8.29 5.84 5.97
N GLU A 67 9.54 6.26 6.19
CA GLU A 67 10.15 7.23 5.29
C GLU A 67 10.41 6.66 3.91
N ARG A 68 10.64 5.35 3.82
CA ARG A 68 11.11 4.73 2.58
C ARG A 68 9.95 4.27 1.72
N ILE A 69 10.11 4.43 0.42
CA ILE A 69 9.17 3.92 -0.59
C ILE A 69 9.97 3.01 -1.53
N PRO A 70 9.33 2.20 -2.37
CA PRO A 70 10.10 1.37 -3.29
C PRO A 70 10.93 2.22 -4.24
N GLU A 71 12.21 1.86 -4.37
CA GLU A 71 13.03 2.51 -5.37
C GLU A 71 12.57 2.09 -6.77
N ARG A 72 12.97 2.88 -7.76
CA ARG A 72 12.66 2.56 -9.14
C ARG A 72 13.22 1.18 -9.50
N VAL A 73 12.41 0.40 -10.23
CA VAL A 73 12.85 -0.95 -10.60
C VAL A 73 14.08 -0.88 -11.49
N VAL A 74 14.21 0.19 -12.28
CA VAL A 74 15.44 0.48 -13.01
C VAL A 74 15.68 1.98 -12.89
N HIS A 75 16.95 2.37 -13.05
CA HIS A 75 17.38 3.76 -12.90
C HIS A 75 17.10 4.28 -11.49
N ALA A 76 17.47 3.47 -10.49
CA ALA A 76 17.20 3.81 -9.10
C ALA A 76 18.07 4.94 -8.58
N LYS A 77 19.35 4.97 -8.98
CA LYS A 77 20.31 5.94 -8.48
C LYS A 77 20.37 7.11 -9.45
N GLY A 78 20.02 8.30 -8.95
CA GLY A 78 19.90 9.44 -9.85
C GLY A 78 20.15 10.81 -9.25
N ALA A 79 19.96 11.84 -10.08
CA ALA A 79 20.13 13.23 -9.67
C ALA A 79 19.15 14.08 -10.47
N GLY A 80 18.58 15.08 -9.80
CA GLY A 80 17.57 15.91 -10.42
C GLY A 80 17.92 17.37 -10.50
N ALA A 81 17.31 18.08 -11.45
CA ALA A 81 17.55 19.50 -11.66
C ALA A 81 16.37 20.07 -12.44
N PHE A 82 16.32 21.41 -12.49
CA PHE A 82 15.19 22.10 -13.09
C PHE A 82 15.72 23.22 -13.96
N GLY A 83 14.89 23.64 -14.91
CA GLY A 83 15.22 24.74 -15.78
C GLY A 83 14.14 25.05 -16.79
N TYR A 84 14.49 25.13 -18.07
CA TYR A 84 13.53 25.52 -19.08
C TYR A 84 13.97 25.02 -20.44
N PHE A 85 13.02 24.98 -21.38
CA PHE A 85 13.27 24.69 -22.78
C PHE A 85 12.86 25.91 -23.61
N GLU A 86 13.73 26.33 -24.52
CA GLU A 86 13.49 27.51 -25.33
C GLU A 86 13.52 27.13 -26.81
N VAL A 87 12.51 27.57 -27.55
CA VAL A 87 12.41 27.29 -28.98
C VAL A 87 13.33 28.25 -29.73
N THR A 88 14.28 27.69 -30.49
CA THR A 88 15.22 28.49 -31.25
C THR A 88 14.95 28.49 -32.75
N HIS A 89 14.23 27.51 -33.27
CA HIS A 89 13.94 27.42 -34.69
C HIS A 89 12.47 27.08 -34.90
N ASP A 90 12.05 27.09 -36.16
CA ASP A 90 10.65 26.91 -36.53
C ASP A 90 10.48 25.53 -37.17
N ILE A 91 9.83 24.62 -36.46
CA ILE A 91 9.47 23.31 -36.99
C ILE A 91 7.95 23.12 -37.01
N THR A 92 7.20 24.21 -37.00
CA THR A 92 5.74 24.13 -37.07
C THR A 92 5.27 23.47 -38.36
N LYS A 93 6.14 23.35 -39.37
CA LYS A 93 5.81 22.56 -40.54
C LYS A 93 5.58 21.09 -40.18
N TYR A 94 6.18 20.64 -39.08
CA TYR A 94 6.11 19.23 -38.68
C TYR A 94 5.20 18.97 -37.49
N SER A 95 5.16 19.86 -36.51
CA SER A 95 4.46 19.58 -35.25
C SER A 95 3.67 20.80 -34.81
N LYS A 96 2.37 20.61 -34.59
CA LYS A 96 1.51 21.67 -34.05
C LYS A 96 1.66 21.83 -32.55
N ALA A 97 2.60 21.12 -31.92
CA ALA A 97 2.74 21.14 -30.46
C ALA A 97 3.01 22.56 -29.99
N LYS A 98 2.22 23.02 -29.03
CA LYS A 98 2.38 24.37 -28.52
C LYS A 98 3.74 24.58 -27.86
N VAL A 99 4.42 23.48 -27.47
CA VAL A 99 5.75 23.60 -26.90
C VAL A 99 6.77 24.05 -27.94
N PHE A 100 6.44 23.97 -29.22
CA PHE A 100 7.30 24.47 -30.31
C PHE A 100 6.70 25.68 -31.00
N GLU A 101 5.67 26.30 -30.41
CA GLU A 101 4.76 27.16 -31.16
C GLU A 101 5.47 28.34 -31.82
N HIS A 102 6.36 29.02 -31.10
CA HIS A 102 7.08 30.16 -31.65
C HIS A 102 8.53 30.15 -31.18
N ILE A 103 9.40 30.75 -32.01
CA ILE A 103 10.80 30.90 -31.63
C ILE A 103 10.89 31.81 -30.40
N GLY A 104 11.57 31.31 -29.35
CA GLY A 104 11.73 32.05 -28.13
C GLY A 104 10.79 31.68 -27.01
N LYS A 105 9.80 30.82 -27.28
CA LYS A 105 8.89 30.38 -26.23
C LYS A 105 9.64 29.56 -25.20
N LYS A 106 9.45 29.87 -23.92
CA LYS A 106 10.11 29.17 -22.82
C LYS A 106 9.11 28.31 -22.08
N THR A 107 9.43 27.02 -21.96
CA THR A 107 8.62 26.07 -21.21
C THR A 107 9.43 25.54 -20.04
N PRO A 108 8.88 25.54 -18.82
CA PRO A 108 9.61 24.95 -17.70
C PRO A 108 9.81 23.46 -17.89
N ILE A 109 10.95 22.97 -17.37
CA ILE A 109 11.28 21.55 -17.44
C ILE A 109 11.81 21.07 -16.10
N ALA A 110 11.71 19.76 -15.90
CA ALA A 110 12.37 19.05 -14.81
C ALA A 110 13.12 17.86 -15.38
N VAL A 111 14.31 17.59 -14.86
CA VAL A 111 15.20 16.59 -15.43
C VAL A 111 15.70 15.67 -14.32
N ARG A 112 15.86 14.40 -14.64
CA ARG A 112 16.51 13.45 -13.76
C ARG A 112 17.50 12.60 -14.55
N PHE A 113 18.77 12.64 -14.15
CA PHE A 113 19.78 11.74 -14.68
C PHE A 113 19.88 10.52 -13.77
N SER A 114 20.42 9.43 -14.30
CA SER A 114 20.46 8.21 -13.51
C SER A 114 21.36 7.17 -14.19
N THR A 115 21.87 6.25 -13.38
CA THR A 115 22.38 4.98 -13.88
C THR A 115 21.20 4.06 -14.15
N VAL A 116 21.48 2.80 -14.47
CA VAL A 116 20.43 1.84 -14.84
C VAL A 116 20.33 0.70 -13.84
N ALA A 117 21.40 -0.10 -13.71
CA ALA A 117 21.30 -1.34 -12.96
C ALA A 117 21.49 -1.14 -11.46
N GLY A 118 22.31 -0.17 -11.06
CA GLY A 118 22.59 0.02 -9.66
C GLY A 118 21.37 0.53 -8.89
N GLU A 119 21.25 0.08 -7.65
CA GLU A 119 20.15 0.49 -6.78
C GLU A 119 20.57 1.74 -6.02
N SER A 120 19.79 2.12 -5.00
CA SER A 120 19.86 3.46 -4.45
C SER A 120 21.24 3.79 -3.89
N GLY A 121 21.90 2.81 -3.28
CA GLY A 121 23.19 3.09 -2.69
C GLY A 121 24.39 3.01 -3.61
N SER A 122 24.19 2.69 -4.90
CA SER A 122 25.28 2.38 -5.80
C SER A 122 26.04 3.65 -6.18
N ALA A 123 27.11 3.48 -6.95
CA ALA A 123 27.99 4.57 -7.35
C ALA A 123 27.62 5.09 -8.73
N ASP A 124 28.01 6.34 -9.00
CA ASP A 124 27.62 7.02 -10.23
C ASP A 124 28.54 6.65 -11.40
N THR A 125 29.85 6.62 -11.16
CA THR A 125 30.82 6.47 -12.24
C THR A 125 31.13 5.00 -12.50
N VAL A 126 30.11 4.30 -13.01
CA VAL A 126 30.22 2.90 -13.40
C VAL A 126 29.84 2.78 -14.87
N ARG A 127 30.24 1.67 -15.48
CA ARG A 127 29.82 1.42 -16.86
C ARG A 127 28.36 1.02 -16.86
N ASP A 128 27.55 1.83 -17.53
CA ASP A 128 26.10 1.70 -17.55
C ASP A 128 25.54 2.73 -18.52
N PRO A 129 24.37 2.49 -19.08
CA PRO A 129 23.66 3.59 -19.76
C PRO A 129 23.28 4.66 -18.73
N ARG A 130 23.00 5.86 -19.24
CA ARG A 130 22.71 7.00 -18.39
C ARG A 130 21.35 7.55 -18.76
N GLY A 131 20.37 7.36 -17.87
CA GLY A 131 19.06 7.94 -18.10
C GLY A 131 19.12 9.46 -18.13
N PHE A 132 18.31 10.04 -19.02
CA PHE A 132 18.31 11.49 -19.25
C PHE A 132 16.84 11.87 -19.53
N ALA A 133 16.06 11.98 -18.45
CA ALA A 133 14.63 12.22 -18.58
C ALA A 133 14.35 13.72 -18.50
N VAL A 134 13.44 14.18 -19.36
CA VAL A 134 13.06 15.59 -19.43
C VAL A 134 11.54 15.67 -19.40
N LYS A 135 11.00 16.41 -18.44
CA LYS A 135 9.56 16.64 -18.31
C LYS A 135 9.27 18.09 -18.70
N PHE A 136 8.44 18.28 -19.72
CA PHE A 136 8.06 19.60 -20.19
C PHE A 136 6.66 19.90 -19.67
N TYR A 137 6.55 20.85 -18.75
CA TYR A 137 5.24 21.30 -18.28
C TYR A 137 4.67 22.23 -19.33
N THR A 138 3.96 21.67 -20.31
CA THR A 138 3.42 22.51 -21.36
C THR A 138 1.99 22.93 -21.03
N GLU A 139 1.48 23.89 -21.79
CA GLU A 139 0.11 24.34 -21.62
C GLU A 139 -0.91 23.28 -22.05
N ASP A 140 -0.51 22.35 -22.93
CA ASP A 140 -1.33 21.20 -23.27
C ASP A 140 -1.06 20.00 -22.37
N GLY A 141 -0.69 20.24 -21.11
CA GLY A 141 -0.31 19.17 -20.23
C GLY A 141 1.17 18.87 -20.27
N ASN A 142 1.56 17.85 -19.50
CA ASN A 142 2.96 17.48 -19.41
C ASN A 142 3.38 16.61 -20.58
N TRP A 143 4.60 16.81 -21.05
CA TRP A 143 5.22 15.99 -22.07
C TRP A 143 6.49 15.39 -21.49
N ASP A 144 6.52 14.08 -21.33
CA ASP A 144 7.67 13.38 -20.79
C ASP A 144 8.47 12.76 -21.92
N LEU A 145 9.69 13.25 -22.13
CA LEU A 145 10.65 12.65 -23.05
C LEU A 145 11.67 11.91 -22.20
N VAL A 146 11.44 10.61 -21.99
CA VAL A 146 12.28 9.79 -21.13
C VAL A 146 13.38 9.13 -21.94
N GLY A 147 14.47 9.85 -22.19
CA GLY A 147 15.58 9.34 -22.96
C GLY A 147 16.74 8.86 -22.09
N ASN A 148 17.81 8.48 -22.78
CA ASN A 148 19.08 8.17 -22.13
C ASN A 148 20.20 8.57 -23.08
N ASN A 149 21.44 8.42 -22.60
CA ASN A 149 22.60 8.96 -23.32
C ASN A 149 23.01 8.11 -24.53
N THR A 150 22.10 7.34 -25.11
CA THR A 150 22.37 6.58 -26.32
C THR A 150 21.14 6.59 -27.22
N PRO A 151 21.33 6.66 -28.54
CA PRO A 151 20.17 6.68 -29.45
C PRO A 151 19.53 5.32 -29.66
N ILE A 152 20.08 4.26 -29.10
CA ILE A 152 19.61 2.91 -29.34
C ILE A 152 19.49 2.18 -28.01
N PHE A 153 19.16 0.89 -28.08
CA PHE A 153 18.98 0.07 -26.90
C PHE A 153 19.41 -1.36 -27.20
N PHE A 154 19.48 -2.17 -26.14
CA PHE A 154 19.98 -3.52 -26.27
C PHE A 154 19.01 -4.43 -27.00
N ILE A 155 17.70 -4.24 -26.79
CA ILE A 155 16.69 -5.11 -27.38
C ILE A 155 15.76 -4.29 -28.27
N ARG A 156 14.84 -4.98 -28.95
CA ARG A 156 13.87 -4.32 -29.81
C ARG A 156 12.45 -4.84 -29.63
N ASP A 157 12.18 -5.63 -28.59
CA ASP A 157 10.84 -6.12 -28.26
C ASP A 157 10.66 -5.98 -26.75
N PRO A 158 9.57 -5.35 -26.28
CA PRO A 158 9.44 -5.04 -24.85
C PRO A 158 9.23 -6.24 -23.96
N ILE A 159 8.83 -7.40 -24.51
CA ILE A 159 8.61 -8.55 -23.65
C ILE A 159 9.91 -9.15 -23.17
N LEU A 160 11.03 -8.82 -23.83
CA LEU A 160 12.34 -9.24 -23.37
C LEU A 160 12.90 -8.35 -22.28
N PHE A 161 12.24 -7.24 -21.95
CA PHE A 161 12.82 -6.23 -21.08
C PHE A 161 12.96 -6.70 -19.64
N PRO A 162 11.96 -7.36 -19.03
CA PRO A 162 12.18 -7.89 -17.68
C PRO A 162 13.37 -8.84 -17.60
N SER A 163 13.57 -9.69 -18.62
CA SER A 163 14.67 -10.65 -18.58
C SER A 163 16.01 -9.96 -18.74
N PHE A 164 16.09 -8.97 -19.66
CA PHE A 164 17.34 -8.23 -19.81
C PHE A 164 17.71 -7.52 -18.52
N ILE A 165 16.72 -6.92 -17.86
CA ILE A 165 16.99 -6.25 -16.60
C ILE A 165 17.40 -7.26 -15.54
N HIS A 166 16.69 -8.40 -15.48
CA HIS A 166 17.03 -9.43 -14.51
C HIS A 166 18.46 -9.91 -14.69
N SER A 167 18.86 -10.17 -15.93
CA SER A 167 20.22 -10.61 -16.21
C SER A 167 21.26 -9.56 -15.86
N GLN A 168 20.88 -8.27 -15.85
CA GLN A 168 21.83 -7.22 -15.52
C GLN A 168 21.94 -7.00 -14.02
N LYS A 169 20.97 -7.45 -13.24
CA LYS A 169 20.97 -7.22 -11.81
C LYS A 169 21.50 -8.45 -11.07
N ARG A 170 21.13 -8.59 -9.80
CA ARG A 170 21.79 -9.57 -8.94
C ARG A 170 21.24 -10.97 -9.16
N ASN A 171 22.12 -11.96 -8.95
CA ASN A 171 21.72 -13.35 -9.00
C ASN A 171 20.63 -13.63 -7.96
N PRO A 172 19.60 -14.41 -8.30
CA PRO A 172 18.48 -14.61 -7.36
C PRO A 172 18.86 -15.33 -6.08
N GLN A 173 19.88 -16.19 -6.11
CA GLN A 173 20.28 -16.88 -4.89
C GLN A 173 21.39 -16.16 -4.15
N THR A 174 22.49 -15.82 -4.84
CA THR A 174 23.65 -15.26 -4.16
C THR A 174 23.51 -13.77 -3.89
N HIS A 175 22.64 -13.06 -4.62
CA HIS A 175 22.46 -11.62 -4.49
C HIS A 175 23.72 -10.87 -4.94
N LEU A 176 24.36 -11.36 -6.00
CA LEU A 176 25.57 -10.76 -6.54
C LEU A 176 25.40 -10.56 -8.04
N LYS A 177 26.08 -9.55 -8.58
CA LYS A 177 26.13 -9.36 -10.03
C LYS A 177 26.80 -10.57 -10.67
N ASP A 178 26.13 -11.18 -11.63
CA ASP A 178 26.52 -12.49 -12.13
C ASP A 178 26.93 -12.40 -13.60
N PRO A 179 28.22 -12.49 -13.92
CA PRO A 179 28.64 -12.36 -15.32
C PRO A 179 28.10 -13.44 -16.24
N ASP A 180 27.81 -14.64 -15.72
CA ASP A 180 27.14 -15.66 -16.53
C ASP A 180 25.77 -15.18 -16.99
N MET A 181 25.02 -14.53 -16.08
CA MET A 181 23.70 -14.01 -16.45
C MET A 181 23.81 -12.90 -17.49
N VAL A 182 24.77 -11.99 -17.31
CA VAL A 182 24.89 -10.83 -18.20
C VAL A 182 25.13 -11.30 -19.62
N TRP A 183 26.04 -12.25 -19.81
CA TRP A 183 26.48 -12.61 -21.14
C TRP A 183 25.76 -13.82 -21.74
N ASP A 184 25.16 -14.69 -20.92
CA ASP A 184 24.29 -15.73 -21.49
C ASP A 184 23.12 -15.10 -22.22
N PHE A 185 22.48 -14.09 -21.61
CA PHE A 185 21.40 -13.39 -22.29
C PHE A 185 21.94 -12.61 -23.48
N TRP A 186 23.09 -11.96 -23.32
CA TRP A 186 23.65 -11.16 -24.40
C TRP A 186 24.15 -12.04 -25.53
N SER A 187 24.78 -13.17 -25.23
CA SER A 187 25.21 -14.07 -26.29
C SER A 187 24.02 -14.67 -27.03
N LEU A 188 22.98 -15.04 -26.29
CA LEU A 188 21.78 -15.62 -26.89
C LEU A 188 20.90 -14.58 -27.58
N ARG A 189 21.15 -13.29 -27.38
CA ARG A 189 20.39 -12.23 -28.04
C ARG A 189 21.37 -11.31 -28.79
N PRO A 190 21.73 -11.69 -30.01
CA PRO A 190 22.68 -10.86 -30.77
C PRO A 190 22.15 -9.48 -31.14
N GLU A 191 20.86 -9.20 -30.95
CA GLU A 191 20.38 -7.86 -31.20
C GLU A 191 20.94 -6.85 -30.20
N SER A 192 21.65 -7.32 -29.18
CA SER A 192 22.31 -6.46 -28.21
C SER A 192 23.67 -5.96 -28.69
N LEU A 193 24.14 -6.40 -29.85
CA LEU A 193 25.49 -6.07 -30.30
C LEU A 193 25.69 -4.56 -30.46
N HIS A 194 24.70 -3.87 -31.04
CA HIS A 194 24.88 -2.46 -31.38
C HIS A 194 25.04 -1.60 -30.13
N GLN A 195 24.19 -1.82 -29.12
CA GLN A 195 24.28 -1.04 -27.89
C GLN A 195 25.40 -1.52 -26.97
N VAL A 196 25.75 -2.82 -27.04
CA VAL A 196 26.89 -3.30 -26.28
C VAL A 196 28.17 -2.63 -26.76
N SER A 197 28.34 -2.52 -28.09
CA SER A 197 29.53 -1.85 -28.61
C SER A 197 29.59 -0.39 -28.17
N PHE A 198 28.43 0.27 -28.09
CA PHE A 198 28.40 1.63 -27.55
C PHE A 198 28.70 1.61 -26.06
N LEU A 199 28.12 0.66 -25.33
CA LEU A 199 28.23 0.65 -23.87
C LEU A 199 29.67 0.49 -23.41
N PHE A 200 30.45 -0.33 -24.11
CA PHE A 200 31.84 -0.61 -23.73
C PHE A 200 32.84 0.26 -24.48
N SER A 201 32.39 1.31 -25.17
CA SER A 201 33.27 2.28 -25.77
C SER A 201 33.68 3.32 -24.71
N ASP A 202 34.27 4.42 -25.17
CA ASP A 202 34.61 5.50 -24.24
C ASP A 202 33.36 6.15 -23.64
N ARG A 203 32.27 6.19 -24.41
CA ARG A 203 31.02 6.83 -23.99
C ARG A 203 30.27 6.05 -22.93
N GLY A 204 30.78 4.89 -22.50
CA GLY A 204 30.09 4.12 -21.48
C GLY A 204 30.17 4.72 -20.11
N ILE A 205 31.16 5.56 -19.85
CA ILE A 205 31.31 6.20 -18.55
C ILE A 205 31.48 7.70 -18.76
N PRO A 206 30.40 8.47 -18.85
CA PRO A 206 30.55 9.91 -19.00
C PRO A 206 31.12 10.54 -17.73
N ASP A 207 31.80 11.68 -17.92
CA ASP A 207 32.33 12.46 -16.81
C ASP A 207 31.21 13.37 -16.29
N GLY A 208 30.29 12.75 -15.57
CA GLY A 208 29.14 13.46 -15.05
C GLY A 208 28.01 13.56 -16.07
N HIS A 209 26.91 14.16 -15.62
CA HIS A 209 25.73 14.25 -16.45
C HIS A 209 25.78 15.41 -17.44
N ARG A 210 26.60 16.43 -17.17
CA ARG A 210 26.69 17.59 -18.05
C ARG A 210 27.47 17.31 -19.33
N HIS A 211 28.25 16.24 -19.36
CA HIS A 211 29.14 15.92 -20.47
C HIS A 211 28.67 14.70 -21.25
N MET A 212 27.35 14.59 -21.44
CA MET A 212 26.77 13.52 -22.24
C MET A 212 25.57 14.08 -23.00
N ASN A 213 25.16 13.34 -24.03
CA ASN A 213 24.00 13.73 -24.82
C ASN A 213 22.76 13.04 -24.30
N GLY A 214 21.63 13.35 -24.92
CA GLY A 214 20.39 12.67 -24.64
C GLY A 214 19.62 12.42 -25.91
N TYR A 215 18.98 11.30 -25.98
CA TYR A 215 18.25 10.91 -27.12
C TYR A 215 16.95 10.25 -26.65
N GLY A 216 15.87 10.47 -27.40
CA GLY A 216 14.61 9.81 -27.21
C GLY A 216 14.68 8.39 -27.70
N SER A 217 15.71 8.11 -28.46
CA SER A 217 15.98 6.80 -28.91
C SER A 217 14.95 6.29 -29.87
N HIS A 218 13.71 6.18 -29.43
CA HIS A 218 12.63 5.69 -30.24
C HIS A 218 12.30 6.65 -31.38
N THR A 219 11.72 6.08 -32.40
CA THR A 219 11.02 6.89 -33.38
C THR A 219 9.72 7.39 -32.78
N PHE A 220 9.41 8.66 -32.98
CA PHE A 220 8.13 9.24 -32.59
C PHE A 220 7.42 9.75 -33.83
N LYS A 221 6.22 10.29 -33.65
CA LYS A 221 5.41 10.78 -34.75
C LYS A 221 4.97 12.21 -34.45
N LEU A 222 5.25 13.12 -35.39
CA LEU A 222 4.86 14.51 -35.28
C LEU A 222 3.68 14.80 -36.19
N VAL A 223 2.76 15.62 -35.71
CA VAL A 223 1.56 16.00 -36.46
C VAL A 223 1.47 17.53 -36.48
N ASN A 224 1.24 18.10 -37.66
CA ASN A 224 1.07 19.53 -37.78
C ASN A 224 -0.42 19.88 -37.82
N ALA A 225 -0.71 21.17 -37.95
CA ALA A 225 -2.09 21.66 -37.85
C ALA A 225 -2.99 21.14 -38.97
N ASN A 226 -2.40 20.69 -40.08
CA ASN A 226 -3.18 20.24 -41.22
C ASN A 226 -3.35 18.72 -41.27
N GLY A 227 -3.10 18.04 -40.14
CA GLY A 227 -3.22 16.59 -40.10
C GLY A 227 -2.07 15.84 -40.72
N GLU A 228 -1.10 16.53 -41.34
CA GLU A 228 0.06 15.84 -41.88
C GLU A 228 0.91 15.29 -40.76
N ALA A 229 1.40 14.06 -40.94
CA ALA A 229 2.23 13.39 -39.96
C ALA A 229 3.58 13.03 -40.57
N VAL A 230 4.62 13.08 -39.74
CA VAL A 230 5.95 12.62 -40.09
C VAL A 230 6.54 11.90 -38.89
N TYR A 231 7.49 11.01 -39.17
CA TYR A 231 8.21 10.34 -38.10
C TYR A 231 9.44 11.14 -37.71
N CYS A 232 9.92 10.91 -36.50
CA CYS A 232 10.90 11.81 -35.92
C CYS A 232 11.76 11.08 -34.90
N LYS A 233 13.00 11.55 -34.77
CA LYS A 233 13.92 11.18 -33.71
C LYS A 233 14.26 12.45 -32.92
N PHE A 234 14.57 12.27 -31.64
CA PHE A 234 14.91 13.39 -30.77
C PHE A 234 16.37 13.33 -30.37
N HIS A 235 17.05 14.47 -30.47
CA HIS A 235 18.46 14.59 -30.11
C HIS A 235 18.66 15.89 -29.34
N TYR A 236 19.43 15.82 -28.26
CA TYR A 236 19.89 17.03 -27.58
C TYR A 236 21.34 16.83 -27.14
N LYS A 237 22.24 17.58 -27.76
CA LYS A 237 23.68 17.40 -27.59
C LYS A 237 24.22 18.39 -26.57
N THR A 238 25.18 17.93 -25.77
CA THR A 238 25.73 18.75 -24.71
C THR A 238 26.64 19.84 -25.28
N ASP A 239 26.38 21.08 -24.88
CA ASP A 239 27.25 22.21 -25.20
C ASP A 239 28.50 22.24 -24.33
N GLN A 240 28.49 21.52 -23.21
CA GLN A 240 29.67 21.35 -22.36
C GLN A 240 30.68 20.39 -22.97
N GLY A 241 30.38 19.81 -24.12
CA GLY A 241 31.28 18.89 -24.78
C GLY A 241 31.22 17.47 -24.21
N ILE A 242 31.27 16.48 -25.09
CA ILE A 242 31.38 15.09 -24.64
C ILE A 242 32.67 14.92 -23.86
N LYS A 243 32.56 14.38 -22.65
CA LYS A 243 33.76 14.07 -21.88
C LYS A 243 33.48 12.83 -21.04
N ASN A 244 34.38 11.86 -21.13
CA ASN A 244 34.24 10.59 -20.47
C ASN A 244 35.42 10.36 -19.54
N LEU A 245 35.25 9.40 -18.63
CA LEU A 245 36.26 9.01 -17.68
C LEU A 245 36.89 7.69 -18.10
N SER A 246 38.17 7.54 -17.82
CA SER A 246 38.80 6.23 -17.94
C SER A 246 38.27 5.30 -16.87
N VAL A 247 38.39 3.99 -17.11
CA VAL A 247 37.96 3.03 -16.10
C VAL A 247 38.81 3.17 -14.84
N GLU A 248 40.06 3.62 -14.99
CA GLU A 248 40.90 3.87 -13.83
C GLU A 248 40.39 5.06 -13.04
N ASP A 249 40.08 6.16 -13.74
CA ASP A 249 39.48 7.31 -13.08
C ASP A 249 38.11 6.95 -12.51
N ALA A 250 37.30 6.24 -13.28
CA ALA A 250 35.95 5.91 -12.83
C ALA A 250 35.99 4.96 -11.64
N ALA A 251 36.85 3.95 -11.68
CA ALA A 251 36.97 3.03 -10.55
C ALA A 251 37.45 3.77 -9.30
N ARG A 252 38.36 4.74 -9.47
CA ARG A 252 38.85 5.50 -8.34
C ARG A 252 37.74 6.37 -7.75
N LEU A 253 36.98 7.04 -8.61
CA LEU A 253 35.91 7.91 -8.14
C LEU A 253 34.79 7.12 -7.47
N SER A 254 34.53 5.89 -7.95
CA SER A 254 33.49 5.07 -7.34
C SER A 254 33.79 4.72 -5.90
N GLN A 255 35.03 4.91 -5.44
CA GLN A 255 35.38 4.78 -4.03
C GLN A 255 35.40 6.13 -3.31
N GLU A 256 35.87 7.18 -3.97
CA GLU A 256 35.91 8.50 -3.37
C GLU A 256 34.51 9.08 -3.20
N ASP A 257 33.77 9.21 -4.30
CA ASP A 257 32.48 9.88 -4.31
C ASP A 257 31.51 9.09 -5.18
N PRO A 258 30.80 8.12 -4.59
CA PRO A 258 29.77 7.41 -5.37
C PRO A 258 28.67 8.31 -5.89
N ASP A 259 28.54 9.52 -5.35
CA ASP A 259 27.60 10.53 -5.82
C ASP A 259 28.27 11.57 -6.70
N TYR A 260 29.30 11.16 -7.46
CA TYR A 260 30.07 12.09 -8.28
C TYR A 260 29.16 12.89 -9.22
N GLY A 261 28.16 12.22 -9.79
CA GLY A 261 27.26 12.92 -10.70
C GLY A 261 26.35 13.91 -9.99
N ILE A 262 25.91 13.57 -8.77
CA ILE A 262 25.03 14.47 -8.03
C ILE A 262 25.79 15.71 -7.60
N ARG A 263 27.01 15.53 -7.10
CA ARG A 263 27.78 16.67 -6.59
C ARG A 263 28.18 17.61 -7.72
N ASP A 264 28.65 17.06 -8.84
CA ASP A 264 29.08 17.89 -9.95
C ASP A 264 27.92 18.71 -10.50
N LEU A 265 26.73 18.13 -10.56
CA LEU A 265 25.58 18.87 -11.10
C LEU A 265 25.05 19.87 -10.09
N PHE A 266 25.00 19.51 -8.81
CA PHE A 266 24.51 20.44 -7.79
C PHE A 266 25.41 21.67 -7.70
N ASN A 267 26.72 21.46 -7.68
CA ASN A 267 27.64 22.58 -7.54
C ASN A 267 27.78 23.39 -8.82
N ALA A 268 27.63 22.75 -9.98
CA ALA A 268 27.64 23.51 -11.23
C ALA A 268 26.45 24.46 -11.31
N ILE A 269 25.27 23.98 -10.90
CA ILE A 269 24.10 24.84 -10.90
C ILE A 269 24.25 25.96 -9.87
N ALA A 270 24.78 25.62 -8.69
CA ALA A 270 24.81 26.59 -7.59
C ALA A 270 25.84 27.68 -7.79
N THR A 271 26.85 27.46 -8.64
CA THR A 271 27.83 28.49 -8.97
C THR A 271 27.55 29.14 -10.32
N GLY A 272 26.32 29.03 -10.82
CA GLY A 272 25.96 29.70 -12.05
C GLY A 272 26.49 29.09 -13.32
N LYS A 273 27.12 27.92 -13.25
CA LYS A 273 27.61 27.23 -14.46
C LYS A 273 26.52 26.32 -15.02
N TYR A 274 25.42 26.94 -15.41
CA TYR A 274 24.26 26.20 -15.90
C TYR A 274 24.62 25.36 -17.12
N PRO A 275 24.43 24.05 -17.08
CA PRO A 275 24.61 23.23 -18.29
C PRO A 275 23.45 23.40 -19.24
N SER A 276 23.72 23.14 -20.52
CA SER A 276 22.71 23.31 -21.56
C SER A 276 22.93 22.28 -22.66
N TRP A 277 21.87 22.05 -23.43
CA TRP A 277 21.84 21.10 -24.52
C TRP A 277 21.10 21.69 -25.71
N THR A 278 21.59 21.42 -26.91
CA THR A 278 20.95 21.89 -28.13
C THR A 278 20.00 20.82 -28.65
N PHE A 279 18.73 21.16 -28.74
CA PHE A 279 17.68 20.19 -29.07
C PHE A 279 17.55 20.08 -30.58
N TYR A 280 17.73 18.86 -31.11
CA TYR A 280 17.59 18.59 -32.53
C TYR A 280 16.51 17.55 -32.79
N ILE A 281 16.19 17.37 -34.07
CA ILE A 281 15.34 16.28 -34.53
C ILE A 281 15.82 15.81 -35.89
N GLN A 282 15.57 14.53 -36.18
CA GLN A 282 15.67 13.98 -37.53
C GLN A 282 14.27 13.69 -38.05
N VAL A 283 14.00 14.05 -39.30
CA VAL A 283 12.66 13.94 -39.87
C VAL A 283 12.69 12.91 -40.99
N MET A 284 11.81 11.91 -40.89
CA MET A 284 11.61 10.92 -41.95
C MET A 284 10.14 10.90 -42.30
N THR A 285 9.83 11.15 -43.57
CA THR A 285 8.45 11.11 -44.02
C THR A 285 8.00 9.67 -44.24
N PHE A 286 6.68 9.48 -44.25
CA PHE A 286 6.13 8.13 -44.37
C PHE A 286 6.59 7.46 -45.66
N ASN A 287 6.76 8.23 -46.74
CA ASN A 287 7.29 7.66 -47.97
C ASN A 287 8.73 7.19 -47.77
N GLN A 288 9.53 7.96 -47.04
CA GLN A 288 10.88 7.52 -46.74
C GLN A 288 10.87 6.34 -45.78
N ALA A 289 9.81 6.19 -45.00
CA ALA A 289 9.74 5.09 -44.02
C ALA A 289 9.67 3.74 -44.73
N GLU A 290 8.97 3.66 -45.85
CA GLU A 290 8.92 2.41 -46.60
C GLU A 290 10.13 2.21 -47.49
N THR A 291 10.75 3.30 -47.96
CA THR A 291 11.97 3.16 -48.74
C THR A 291 13.19 2.94 -47.87
N PHE A 292 13.08 3.18 -46.58
CA PHE A 292 14.23 3.12 -45.70
C PHE A 292 14.81 1.70 -45.72
N PRO A 293 16.12 1.55 -45.95
CA PRO A 293 16.72 0.22 -45.97
C PRO A 293 16.48 -0.59 -44.70
N PHE A 294 16.39 0.06 -43.55
CA PHE A 294 16.13 -0.63 -42.30
C PHE A 294 14.67 -0.46 -41.89
N ASN A 295 14.31 -1.11 -40.78
CA ASN A 295 13.04 -0.88 -40.12
C ASN A 295 13.13 0.43 -39.34
N PRO A 296 12.38 1.45 -39.73
CA PRO A 296 12.52 2.76 -39.07
C PRO A 296 11.97 2.80 -37.65
N PHE A 297 11.56 1.65 -37.12
CA PHE A 297 11.06 1.54 -35.76
C PHE A 297 11.84 0.53 -34.93
N ASP A 298 12.96 0.02 -35.45
CA ASP A 298 13.81 -0.91 -34.71
C ASP A 298 14.73 -0.10 -33.80
N LEU A 299 14.55 -0.28 -32.48
CA LEU A 299 15.30 0.48 -31.48
C LEU A 299 16.79 0.17 -31.50
N THR A 300 17.21 -0.91 -32.16
CA THR A 300 18.62 -1.22 -32.28
C THR A 300 19.29 -0.51 -33.44
N LYS A 301 18.55 0.31 -34.19
CA LYS A 301 19.07 1.00 -35.35
C LYS A 301 19.04 2.51 -35.15
N VAL A 302 20.01 3.18 -35.75
CA VAL A 302 20.02 4.62 -35.80
C VAL A 302 19.60 5.07 -37.19
N TRP A 303 19.29 6.35 -37.34
CA TRP A 303 19.10 6.94 -38.65
C TRP A 303 20.42 7.58 -39.09
N PRO A 304 20.99 7.18 -40.22
CA PRO A 304 22.26 7.77 -40.65
C PRO A 304 22.12 9.26 -40.93
N HIS A 305 23.14 10.03 -40.52
CA HIS A 305 23.04 11.48 -40.55
C HIS A 305 23.12 12.03 -41.97
N LYS A 306 23.86 11.38 -42.87
CA LYS A 306 24.00 11.90 -44.22
C LYS A 306 22.67 11.95 -44.96
N ASP A 307 21.75 11.04 -44.65
CA ASP A 307 20.45 11.02 -45.30
C ASP A 307 19.33 11.62 -44.47
N TYR A 308 19.55 11.80 -43.17
CA TYR A 308 18.57 12.44 -42.28
C TYR A 308 19.34 13.36 -41.34
N PRO A 309 19.64 14.58 -41.79
CA PRO A 309 20.48 15.48 -40.99
C PRO A 309 19.74 16.03 -39.79
N LEU A 310 20.51 16.39 -38.77
CA LEU A 310 19.95 16.99 -37.56
C LEU A 310 19.37 18.36 -37.87
N ILE A 311 18.10 18.54 -37.54
CA ILE A 311 17.40 19.82 -37.70
C ILE A 311 17.35 20.50 -36.35
N PRO A 312 17.94 21.68 -36.19
CA PRO A 312 17.92 22.36 -34.88
C PRO A 312 16.50 22.76 -34.49
N VAL A 313 16.25 22.76 -33.18
CA VAL A 313 14.92 23.01 -32.64
C VAL A 313 14.98 24.01 -31.50
N GLY A 314 15.72 23.69 -30.46
CA GLY A 314 15.70 24.54 -29.29
C GLY A 314 16.84 24.26 -28.33
N LYS A 315 16.65 24.71 -27.10
CA LYS A 315 17.68 24.70 -26.08
C LYS A 315 17.10 24.22 -24.76
N LEU A 316 17.81 23.32 -24.10
CA LEU A 316 17.49 22.88 -22.73
C LEU A 316 18.51 23.47 -21.78
N VAL A 317 18.03 24.16 -20.74
CA VAL A 317 18.90 24.80 -19.76
C VAL A 317 18.42 24.39 -18.36
N LEU A 318 19.36 23.99 -17.50
CA LEU A 318 19.09 23.63 -16.11
C LEU A 318 19.72 24.68 -15.20
N ASN A 319 18.88 25.50 -14.56
CA ASN A 319 19.37 26.63 -13.77
C ASN A 319 18.88 26.64 -12.34
N ARG A 320 18.30 25.56 -11.84
CA ARG A 320 17.80 25.52 -10.47
C ARG A 320 18.01 24.15 -9.87
N ASN A 321 18.69 24.10 -8.72
CA ASN A 321 18.82 22.86 -7.98
C ASN A 321 17.49 22.53 -7.29
N PRO A 322 17.24 21.26 -7.00
CA PRO A 322 16.08 20.91 -6.17
C PRO A 322 16.26 21.41 -4.75
N VAL A 323 15.13 21.68 -4.10
CA VAL A 323 15.15 22.13 -2.71
C VAL A 323 15.05 20.95 -1.74
N ASN A 324 14.18 19.99 -2.03
CA ASN A 324 14.08 18.76 -1.26
C ASN A 324 14.19 17.58 -2.23
N TYR A 325 15.29 16.83 -2.12
CA TYR A 325 15.58 15.80 -3.11
C TYR A 325 14.47 14.75 -3.18
N PHE A 326 14.03 14.25 -2.03
CA PHE A 326 13.00 13.21 -2.02
C PHE A 326 11.72 13.71 -2.64
N ALA A 327 11.31 14.94 -2.31
CA ALA A 327 10.05 15.45 -2.83
C ALA A 327 10.13 15.79 -4.30
N GLU A 328 11.30 16.22 -4.77
CA GLU A 328 11.43 16.74 -6.12
C GLU A 328 12.08 15.79 -7.11
N VAL A 329 13.00 14.94 -6.67
CA VAL A 329 13.76 14.06 -7.54
C VAL A 329 13.33 12.61 -7.38
N GLU A 330 13.29 12.12 -6.14
CA GLU A 330 12.94 10.72 -5.92
C GLU A 330 11.49 10.46 -6.29
N GLN A 331 10.60 11.41 -6.03
CA GLN A 331 9.18 11.24 -6.26
C GLN A 331 8.72 11.65 -7.64
N ILE A 332 9.62 12.16 -8.49
CA ILE A 332 9.23 12.57 -9.83
C ILE A 332 9.03 11.34 -10.71
N ALA A 333 8.06 11.41 -11.61
CA ALA A 333 7.67 10.26 -12.42
C ALA A 333 7.48 10.71 -13.86
N PHE A 334 8.17 10.06 -14.78
CA PHE A 334 8.03 10.33 -16.21
C PHE A 334 7.29 9.19 -16.88
N ASP A 335 6.30 9.52 -17.71
CA ASP A 335 5.58 8.54 -18.51
C ASP A 335 5.77 8.89 -19.99
N PRO A 336 6.44 8.07 -20.78
CA PRO A 336 6.48 8.32 -22.23
C PRO A 336 5.11 8.45 -22.86
N SER A 337 4.07 7.94 -22.19
CA SER A 337 2.70 8.12 -22.67
C SER A 337 2.24 9.56 -22.56
N ASN A 338 2.88 10.36 -21.71
CA ASN A 338 2.53 11.78 -21.59
C ASN A 338 3.03 12.53 -22.81
N MET A 339 2.13 12.76 -23.76
CA MET A 339 2.49 13.47 -24.99
C MET A 339 1.33 14.38 -25.35
N PRO A 340 1.60 15.64 -25.66
CA PRO A 340 0.53 16.58 -26.03
C PRO A 340 0.21 16.47 -27.52
N PRO A 341 -0.85 17.13 -27.99
CA PRO A 341 -1.10 17.16 -29.44
C PRO A 341 0.11 17.65 -30.20
N GLY A 342 0.32 17.07 -31.39
CA GLY A 342 1.48 17.34 -32.19
C GLY A 342 2.63 16.39 -31.96
N ILE A 343 2.51 15.49 -30.97
CA ILE A 343 3.54 14.51 -30.64
C ILE A 343 2.83 13.19 -30.38
N GLU A 344 3.19 12.14 -31.13
CA GLU A 344 2.51 10.86 -31.04
C GLU A 344 3.54 9.75 -30.97
N ALA A 345 3.06 8.55 -30.64
CA ALA A 345 3.91 7.37 -30.59
C ALA A 345 4.01 6.72 -31.96
N SER A 346 5.11 5.99 -32.17
CA SER A 346 5.33 5.21 -33.37
C SER A 346 5.11 3.74 -33.07
N PRO A 347 4.99 2.90 -34.11
CA PRO A 347 4.80 1.46 -33.86
C PRO A 347 6.03 0.76 -33.30
N ASP A 348 7.05 1.52 -32.90
CA ASP A 348 8.21 0.96 -32.19
C ASP A 348 7.71 0.10 -31.03
N LYS A 349 7.87 -1.22 -31.17
CA LYS A 349 7.37 -2.15 -30.17
C LYS A 349 7.87 -1.83 -28.77
N MET A 350 9.13 -1.40 -28.66
CA MET A 350 9.69 -1.05 -27.36
C MET A 350 8.95 0.13 -26.74
N LEU A 351 8.75 1.20 -27.52
CA LEU A 351 7.99 2.33 -27.02
C LEU A 351 6.55 1.94 -26.70
N GLN A 352 5.95 1.10 -27.55
CA GLN A 352 4.60 0.62 -27.28
C GLN A 352 4.53 -0.09 -25.93
N GLY A 353 5.56 -0.86 -25.59
CA GLY A 353 5.59 -1.50 -24.27
C GLY A 353 5.73 -0.49 -23.14
N ARG A 354 6.56 0.54 -23.36
CA ARG A 354 6.76 1.58 -22.35
C ARG A 354 5.49 2.39 -22.10
N LEU A 355 4.58 2.47 -23.07
CA LEU A 355 3.37 3.26 -22.87
C LEU A 355 2.57 2.76 -21.68
N PHE A 356 2.61 1.46 -21.42
CA PHE A 356 1.92 0.87 -20.28
C PHE A 356 2.78 0.85 -19.02
N ALA A 357 4.08 0.63 -19.18
CA ALA A 357 4.93 0.25 -18.05
C ALA A 357 5.08 1.37 -17.03
N TYR A 358 5.27 2.61 -17.47
CA TYR A 358 5.61 3.68 -16.53
C TYR A 358 4.43 4.08 -15.65
N PRO A 359 3.25 4.40 -16.18
CA PRO A 359 2.12 4.66 -15.28
C PRO A 359 1.81 3.47 -14.38
N ASP A 360 2.02 2.25 -14.89
CA ASP A 360 1.78 1.07 -14.08
C ASP A 360 2.73 1.04 -12.87
N THR A 361 4.03 1.23 -13.12
CA THR A 361 5.00 1.15 -12.04
C THR A 361 4.95 2.36 -11.11
N HIS A 362 4.41 3.48 -11.57
CA HIS A 362 4.30 4.65 -10.71
C HIS A 362 3.10 4.55 -9.76
N ARG A 363 2.03 3.87 -10.19
CA ARG A 363 0.89 3.65 -9.31
C ARG A 363 1.25 2.75 -8.13
N HIS A 364 2.28 1.92 -8.29
CA HIS A 364 2.77 1.08 -7.21
C HIS A 364 3.85 1.78 -6.40
N ARG A 365 4.91 2.23 -7.07
CA ARG A 365 6.03 2.85 -6.37
C ARG A 365 5.60 4.12 -5.63
N LEU A 366 4.79 4.95 -6.25
CA LEU A 366 4.40 6.23 -5.66
C LEU A 366 2.99 6.21 -5.09
N GLY A 367 2.02 5.73 -5.85
CA GLY A 367 0.64 5.70 -5.40
C GLY A 367 -0.32 5.95 -6.55
N PRO A 368 -1.59 5.58 -6.35
CA PRO A 368 -2.59 5.79 -7.43
C PRO A 368 -2.73 7.24 -7.85
N ASN A 369 -2.52 8.20 -6.95
CA ASN A 369 -2.63 9.62 -7.26
C ASN A 369 -1.27 10.31 -7.33
N TYR A 370 -0.28 9.63 -7.91
CA TYR A 370 1.06 10.20 -7.97
C TYR A 370 1.11 11.45 -8.83
N LEU A 371 0.11 11.66 -9.69
CA LEU A 371 0.03 12.90 -10.45
C LEU A 371 -0.35 14.09 -9.58
N HIS A 372 -0.83 13.85 -8.36
CA HIS A 372 -1.09 14.96 -7.44
C HIS A 372 0.18 15.45 -6.76
N ILE A 373 1.26 14.68 -6.84
CA ILE A 373 2.53 15.15 -6.27
C ILE A 373 3.02 16.37 -7.06
N PRO A 374 3.38 17.47 -6.38
CA PRO A 374 3.63 18.73 -7.11
C PRO A 374 4.58 18.62 -8.30
N VAL A 375 5.72 17.93 -8.15
CA VAL A 375 6.66 17.85 -9.26
C VAL A 375 6.06 17.09 -10.43
N ASN A 376 5.11 16.21 -10.18
CA ASN A 376 4.40 15.48 -11.22
C ASN A 376 3.11 16.17 -11.65
N CYS A 377 2.74 17.26 -11.00
CA CYS A 377 1.52 17.96 -11.37
C CYS A 377 1.73 18.75 -12.66
N PRO A 378 0.73 18.82 -13.53
CA PRO A 378 0.81 19.69 -14.73
C PRO A 378 0.28 21.08 -14.43
N TYR A 379 1.10 21.87 -13.71
CA TYR A 379 0.66 23.13 -13.14
C TYR A 379 0.51 24.23 -14.16
N ARG A 380 0.72 23.96 -15.44
CA ARG A 380 0.49 24.93 -16.50
C ARG A 380 -0.69 24.55 -17.38
N ALA A 381 -1.33 23.42 -17.09
CA ALA A 381 -2.59 23.01 -17.70
C ALA A 381 -3.65 22.89 -16.61
N ARG A 382 -4.91 22.98 -17.02
CA ARG A 382 -6.05 22.85 -16.13
C ARG A 382 -6.58 21.42 -16.20
N VAL A 383 -6.32 20.65 -15.15
CA VAL A 383 -6.83 19.28 -15.07
C VAL A 383 -8.31 19.32 -14.75
N ALA A 384 -9.10 18.63 -15.57
CA ALA A 384 -10.55 18.59 -15.39
C ALA A 384 -11.08 17.38 -16.13
N ASN A 385 -11.67 16.43 -15.40
CA ASN A 385 -12.19 15.23 -16.03
C ASN A 385 -13.19 14.55 -15.09
N TYR A 386 -13.28 13.23 -15.16
CA TYR A 386 -14.27 12.46 -14.43
C TYR A 386 -13.65 11.37 -13.58
N GLN A 387 -12.34 11.46 -13.34
CA GLN A 387 -11.66 10.58 -12.40
C GLN A 387 -11.83 11.12 -10.99
N ARG A 388 -12.04 10.20 -10.04
CA ARG A 388 -12.29 10.60 -8.65
C ARG A 388 -11.60 9.63 -7.70
N ASP A 389 -11.44 10.10 -6.46
CA ASP A 389 -11.03 9.27 -5.33
C ASP A 389 -9.60 8.77 -5.46
N GLY A 390 -9.35 7.55 -4.98
CA GLY A 390 -8.02 7.01 -4.91
C GLY A 390 -7.35 7.37 -3.60
N PRO A 391 -6.48 6.49 -3.10
CA PRO A 391 -5.80 6.77 -1.83
C PRO A 391 -4.98 8.04 -1.91
N MET A 392 -4.96 8.79 -0.79
CA MET A 392 -4.26 10.06 -0.70
C MET A 392 -4.72 11.04 -1.79
N CYS A 393 -6.03 11.14 -1.96
CA CYS A 393 -6.58 12.18 -2.82
C CYS A 393 -6.46 13.52 -2.11
N MET A 394 -5.75 14.46 -2.73
CA MET A 394 -5.26 15.65 -2.03
C MET A 394 -5.95 16.94 -2.43
N GLN A 395 -6.25 17.16 -3.71
CA GLN A 395 -6.82 18.45 -4.06
C GLN A 395 -8.30 18.49 -3.68
N ASP A 396 -9.07 19.34 -4.33
CA ASP A 396 -10.51 19.38 -4.10
C ASP A 396 -11.24 18.14 -4.59
N ASN A 397 -10.52 17.15 -5.14
CA ASN A 397 -11.11 16.00 -5.82
C ASN A 397 -12.11 16.46 -6.89
N GLN A 398 -11.81 17.62 -7.49
CA GLN A 398 -12.68 18.27 -8.47
C GLN A 398 -14.05 18.58 -7.88
N GLY A 399 -14.10 18.70 -6.56
CA GLY A 399 -15.29 19.25 -5.91
C GLY A 399 -16.54 18.44 -6.19
N GLY A 400 -17.63 19.15 -6.50
CA GLY A 400 -18.92 18.52 -6.73
C GLY A 400 -19.36 18.55 -8.17
N ALA A 401 -18.40 18.54 -9.09
CA ALA A 401 -18.71 18.46 -10.50
C ALA A 401 -19.32 17.10 -10.83
N PRO A 402 -20.25 17.06 -11.79
CA PRO A 402 -20.75 15.77 -12.28
C PRO A 402 -19.62 14.85 -12.71
N ASN A 403 -19.61 13.63 -12.17
CA ASN A 403 -18.50 12.70 -12.34
C ASN A 403 -18.79 11.63 -13.40
N TYR A 404 -19.61 11.95 -14.40
CA TYR A 404 -19.95 10.98 -15.43
C TYR A 404 -20.06 11.69 -16.77
N TYR A 405 -19.61 11.01 -17.82
CA TYR A 405 -19.57 11.56 -19.16
C TYR A 405 -20.23 10.58 -20.13
N PRO A 406 -21.15 11.04 -21.00
CA PRO A 406 -21.59 12.43 -21.11
C PRO A 406 -22.59 12.83 -20.02
N ASN A 407 -22.87 14.13 -19.89
CA ASN A 407 -23.80 14.64 -18.90
C ASN A 407 -24.43 15.91 -19.43
N SER A 408 -25.46 16.38 -18.73
CA SER A 408 -26.21 17.56 -19.13
C SER A 408 -26.05 18.72 -18.14
N PHE A 409 -24.89 18.80 -17.46
CA PHE A 409 -24.72 19.76 -16.38
C PHE A 409 -23.41 20.53 -16.48
N GLY A 410 -22.85 20.65 -17.69
CA GLY A 410 -21.71 21.54 -17.90
C GLY A 410 -20.39 21.05 -17.36
N ALA A 411 -20.15 19.74 -17.34
CA ALA A 411 -18.89 19.18 -16.90
C ALA A 411 -17.88 19.23 -18.05
N PRO A 412 -16.60 18.92 -17.78
CA PRO A 412 -15.59 18.97 -18.84
C PRO A 412 -16.02 18.23 -20.10
N GLU A 413 -15.62 18.78 -21.25
CA GLU A 413 -15.98 18.28 -22.57
C GLU A 413 -14.74 17.94 -23.36
N GLN A 414 -14.80 16.84 -24.12
CA GLN A 414 -13.76 16.55 -25.09
C GLN A 414 -13.74 17.64 -26.15
N GLN A 415 -12.56 17.91 -26.71
CA GLN A 415 -12.46 18.82 -27.85
C GLN A 415 -11.82 18.06 -29.00
N PRO A 416 -12.47 17.99 -30.16
CA PRO A 416 -12.01 17.07 -31.21
C PRO A 416 -10.66 17.42 -31.83
N SER A 417 -10.17 18.64 -31.67
CA SER A 417 -8.89 19.01 -32.29
C SER A 417 -7.73 18.20 -31.72
N ALA A 418 -7.85 17.71 -30.48
CA ALA A 418 -6.83 16.89 -29.86
C ALA A 418 -6.91 15.42 -30.27
N LEU A 419 -7.50 15.11 -31.42
CA LEU A 419 -7.66 13.74 -31.86
C LEU A 419 -6.34 13.22 -32.43
N GLU A 420 -6.18 11.90 -32.38
CA GLU A 420 -4.94 11.27 -32.81
C GLU A 420 -4.93 11.07 -34.32
N HIS A 421 -3.73 10.80 -34.85
CA HIS A 421 -3.57 10.49 -36.27
C HIS A 421 -4.01 9.07 -36.53
N SER A 422 -4.61 8.84 -37.71
CA SER A 422 -5.17 7.55 -38.09
C SER A 422 -4.36 6.97 -39.25
N ILE A 423 -3.59 5.92 -38.97
CA ILE A 423 -2.88 5.17 -40.00
C ILE A 423 -3.65 3.89 -40.26
N GLN A 424 -3.50 3.36 -41.47
CA GLN A 424 -3.98 2.02 -41.81
C GLN A 424 -2.80 1.07 -41.82
N TYR A 425 -2.93 -0.05 -41.12
CA TYR A 425 -1.92 -1.09 -41.11
C TYR A 425 -2.42 -2.33 -41.85
N SER A 426 -1.51 -3.27 -42.06
CA SER A 426 -1.81 -4.49 -42.78
C SER A 426 -1.14 -5.66 -42.09
N GLY A 427 -1.81 -6.81 -42.08
CA GLY A 427 -1.21 -8.04 -41.61
C GLY A 427 -2.05 -8.73 -40.54
N GLU A 428 -1.61 -9.93 -40.19
CA GLU A 428 -2.27 -10.72 -39.16
C GLU A 428 -2.11 -10.04 -37.80
N VAL A 429 -2.82 -10.54 -36.81
CA VAL A 429 -2.57 -10.23 -35.41
C VAL A 429 -1.86 -11.43 -34.82
N ARG A 430 -0.59 -11.25 -34.49
CA ARG A 430 0.27 -12.37 -34.06
C ARG A 430 1.57 -11.79 -33.53
N ARG A 431 2.42 -12.68 -33.03
CA ARG A 431 3.74 -12.33 -32.55
C ARG A 431 4.74 -12.58 -33.68
N PHE A 432 5.22 -11.50 -34.29
CA PHE A 432 6.22 -11.61 -35.34
C PHE A 432 7.61 -11.66 -34.71
N ASN A 433 8.43 -12.59 -35.20
CA ASN A 433 9.80 -12.75 -34.71
C ASN A 433 10.69 -11.64 -35.27
N THR A 434 11.41 -10.96 -34.38
CA THR A 434 12.35 -9.92 -34.75
C THR A 434 13.75 -10.20 -34.19
N ALA A 435 14.06 -11.47 -33.93
CA ALA A 435 15.34 -11.81 -33.33
C ALA A 435 16.49 -11.62 -34.30
N ASN A 436 16.29 -11.95 -35.58
CA ASN A 436 17.34 -11.92 -36.58
C ASN A 436 17.27 -10.67 -37.46
N ASP A 437 16.65 -9.59 -36.97
CA ASP A 437 16.43 -8.39 -37.77
C ASP A 437 17.72 -7.59 -37.87
N ASP A 438 18.61 -8.04 -38.76
CA ASP A 438 19.85 -7.34 -39.07
C ASP A 438 20.63 -6.90 -37.84
N ASN A 439 21.35 -7.82 -37.22
CA ASN A 439 21.98 -7.56 -35.94
C ASN A 439 23.40 -7.00 -36.05
N VAL A 440 23.95 -6.85 -37.26
CA VAL A 440 25.39 -6.57 -37.40
C VAL A 440 25.72 -5.40 -38.33
N THR A 441 24.76 -5.00 -39.17
CA THR A 441 25.08 -4.06 -40.24
C THR A 441 25.52 -2.71 -39.68
N GLN A 442 24.68 -2.09 -38.85
CA GLN A 442 25.07 -0.82 -38.28
C GLN A 442 26.11 -0.94 -37.18
N VAL A 443 26.41 -2.17 -36.75
CA VAL A 443 27.46 -2.37 -35.75
C VAL A 443 28.83 -2.38 -36.41
N ARG A 444 28.95 -3.04 -37.57
CA ARG A 444 30.23 -3.02 -38.27
C ARG A 444 30.57 -1.61 -38.74
N ALA A 445 29.56 -0.84 -39.14
CA ALA A 445 29.78 0.56 -39.48
C ALA A 445 30.32 1.33 -38.27
N PHE A 446 29.76 1.08 -37.08
CA PHE A 446 30.27 1.70 -35.87
C PHE A 446 31.73 1.34 -35.64
N TYR A 447 32.08 0.07 -35.86
CA TYR A 447 33.45 -0.38 -35.61
C TYR A 447 34.42 0.21 -36.63
N VAL A 448 34.05 0.20 -37.90
CA VAL A 448 34.97 0.52 -38.98
C VAL A 448 35.03 2.02 -39.26
N ASN A 449 33.87 2.67 -39.37
CA ASN A 449 33.83 4.06 -39.82
C ASN A 449 33.86 5.05 -38.67
N VAL A 450 33.12 4.80 -37.58
CA VAL A 450 32.98 5.79 -36.54
C VAL A 450 34.25 5.87 -35.68
N LEU A 451 34.88 4.72 -35.43
CA LEU A 451 35.95 4.60 -34.47
C LEU A 451 37.31 4.70 -35.13
N ASN A 452 38.28 5.23 -34.38
CA ASN A 452 39.68 5.13 -34.76
C ASN A 452 40.28 3.88 -34.11
N GLU A 453 41.58 3.66 -34.33
CA GLU A 453 42.18 2.40 -33.91
C GLU A 453 42.30 2.31 -32.39
N GLU A 454 42.58 3.43 -31.71
CA GLU A 454 42.62 3.42 -30.25
C GLU A 454 41.27 3.01 -29.68
N GLN A 455 40.19 3.61 -30.18
CA GLN A 455 38.86 3.32 -29.65
C GLN A 455 38.50 1.85 -29.83
N ARG A 456 38.92 1.23 -30.93
CA ARG A 456 38.71 -0.19 -31.10
C ARG A 456 39.47 -1.00 -30.05
N LYS A 457 40.69 -0.56 -29.71
CA LYS A 457 41.47 -1.27 -28.70
C LYS A 457 40.79 -1.20 -27.34
N ARG A 458 40.39 0.00 -26.91
CA ARG A 458 39.69 0.13 -25.64
C ARG A 458 38.37 -0.63 -25.66
N LEU A 459 37.66 -0.60 -26.78
CA LEU A 459 36.40 -1.33 -26.89
C LEU A 459 36.59 -2.82 -26.63
N CYS A 460 37.44 -3.46 -27.43
CA CYS A 460 37.70 -4.88 -27.24
C CYS A 460 38.29 -5.16 -25.86
N GLU A 461 39.04 -4.20 -25.30
CA GLU A 461 39.56 -4.36 -23.94
C GLU A 461 38.44 -4.30 -22.91
N ASN A 462 37.59 -3.27 -23.00
CA ASN A 462 36.48 -3.18 -22.05
C ASN A 462 35.53 -4.37 -22.17
N ILE A 463 35.36 -4.89 -23.39
CA ILE A 463 34.54 -6.08 -23.59
C ILE A 463 35.18 -7.28 -22.91
N ALA A 464 36.41 -7.62 -23.32
CA ALA A 464 37.09 -8.77 -22.76
C ALA A 464 37.36 -8.63 -21.27
N GLY A 465 37.38 -7.41 -20.75
CA GLY A 465 37.58 -7.22 -19.32
C GLY A 465 36.41 -7.72 -18.50
N HIS A 466 35.21 -7.72 -19.06
CA HIS A 466 34.02 -8.23 -18.38
C HIS A 466 33.62 -9.62 -18.84
N LEU A 467 33.79 -9.92 -20.14
CA LEU A 467 33.47 -11.24 -20.66
C LEU A 467 34.39 -12.32 -20.11
N LYS A 468 35.55 -11.92 -19.57
CA LYS A 468 36.52 -12.87 -19.03
C LYS A 468 35.91 -13.77 -17.97
N ASP A 469 34.92 -13.27 -17.23
CA ASP A 469 34.35 -14.00 -16.11
C ASP A 469 33.21 -14.93 -16.50
N ALA A 470 32.69 -14.80 -17.72
CA ALA A 470 31.66 -15.72 -18.17
C ALA A 470 32.29 -17.08 -18.48
N GLN A 471 31.44 -18.12 -18.46
CA GLN A 471 31.91 -19.45 -18.78
C GLN A 471 32.43 -19.51 -20.20
N ILE A 472 33.30 -20.50 -20.45
CA ILE A 472 33.96 -20.60 -21.75
C ILE A 472 32.94 -20.78 -22.86
N PHE A 473 31.89 -21.57 -22.62
CA PHE A 473 30.87 -21.72 -23.67
C PHE A 473 30.10 -20.43 -23.87
N ILE A 474 30.00 -19.60 -22.84
CA ILE A 474 29.38 -18.29 -23.00
C ILE A 474 30.31 -17.35 -23.78
N GLN A 475 31.62 -17.45 -23.56
CA GLN A 475 32.56 -16.63 -24.31
C GLN A 475 32.55 -16.99 -25.79
N LYS A 476 32.49 -18.28 -26.11
CA LYS A 476 32.52 -18.72 -27.50
C LYS A 476 31.38 -18.12 -28.30
N LYS A 477 30.14 -18.36 -27.86
CA LYS A 477 28.98 -17.83 -28.58
C LYS A 477 28.98 -16.31 -28.59
N ALA A 478 29.62 -15.68 -27.60
CA ALA A 478 29.75 -14.23 -27.59
C ALA A 478 30.80 -13.77 -28.61
N VAL A 479 31.95 -14.44 -28.65
CA VAL A 479 32.96 -14.14 -29.68
C VAL A 479 32.38 -14.39 -31.07
N LYS A 480 31.52 -15.41 -31.19
CA LYS A 480 30.87 -15.70 -32.47
C LYS A 480 30.07 -14.50 -32.95
N ASN A 481 29.33 -13.87 -32.04
CA ASN A 481 28.53 -12.69 -32.42
C ASN A 481 29.43 -11.55 -32.89
N PHE A 482 30.51 -11.28 -32.14
CA PHE A 482 31.40 -10.18 -32.50
C PHE A 482 32.13 -10.46 -33.80
N THR A 483 32.55 -11.70 -34.03
CA THR A 483 33.18 -12.04 -35.31
C THR A 483 32.21 -11.89 -36.48
N GLU A 484 30.91 -12.11 -36.24
CA GLU A 484 29.92 -11.88 -37.29
C GLU A 484 29.79 -10.39 -37.61
N VAL A 485 30.01 -9.52 -36.62
CA VAL A 485 30.06 -8.09 -36.90
C VAL A 485 31.31 -7.74 -37.69
N HIS A 486 32.46 -8.25 -37.26
CA HIS A 486 33.71 -8.03 -37.96
C HIS A 486 34.75 -9.04 -37.47
N PRO A 487 35.48 -9.70 -38.38
CA PRO A 487 36.51 -10.66 -37.92
C PRO A 487 37.57 -10.02 -37.03
N ASP A 488 37.98 -8.78 -37.32
CA ASP A 488 38.92 -8.09 -36.44
C ASP A 488 38.31 -7.85 -35.07
N TYR A 489 37.00 -7.52 -35.03
CA TYR A 489 36.32 -7.25 -33.78
C TYR A 489 36.40 -8.45 -32.83
N GLY A 490 35.91 -9.61 -33.28
CA GLY A 490 35.85 -10.78 -32.43
C GLY A 490 37.18 -11.47 -32.19
N SER A 491 38.13 -11.33 -33.12
CA SER A 491 39.45 -11.91 -32.89
C SER A 491 40.25 -11.10 -31.87
N HIS A 492 40.13 -9.76 -31.93
CA HIS A 492 40.81 -8.92 -30.94
C HIS A 492 40.30 -9.21 -29.54
N ILE A 493 38.98 -9.40 -29.40
CA ILE A 493 38.42 -9.81 -28.12
C ILE A 493 38.91 -11.19 -27.73
N GLN A 494 38.83 -12.15 -28.67
CA GLN A 494 39.30 -13.50 -28.38
C GLN A 494 40.78 -13.52 -28.04
N ALA A 495 41.58 -12.70 -28.72
CA ALA A 495 42.99 -12.61 -28.39
C ALA A 495 43.19 -12.14 -26.95
N LEU A 496 42.31 -11.26 -26.47
CA LEU A 496 42.40 -10.78 -25.10
C LEU A 496 41.87 -11.80 -24.10
N LEU A 497 40.79 -12.50 -24.45
CA LEU A 497 40.18 -13.46 -23.53
C LEU A 497 41.15 -14.57 -23.15
N ASP A 498 41.97 -15.03 -24.10
CA ASP A 498 42.91 -16.10 -23.80
C ASP A 498 43.99 -15.65 -22.82
N LYS A 499 44.35 -14.37 -22.85
CA LYS A 499 45.26 -13.82 -21.85
C LYS A 499 44.60 -13.67 -20.49
N TYR A 500 43.28 -13.76 -20.43
CA TYR A 500 42.54 -13.73 -19.16
C TYR A 500 42.27 -15.13 -18.62
N ASN A 501 41.99 -16.09 -19.49
CA ASN A 501 41.81 -17.49 -19.08
C ASN A 501 43.14 -18.24 -19.14
N ALA A 502 44.12 -17.69 -18.43
CA ALA A 502 45.46 -18.28 -18.37
C ALA A 502 46.11 -17.95 -17.03
N ARG B 5 34.41 -19.80 -10.99
CA ARG B 5 34.70 -21.15 -10.51
C ARG B 5 34.54 -21.23 -9.00
N ASP B 6 34.23 -20.08 -8.39
CA ASP B 6 33.85 -20.03 -6.99
C ASP B 6 32.42 -20.55 -6.84
N PRO B 7 32.02 -20.98 -5.63
CA PRO B 7 30.65 -21.53 -5.50
C PRO B 7 29.55 -20.52 -5.80
N ALA B 8 29.80 -19.23 -5.59
CA ALA B 8 28.79 -18.24 -5.89
C ALA B 8 28.65 -18.02 -7.39
N SER B 9 29.76 -18.02 -8.12
CA SER B 9 29.72 -17.75 -9.55
C SER B 9 29.20 -18.93 -10.36
N ASP B 10 29.02 -20.09 -9.74
CA ASP B 10 28.61 -21.29 -10.46
C ASP B 10 27.19 -21.72 -10.12
N GLN B 11 26.44 -20.91 -9.37
CA GLN B 11 25.18 -21.38 -8.81
C GLN B 11 24.17 -21.72 -9.90
N MET B 12 24.15 -20.97 -11.01
CA MET B 12 23.25 -21.31 -12.10
C MET B 12 23.66 -22.62 -12.77
N GLN B 13 24.97 -22.83 -12.91
CA GLN B 13 25.45 -24.09 -13.47
C GLN B 13 25.07 -25.26 -12.57
N HIS B 14 25.26 -25.10 -11.25
CA HIS B 14 24.89 -26.16 -10.32
C HIS B 14 23.39 -26.40 -10.33
N TRP B 15 22.60 -25.32 -10.41
CA TRP B 15 21.15 -25.48 -10.50
C TRP B 15 20.77 -26.19 -11.79
N LYS B 16 21.52 -25.99 -12.84
CA LYS B 16 21.31 -26.62 -14.11
C LYS B 16 21.43 -28.11 -14.08
N GLU B 17 22.33 -28.62 -13.28
CA GLU B 17 22.77 -29.97 -13.46
C GLU B 17 21.52 -30.92 -13.37
N GLN B 18 20.68 -30.55 -12.44
CA GLN B 18 19.38 -31.15 -12.31
C GLN B 18 18.39 -30.99 -13.48
N ARG B 19 18.32 -29.81 -14.07
CA ARG B 19 17.52 -29.63 -15.27
C ARG B 19 17.98 -30.33 -16.52
N ALA B 20 19.28 -30.52 -16.70
CA ALA B 20 19.71 -31.33 -17.84
C ALA B 20 19.18 -32.72 -17.63
N ALA B 21 19.19 -33.18 -16.38
CA ALA B 21 18.65 -34.52 -16.14
C ALA B 21 17.11 -34.62 -16.13
N GLN B 22 16.41 -33.51 -16.30
CA GLN B 22 14.98 -33.58 -16.73
C GLN B 22 14.64 -33.08 -18.11
N LYS B 23 13.44 -32.56 -18.34
CA LYS B 23 13.13 -31.56 -19.34
C LYS B 23 12.87 -30.25 -18.61
N ALA B 24 12.82 -29.17 -19.37
CA ALA B 24 12.46 -27.89 -18.74
C ALA B 24 11.00 -27.92 -18.32
N ASP B 25 10.64 -26.97 -17.48
CA ASP B 25 9.24 -26.75 -17.18
C ASP B 25 8.57 -26.00 -18.33
N VAL B 26 7.24 -26.07 -18.38
CA VAL B 26 6.48 -25.29 -19.34
C VAL B 26 6.33 -23.87 -18.82
N LEU B 27 6.67 -22.90 -19.65
CA LEU B 27 6.54 -21.50 -19.27
C LEU B 27 5.06 -21.12 -19.17
N THR B 28 4.67 -20.54 -18.03
CA THR B 28 3.28 -20.19 -17.78
C THR B 28 3.16 -18.72 -17.44
N THR B 29 1.92 -18.25 -17.44
CA THR B 29 1.59 -16.95 -16.89
C THR B 29 1.51 -17.07 -15.36
N GLY B 30 1.20 -15.94 -14.71
CA GLY B 30 0.98 -15.99 -13.28
C GLY B 30 -0.20 -16.87 -12.90
N ALA B 31 -1.22 -16.93 -13.75
CA ALA B 31 -2.39 -17.77 -13.51
C ALA B 31 -2.18 -19.22 -13.95
N GLY B 32 -1.01 -19.55 -14.50
CA GLY B 32 -0.71 -20.92 -14.84
C GLY B 32 -1.05 -21.33 -16.25
N ASN B 33 -1.41 -20.40 -17.12
CA ASN B 33 -1.70 -20.73 -18.51
C ASN B 33 -0.39 -20.89 -19.28
N PRO B 34 -0.27 -21.95 -20.09
CA PRO B 34 0.98 -22.16 -20.84
C PRO B 34 1.21 -21.05 -21.87
N VAL B 35 2.46 -20.61 -21.94
CA VAL B 35 2.85 -19.54 -22.86
C VAL B 35 3.40 -20.17 -24.13
N GLY B 36 2.94 -19.67 -25.28
CA GLY B 36 3.34 -20.21 -26.57
C GLY B 36 4.53 -19.48 -27.16
N ASP B 37 4.62 -18.17 -26.90
CA ASP B 37 5.78 -17.38 -27.32
C ASP B 37 5.88 -16.20 -26.38
N LYS B 38 6.93 -16.19 -25.54
CA LYS B 38 7.18 -15.09 -24.62
C LYS B 38 8.42 -14.29 -25.04
N LEU B 39 8.86 -14.41 -26.29
CA LEU B 39 9.97 -13.65 -26.81
C LEU B 39 9.54 -12.58 -27.80
N ASN B 40 8.31 -12.64 -28.29
CA ASN B 40 7.79 -11.66 -29.24
C ASN B 40 6.39 -11.26 -28.81
N VAL B 41 6.05 -9.99 -29.07
CA VAL B 41 4.81 -9.39 -28.58
C VAL B 41 3.78 -9.38 -29.71
N ILE B 42 2.52 -9.29 -29.33
CA ILE B 42 1.42 -9.32 -30.29
C ILE B 42 1.24 -7.94 -30.91
N THR B 43 1.41 -7.86 -32.23
CA THR B 43 1.18 -6.63 -32.96
C THR B 43 0.34 -6.94 -34.21
N VAL B 44 -0.36 -5.92 -34.71
CA VAL B 44 -1.08 -6.04 -35.96
C VAL B 44 -0.09 -5.76 -37.09
N GLY B 45 0.30 -6.82 -37.81
CA GLY B 45 1.32 -6.72 -38.82
C GLY B 45 2.69 -6.58 -38.22
N PRO B 46 3.73 -6.78 -39.03
CA PRO B 46 5.10 -6.72 -38.49
C PRO B 46 5.53 -5.32 -38.07
N ARG B 47 4.88 -4.28 -38.57
CA ARG B 47 5.23 -2.89 -38.25
C ARG B 47 4.07 -2.17 -37.59
N GLY B 48 3.24 -2.89 -36.85
CA GLY B 48 2.05 -2.30 -36.26
C GLY B 48 2.15 -2.16 -34.77
N PRO B 49 1.19 -1.46 -34.18
CA PRO B 49 1.21 -1.20 -32.74
C PRO B 49 0.85 -2.45 -31.94
N LEU B 50 1.09 -2.35 -30.63
CA LEU B 50 0.89 -3.44 -29.67
C LEU B 50 -0.54 -3.46 -29.17
N LEU B 51 -1.06 -4.66 -28.94
CA LEU B 51 -2.46 -4.86 -28.62
C LEU B 51 -2.66 -5.25 -27.16
N VAL B 52 -3.81 -4.84 -26.61
CA VAL B 52 -4.14 -5.09 -25.22
C VAL B 52 -4.36 -6.58 -24.96
N GLN B 53 -4.84 -7.32 -25.96
CA GLN B 53 -5.13 -8.74 -25.76
C GLN B 53 -3.87 -9.57 -25.56
N ASP B 54 -2.68 -8.96 -25.64
CA ASP B 54 -1.44 -9.65 -25.31
C ASP B 54 -1.30 -9.68 -23.80
N VAL B 55 -2.07 -10.57 -23.18
CA VAL B 55 -2.09 -10.66 -21.72
C VAL B 55 -0.75 -11.19 -21.19
N VAL B 56 -0.09 -12.07 -21.95
CA VAL B 56 1.19 -12.62 -21.52
C VAL B 56 2.19 -11.51 -21.26
N PHE B 57 2.19 -10.49 -22.11
CA PHE B 57 3.06 -9.34 -21.87
C PHE B 57 2.67 -8.60 -20.61
N THR B 58 1.41 -8.16 -20.54
CA THR B 58 0.97 -7.34 -19.42
C THR B 58 1.11 -8.08 -18.09
N ASP B 59 0.82 -9.38 -18.09
CA ASP B 59 0.96 -10.18 -16.87
C ASP B 59 2.38 -10.14 -16.33
N GLU B 60 3.36 -10.35 -17.21
CA GLU B 60 4.75 -10.35 -16.77
C GLU B 60 5.27 -8.94 -16.54
N MET B 61 4.86 -7.99 -17.39
CA MET B 61 5.34 -6.62 -17.25
C MET B 61 4.83 -6.00 -15.95
N ALA B 62 3.59 -6.29 -15.57
CA ALA B 62 3.03 -5.66 -14.38
C ALA B 62 3.65 -6.23 -13.11
N HIS B 63 4.17 -7.46 -13.15
CA HIS B 63 4.82 -7.99 -11.97
C HIS B 63 6.25 -7.45 -11.85
N PHE B 64 6.95 -7.34 -12.98
CA PHE B 64 8.24 -6.66 -12.99
C PHE B 64 8.11 -5.25 -12.43
N ASP B 65 7.05 -4.53 -12.83
CA ASP B 65 6.83 -3.17 -12.37
C ASP B 65 6.62 -3.07 -10.87
N ARG B 66 6.38 -4.20 -10.19
CA ARG B 66 6.10 -4.18 -8.76
C ARG B 66 7.09 -5.04 -7.97
N GLU B 67 8.29 -5.27 -8.52
CA GLU B 67 9.27 -6.12 -7.85
C GLU B 67 9.80 -5.48 -6.57
N ARG B 68 9.91 -4.16 -6.54
CA ARG B 68 10.59 -3.47 -5.45
C ARG B 68 9.65 -3.19 -4.29
N ILE B 69 10.12 -3.51 -3.09
CA ILE B 69 9.46 -3.08 -1.86
C ILE B 69 10.36 -2.04 -1.21
N PRO B 70 9.88 -1.22 -0.27
CA PRO B 70 10.79 -0.29 0.40
C PRO B 70 11.89 -1.02 1.13
N GLU B 71 13.13 -0.55 0.94
CA GLU B 71 14.23 -1.09 1.73
C GLU B 71 14.05 -0.69 3.19
N ARG B 72 14.79 -1.37 4.07
CA ARG B 72 14.76 -1.02 5.47
C ARG B 72 15.24 0.41 5.66
N VAL B 73 14.56 1.15 6.53
CA VAL B 73 14.94 2.53 6.80
C VAL B 73 16.36 2.60 7.35
N VAL B 74 16.80 1.56 8.05
CA VAL B 74 18.19 1.41 8.45
C VAL B 74 18.57 -0.05 8.27
N HIS B 75 19.88 -0.30 8.13
CA HIS B 75 20.41 -1.65 7.90
C HIS B 75 19.92 -2.23 6.59
N ALA B 76 19.84 -1.39 5.55
CA ALA B 76 19.25 -1.82 4.29
C ALA B 76 20.11 -2.83 3.55
N LYS B 77 21.43 -2.71 3.65
CA LYS B 77 22.36 -3.58 2.93
C LYS B 77 22.83 -4.68 3.87
N GLY B 78 22.56 -5.94 3.47
CA GLY B 78 22.86 -7.04 4.36
C GLY B 78 22.94 -8.38 3.65
N ALA B 79 23.21 -9.41 4.46
CA ALA B 79 23.34 -10.78 4.00
C ALA B 79 22.75 -11.72 5.05
N GLY B 80 22.09 -12.79 4.57
CA GLY B 80 21.38 -13.70 5.45
C GLY B 80 21.92 -15.11 5.35
N ALA B 81 21.77 -15.85 6.45
CA ALA B 81 22.19 -17.25 6.51
C ALA B 81 21.36 -17.93 7.59
N PHE B 82 21.39 -19.26 7.57
CA PHE B 82 20.57 -20.06 8.47
C PHE B 82 21.44 -21.11 9.14
N GLY B 83 20.90 -21.71 10.20
CA GLY B 83 21.60 -22.71 10.98
C GLY B 83 20.87 -23.03 12.25
N TYR B 84 21.60 -23.15 13.37
CA TYR B 84 20.97 -23.57 14.62
C TYR B 84 21.76 -23.04 15.80
N PHE B 85 21.05 -22.83 16.91
CA PHE B 85 21.64 -22.55 18.20
C PHE B 85 21.57 -23.80 19.05
N GLU B 86 22.70 -24.20 19.64
CA GLU B 86 22.77 -25.38 20.50
C GLU B 86 23.17 -24.96 21.91
N VAL B 87 22.40 -25.44 22.90
CA VAL B 87 22.76 -25.21 24.29
C VAL B 87 23.97 -26.06 24.64
N THR B 88 24.95 -25.43 25.32
CA THR B 88 26.09 -26.15 25.86
C THR B 88 26.20 -26.08 27.37
N HIS B 89 25.59 -25.08 28.01
CA HIS B 89 25.66 -24.93 29.45
C HIS B 89 24.27 -24.67 30.00
N ASP B 90 24.09 -25.01 31.28
CA ASP B 90 22.81 -24.92 31.96
C ASP B 90 22.68 -23.53 32.59
N ILE B 91 21.77 -22.71 32.04
CA ILE B 91 21.43 -21.43 32.64
C ILE B 91 19.95 -21.43 33.02
N THR B 92 19.39 -22.61 33.27
CA THR B 92 17.99 -22.70 33.67
C THR B 92 17.74 -22.13 35.06
N LYS B 93 18.80 -21.77 35.81
CA LYS B 93 18.64 -21.07 37.07
C LYS B 93 18.26 -19.61 36.88
N TYR B 94 18.50 -19.06 35.69
CA TYR B 94 18.20 -17.66 35.38
C TYR B 94 16.97 -17.49 34.50
N SER B 95 16.80 -18.35 33.50
CA SER B 95 15.71 -18.20 32.53
C SER B 95 15.01 -19.54 32.33
N LYS B 96 13.69 -19.53 32.45
CA LYS B 96 12.88 -20.70 32.16
C LYS B 96 12.59 -20.87 30.68
N ALA B 97 13.16 -20.02 29.83
CA ALA B 97 12.89 -20.09 28.40
C ALA B 97 13.22 -21.48 27.85
N LYS B 98 12.26 -22.05 27.12
CA LYS B 98 12.42 -23.39 26.57
C LYS B 98 13.70 -23.53 25.74
N VAL B 99 14.15 -22.44 25.12
CA VAL B 99 15.36 -22.47 24.30
C VAL B 99 16.61 -22.78 25.12
N PHE B 100 16.53 -22.69 26.46
CA PHE B 100 17.65 -23.00 27.34
C PHE B 100 17.41 -24.27 28.18
N GLU B 101 16.42 -25.08 27.81
CA GLU B 101 15.84 -26.06 28.74
C GLU B 101 16.87 -27.08 29.22
N HIS B 102 17.73 -27.57 28.33
CA HIS B 102 18.67 -28.63 28.66
C HIS B 102 19.87 -28.54 27.74
N ILE B 103 20.98 -29.14 28.19
CA ILE B 103 22.21 -29.12 27.43
C ILE B 103 22.07 -30.03 26.21
N GLY B 104 22.48 -29.52 25.05
CA GLY B 104 22.38 -30.26 23.81
C GLY B 104 21.16 -29.96 22.97
N LYS B 105 20.25 -29.12 23.46
CA LYS B 105 19.07 -28.77 22.68
C LYS B 105 19.45 -27.84 21.53
N LYS B 106 18.94 -28.14 20.35
CA LYS B 106 19.20 -27.34 19.16
C LYS B 106 17.92 -26.60 18.76
N THR B 107 18.07 -25.31 18.45
CA THR B 107 16.98 -24.48 18.00
C THR B 107 17.33 -23.90 16.64
N PRO B 108 16.49 -24.06 15.64
CA PRO B 108 16.77 -23.45 14.33
C PRO B 108 16.80 -21.93 14.45
N ILE B 109 17.74 -21.32 13.73
CA ILE B 109 17.92 -19.87 13.79
C ILE B 109 18.00 -19.30 12.37
N ALA B 110 17.67 -18.02 12.28
CA ALA B 110 17.90 -17.21 11.09
C ALA B 110 18.77 -16.02 11.47
N VAL B 111 19.72 -15.69 10.61
CA VAL B 111 20.66 -14.59 10.87
C VAL B 111 20.66 -13.67 9.67
N ARG B 112 20.73 -12.36 9.94
CA ARG B 112 20.96 -11.36 8.90
C ARG B 112 21.95 -10.35 9.43
N PHE B 113 23.05 -10.17 8.71
CA PHE B 113 24.02 -9.13 9.00
C PHE B 113 23.69 -7.92 8.15
N SER B 114 24.31 -6.79 8.50
CA SER B 114 24.00 -5.55 7.80
C SER B 114 24.99 -4.46 8.18
N THR B 115 25.03 -3.42 7.36
CA THR B 115 25.57 -2.14 7.79
C THR B 115 24.40 -1.32 8.36
N VAL B 116 24.51 0.00 8.38
CA VAL B 116 23.44 0.81 8.95
C VAL B 116 23.00 1.90 7.99
N ALA B 117 23.91 2.81 7.65
CA ALA B 117 23.51 4.02 6.92
C ALA B 117 23.34 3.76 5.42
N GLY B 118 24.21 2.96 4.84
CA GLY B 118 24.14 2.71 3.41
C GLY B 118 22.85 2.00 3.02
N GLU B 119 22.36 2.31 1.84
CA GLU B 119 21.15 1.67 1.33
C GLU B 119 21.54 0.47 0.46
N SER B 120 20.56 -0.09 -0.25
CA SER B 120 20.69 -1.44 -0.80
C SER B 120 21.78 -1.60 -1.84
N GLY B 121 22.37 -0.51 -2.33
CA GLY B 121 23.44 -0.61 -3.30
C GLY B 121 24.81 -0.22 -2.80
N SER B 122 24.95 0.12 -1.54
CA SER B 122 26.21 0.61 -0.98
C SER B 122 27.23 -0.53 -0.88
N ALA B 123 28.42 -0.18 -0.40
CA ALA B 123 29.50 -1.13 -0.20
C ALA B 123 29.42 -1.77 1.17
N ASP B 124 29.81 -3.05 1.24
CA ASP B 124 29.85 -3.74 2.52
C ASP B 124 30.97 -3.19 3.40
N THR B 125 32.17 -3.02 2.83
CA THR B 125 33.36 -2.70 3.62
C THR B 125 33.51 -1.18 3.74
N VAL B 126 32.64 -0.60 4.56
CA VAL B 126 32.73 0.81 4.94
C VAL B 126 32.58 0.89 6.44
N ARG B 127 33.15 1.94 7.03
CA ARG B 127 33.04 2.13 8.47
C ARG B 127 31.59 2.35 8.86
N ASP B 128 31.08 1.45 9.69
CA ASP B 128 29.68 1.48 10.11
C ASP B 128 29.48 0.40 11.17
N PRO B 129 28.51 0.56 12.06
CA PRO B 129 28.13 -0.56 12.92
C PRO B 129 27.57 -1.69 12.07
N ARG B 130 27.78 -2.92 12.52
CA ARG B 130 27.36 -4.11 11.79
C ARG B 130 26.19 -4.75 12.53
N GLY B 131 25.01 -4.73 11.90
CA GLY B 131 23.87 -5.43 12.46
C GLY B 131 24.11 -6.93 12.51
N PHE B 132 23.64 -7.56 13.60
CA PHE B 132 23.79 -9.00 13.81
C PHE B 132 22.48 -9.49 14.43
N ALA B 133 21.48 -9.71 13.57
CA ALA B 133 20.13 -10.08 14.01
C ALA B 133 19.97 -11.59 13.95
N VAL B 134 19.50 -12.18 15.05
CA VAL B 134 19.29 -13.61 15.18
C VAL B 134 17.83 -13.86 15.52
N LYS B 135 17.20 -14.79 14.79
CA LYS B 135 15.81 -15.17 15.00
C LYS B 135 15.76 -16.64 15.43
N PHE B 136 15.39 -16.88 16.68
CA PHE B 136 15.27 -18.23 17.21
C PHE B 136 13.84 -18.72 17.02
N TYR B 137 13.68 -19.87 16.36
CA TYR B 137 12.36 -20.47 16.19
C TYR B 137 12.15 -21.48 17.31
N THR B 138 11.49 -21.05 18.39
CA THR B 138 11.29 -21.90 19.56
C THR B 138 9.86 -22.42 19.60
N GLU B 139 9.59 -23.30 20.56
CA GLU B 139 8.25 -23.83 20.76
C GLU B 139 7.34 -22.83 21.45
N ASP B 140 7.90 -21.94 22.27
CA ASP B 140 7.14 -20.83 22.82
C ASP B 140 7.10 -19.62 21.89
N GLY B 141 7.31 -19.85 20.58
CA GLY B 141 7.28 -18.79 19.59
C GLY B 141 8.69 -18.39 19.16
N ASN B 142 8.74 -17.37 18.30
CA ASN B 142 10.00 -16.86 17.82
C ASN B 142 10.61 -15.89 18.83
N TRP B 143 11.92 -16.00 19.00
CA TRP B 143 12.71 -15.10 19.86
C TRP B 143 13.66 -14.34 18.96
N ASP B 144 13.38 -13.07 18.72
CA ASP B 144 14.24 -12.23 17.90
C ASP B 144 15.23 -11.50 18.80
N LEU B 145 16.52 -11.78 18.61
CA LEU B 145 17.57 -11.07 19.31
C LEU B 145 18.23 -10.17 18.27
N VAL B 146 17.72 -8.95 18.15
CA VAL B 146 18.16 -8.02 17.12
C VAL B 146 19.38 -7.26 17.61
N GLY B 147 20.52 -7.93 17.67
CA GLY B 147 21.75 -7.30 18.10
C GLY B 147 22.56 -6.76 16.95
N ASN B 148 23.73 -6.22 17.30
CA ASN B 148 24.71 -5.80 16.32
C ASN B 148 26.10 -5.94 16.95
N ASN B 149 27.13 -5.62 16.16
CA ASN B 149 28.50 -5.96 16.52
C ASN B 149 29.11 -5.06 17.59
N THR B 150 28.31 -4.32 18.33
CA THR B 150 28.80 -3.49 19.43
C THR B 150 27.90 -3.66 20.64
N PRO B 151 28.49 -3.68 21.84
CA PRO B 151 27.67 -3.79 23.06
C PRO B 151 26.93 -2.51 23.42
N ILE B 152 27.23 -1.40 22.75
CA ILE B 152 26.70 -0.10 23.12
C ILE B 152 26.16 0.58 21.87
N PHE B 153 25.53 1.74 22.07
CA PHE B 153 25.02 2.55 20.98
C PHE B 153 25.30 4.02 21.26
N PHE B 154 25.01 4.86 20.26
CA PHE B 154 25.41 6.26 20.33
C PHE B 154 24.53 7.07 21.28
N ILE B 155 23.27 6.66 21.47
CA ILE B 155 22.35 7.42 22.30
C ILE B 155 21.72 6.50 23.33
N ARG B 156 21.09 7.11 24.34
CA ARG B 156 20.40 6.37 25.38
C ARG B 156 18.92 6.72 25.51
N ASP B 157 18.39 7.53 24.60
CA ASP B 157 16.97 7.85 24.59
C ASP B 157 16.43 7.61 23.18
N PRO B 158 15.34 6.85 23.04
CA PRO B 158 14.89 6.46 21.69
C PRO B 158 14.28 7.59 20.88
N ILE B 159 13.90 8.70 21.50
CA ILE B 159 13.32 9.80 20.74
C ILE B 159 14.38 10.53 19.92
N LEU B 160 15.66 10.30 20.21
CA LEU B 160 16.75 10.87 19.45
C LEU B 160 17.19 9.97 18.29
N PHE B 161 16.57 8.81 18.12
CA PHE B 161 17.06 7.88 17.09
C PHE B 161 16.76 8.37 15.68
N PRO B 162 15.56 8.85 15.34
CA PRO B 162 15.36 9.36 13.98
C PRO B 162 16.29 10.51 13.62
N SER B 163 16.55 11.42 14.56
CA SER B 163 17.48 12.52 14.29
C SER B 163 18.88 11.98 14.02
N PHE B 164 19.38 11.08 14.86
CA PHE B 164 20.72 10.53 14.66
C PHE B 164 20.82 9.82 13.32
N ILE B 165 19.79 9.06 12.96
CA ILE B 165 19.79 8.36 11.68
C ILE B 165 19.81 9.36 10.53
N HIS B 166 18.99 10.42 10.63
CA HIS B 166 19.01 11.48 9.62
C HIS B 166 20.39 12.10 9.49
N SER B 167 21.05 12.38 10.62
CA SER B 167 22.38 12.98 10.59
C SER B 167 23.41 12.05 9.96
N GLN B 168 23.21 10.74 10.03
CA GLN B 168 24.15 9.82 9.42
C GLN B 168 23.90 9.60 7.94
N LYS B 169 22.74 10.03 7.43
CA LYS B 169 22.40 9.75 6.04
C LYS B 169 22.58 10.99 5.16
N ARG B 170 21.71 11.16 4.18
CA ARG B 170 21.95 12.14 3.13
C ARG B 170 21.30 13.48 3.48
N ASN B 171 21.99 14.55 3.10
CA ASN B 171 21.43 15.89 3.21
C ASN B 171 20.10 15.95 2.47
N PRO B 172 19.06 16.57 3.04
CA PRO B 172 17.74 16.52 2.40
C PRO B 172 17.64 17.33 1.12
N GLN B 173 18.56 18.25 0.85
CA GLN B 173 18.54 18.99 -0.40
C GLN B 173 19.56 18.45 -1.40
N THR B 174 20.81 18.25 -0.96
CA THR B 174 21.87 17.84 -1.88
C THR B 174 21.92 16.34 -2.09
N HIS B 175 21.25 15.56 -1.26
CA HIS B 175 21.28 14.09 -1.31
C HIS B 175 22.68 13.53 -1.12
N LEU B 176 23.56 14.29 -0.49
CA LEU B 176 24.94 13.89 -0.24
C LEU B 176 25.13 13.60 1.24
N LYS B 177 26.10 12.73 1.54
CA LYS B 177 26.50 12.51 2.92
C LYS B 177 27.17 13.78 3.45
N ASP B 178 26.67 14.30 4.56
CA ASP B 178 27.08 15.62 5.03
C ASP B 178 27.88 15.50 6.33
N PRO B 179 29.18 15.79 6.32
CA PRO B 179 29.94 15.76 7.58
C PRO B 179 29.47 16.79 8.59
N ASP B 180 29.00 17.96 8.12
CA ASP B 180 28.44 18.95 9.02
C ASP B 180 27.31 18.36 9.84
N MET B 181 26.41 17.61 9.20
CA MET B 181 25.33 16.94 9.91
C MET B 181 25.88 15.89 10.87
N VAL B 182 26.84 15.08 10.41
CA VAL B 182 27.34 13.96 11.19
C VAL B 182 27.91 14.45 12.52
N TRP B 183 28.77 15.47 12.48
CA TRP B 183 29.49 15.86 13.67
C TRP B 183 28.82 16.98 14.45
N ASP B 184 27.91 17.73 13.83
CA ASP B 184 27.07 18.65 14.60
C ASP B 184 26.21 17.89 15.60
N PHE B 185 25.70 16.73 15.18
CA PHE B 185 24.88 15.92 16.08
C PHE B 185 25.74 15.28 17.16
N TRP B 186 26.86 14.68 16.77
CA TRP B 186 27.73 14.01 17.73
C TRP B 186 28.35 15.00 18.72
N SER B 187 28.71 16.19 18.25
CA SER B 187 29.28 17.20 19.16
C SER B 187 28.21 17.72 20.11
N LEU B 188 27.00 17.98 19.61
CA LEU B 188 25.93 18.46 20.46
C LEU B 188 25.39 17.38 21.41
N ARG B 189 25.71 16.12 21.16
CA ARG B 189 25.26 15.00 21.99
C ARG B 189 26.47 14.17 22.42
N PRO B 190 27.13 14.56 23.52
CA PRO B 190 28.37 13.88 23.90
C PRO B 190 28.19 12.48 24.48
N GLU B 191 26.96 11.97 24.59
CA GLU B 191 26.81 10.60 25.06
C GLU B 191 27.28 9.60 24.01
N SER B 192 27.43 10.03 22.76
CA SER B 192 27.91 9.16 21.69
C SER B 192 29.42 8.93 21.75
N LEU B 193 30.14 9.63 22.62
CA LEU B 193 31.59 9.46 22.74
C LEU B 193 31.97 7.99 22.82
N HIS B 194 31.21 7.20 23.57
CA HIS B 194 31.59 5.82 23.84
C HIS B 194 31.55 4.97 22.58
N GLN B 195 30.41 4.96 21.89
CA GLN B 195 30.27 4.17 20.67
C GLN B 195 30.96 4.84 19.48
N VAL B 196 31.12 6.16 19.49
CA VAL B 196 31.94 6.80 18.47
C VAL B 196 33.39 6.35 18.60
N SER B 197 33.89 6.24 19.83
CA SER B 197 35.25 5.77 20.04
C SER B 197 35.43 4.34 19.54
N PHE B 198 34.41 3.50 19.76
CA PHE B 198 34.45 2.14 19.23
C PHE B 198 34.29 2.15 17.71
N LEU B 199 33.50 3.10 17.19
CA LEU B 199 33.21 3.11 15.76
C LEU B 199 34.47 3.35 14.93
N PHE B 200 35.29 4.31 15.34
CA PHE B 200 36.51 4.64 14.62
C PHE B 200 37.71 3.81 15.08
N SER B 201 37.50 2.85 15.98
CA SER B 201 38.56 1.90 16.28
C SER B 201 38.70 0.92 15.11
N ASP B 202 39.57 -0.08 15.29
CA ASP B 202 39.77 -1.06 14.23
C ASP B 202 38.50 -1.84 13.94
N ARG B 203 37.66 -2.06 14.96
CA ARG B 203 36.48 -2.90 14.84
C ARG B 203 35.41 -2.24 13.97
N GLY B 204 35.67 -1.02 13.50
CA GLY B 204 34.72 -0.31 12.67
C GLY B 204 34.56 -0.88 11.28
N ILE B 205 35.57 -1.59 10.78
CA ILE B 205 35.46 -2.25 9.48
C ILE B 205 35.88 -3.71 9.64
N PRO B 206 34.99 -4.60 10.03
CA PRO B 206 35.35 -6.01 10.15
C PRO B 206 35.58 -6.64 8.77
N ASP B 207 36.41 -7.69 8.76
CA ASP B 207 36.75 -8.40 7.54
C ASP B 207 35.67 -9.44 7.25
N GLY B 208 34.53 -8.94 6.78
CA GLY B 208 33.37 -9.78 6.56
C GLY B 208 32.58 -9.98 7.84
N HIS B 209 31.48 -10.72 7.71
CA HIS B 209 30.58 -10.90 8.83
C HIS B 209 31.03 -12.00 9.80
N ARG B 210 31.89 -12.92 9.34
CA ARG B 210 32.29 -14.05 10.17
C ARG B 210 33.37 -13.69 11.19
N HIS B 211 34.04 -12.54 11.05
CA HIS B 211 35.13 -12.19 11.94
C HIS B 211 34.77 -11.02 12.83
N MET B 212 33.62 -11.09 13.49
CA MET B 212 33.17 -10.04 14.38
C MET B 212 32.28 -10.65 15.45
N ASN B 213 32.09 -9.91 16.54
CA ASN B 213 31.27 -10.36 17.64
C ASN B 213 29.85 -9.81 17.52
N GLY B 214 28.97 -10.29 18.38
CA GLY B 214 27.60 -9.84 18.39
C GLY B 214 27.12 -9.63 19.81
N TYR B 215 26.21 -8.68 19.97
CA TYR B 215 25.76 -8.26 21.29
C TYR B 215 24.29 -7.87 21.23
N GLY B 216 23.52 -8.38 22.20
CA GLY B 216 22.19 -7.83 22.42
C GLY B 216 22.19 -6.39 22.85
N SER B 217 23.35 -5.89 23.30
CA SER B 217 23.57 -4.49 23.66
C SER B 217 22.75 -4.08 24.86
N HIS B 218 21.43 -4.10 24.74
CA HIS B 218 20.56 -3.73 25.85
C HIS B 218 20.74 -4.69 27.02
N THR B 219 20.47 -4.18 28.22
CA THR B 219 20.18 -5.04 29.35
C THR B 219 18.79 -5.63 29.15
N PHE B 220 18.66 -6.92 29.39
CA PHE B 220 17.39 -7.62 29.29
C PHE B 220 17.02 -8.19 30.67
N LYS B 221 15.94 -8.96 30.72
CA LYS B 221 15.51 -9.61 31.95
C LYS B 221 15.28 -11.09 31.70
N LEU B 222 15.71 -11.92 32.64
CA LEU B 222 15.50 -13.36 32.60
C LEU B 222 14.64 -13.77 33.77
N VAL B 223 13.78 -14.77 33.57
CA VAL B 223 12.86 -15.24 34.60
C VAL B 223 12.95 -16.76 34.64
N ASN B 224 13.18 -17.30 35.84
CA ASN B 224 13.28 -18.75 36.00
C ASN B 224 11.88 -19.32 36.26
N ALA B 225 11.82 -20.61 36.60
CA ALA B 225 10.54 -21.27 36.82
C ALA B 225 9.89 -20.86 38.13
N ASN B 226 10.65 -20.35 39.09
CA ASN B 226 10.12 -19.92 40.38
C ASN B 226 9.57 -18.50 40.36
N GLY B 227 9.53 -17.86 39.19
CA GLY B 227 9.13 -16.47 39.10
C GLY B 227 10.20 -15.47 39.46
N GLU B 228 11.37 -15.93 39.88
CA GLU B 228 12.46 -15.03 40.22
C GLU B 228 13.16 -14.55 38.96
N ALA B 229 13.76 -13.36 39.03
CA ALA B 229 14.28 -12.70 37.85
C ALA B 229 15.63 -12.07 38.13
N VAL B 230 16.45 -12.01 37.08
CA VAL B 230 17.69 -11.24 37.07
C VAL B 230 17.71 -10.39 35.81
N TYR B 231 18.70 -9.51 35.71
CA TYR B 231 19.03 -8.80 34.48
C TYR B 231 20.22 -9.47 33.82
N CYS B 232 20.35 -9.25 32.51
CA CYS B 232 21.38 -9.98 31.77
C CYS B 232 21.82 -9.20 30.53
N LYS B 233 22.94 -9.66 29.96
CA LYS B 233 23.47 -9.18 28.70
C LYS B 233 23.77 -10.39 27.82
N PHE B 234 23.42 -10.30 26.54
CA PHE B 234 23.68 -11.37 25.59
C PHE B 234 24.92 -11.05 24.77
N HIS B 235 25.91 -11.94 24.80
CA HIS B 235 27.09 -11.83 23.98
C HIS B 235 27.22 -13.08 23.12
N TYR B 236 27.66 -12.91 21.88
CA TYR B 236 28.08 -14.06 21.06
C TYR B 236 29.33 -13.65 20.29
N LYS B 237 30.46 -14.25 20.67
CA LYS B 237 31.75 -13.91 20.13
C LYS B 237 32.13 -14.92 19.05
N THR B 238 32.78 -14.44 18.00
CA THR B 238 33.13 -15.29 16.87
C THR B 238 34.15 -16.35 17.29
N ASP B 239 33.93 -17.57 16.81
CA ASP B 239 34.93 -18.64 16.90
C ASP B 239 35.96 -18.55 15.79
N GLN B 240 35.71 -17.75 14.76
CA GLN B 240 36.63 -17.58 13.65
C GLN B 240 37.69 -16.51 13.92
N GLY B 241 37.60 -15.81 15.05
CA GLY B 241 38.59 -14.82 15.41
C GLY B 241 38.23 -13.41 14.98
N ILE B 242 38.53 -12.43 15.84
CA ILE B 242 38.34 -11.03 15.49
C ILE B 242 39.32 -10.65 14.38
N LYS B 243 38.80 -10.26 13.23
CA LYS B 243 39.64 -9.82 12.12
C LYS B 243 39.00 -8.61 11.47
N ASN B 244 39.82 -7.60 11.20
CA ASN B 244 39.35 -6.33 10.64
C ASN B 244 40.09 -6.04 9.34
N LEU B 245 39.59 -5.04 8.63
CA LEU B 245 40.23 -4.52 7.44
C LEU B 245 40.81 -3.14 7.74
N SER B 246 42.05 -2.91 7.32
CA SER B 246 42.57 -1.56 7.33
C SER B 246 41.78 -0.69 6.37
N VAL B 247 41.74 0.62 6.65
CA VAL B 247 40.94 1.51 5.82
C VAL B 247 41.43 1.50 4.38
N GLU B 248 42.71 1.17 4.16
CA GLU B 248 43.22 1.04 2.80
C GLU B 248 42.60 -0.17 2.10
N ASP B 249 42.39 -1.26 2.84
CA ASP B 249 41.87 -2.48 2.23
C ASP B 249 40.39 -2.35 1.89
N ALA B 250 39.61 -1.76 2.78
CA ALA B 250 38.18 -1.66 2.53
C ALA B 250 37.86 -0.68 1.40
N ALA B 251 38.64 0.39 1.28
CA ALA B 251 38.43 1.34 0.19
C ALA B 251 38.59 0.65 -1.16
N ARG B 252 39.68 -0.09 -1.34
CA ARG B 252 39.86 -0.87 -2.56
C ARG B 252 38.71 -1.85 -2.74
N LEU B 253 38.36 -2.59 -1.68
CA LEU B 253 37.30 -3.58 -1.79
C LEU B 253 35.93 -2.95 -1.99
N SER B 254 35.72 -1.73 -1.49
CA SER B 254 34.42 -1.08 -1.65
C SER B 254 34.11 -0.83 -3.12
N GLN B 255 35.14 -0.62 -3.93
CA GLN B 255 34.98 -0.53 -5.37
C GLN B 255 35.14 -1.87 -6.04
N GLU B 256 36.12 -2.67 -5.61
CA GLU B 256 36.40 -3.93 -6.28
C GLU B 256 35.22 -4.89 -6.18
N ASP B 257 34.63 -4.99 -4.98
CA ASP B 257 33.50 -5.89 -4.77
C ASP B 257 32.64 -5.31 -3.66
N PRO B 258 31.69 -4.45 -4.00
CA PRO B 258 30.82 -3.87 -2.96
C PRO B 258 30.02 -4.91 -2.18
N ASP B 259 29.90 -6.13 -2.70
CA ASP B 259 29.25 -7.23 -2.00
C ASP B 259 30.28 -8.20 -1.42
N TYR B 260 31.26 -7.65 -0.71
CA TYR B 260 32.32 -8.46 -0.12
C TYR B 260 31.76 -9.37 0.97
N GLY B 261 30.95 -8.82 1.87
CA GLY B 261 30.43 -9.61 2.98
C GLY B 261 29.46 -10.69 2.54
N ILE B 262 28.60 -10.37 1.57
CA ILE B 262 27.66 -11.37 1.06
C ILE B 262 28.42 -12.53 0.42
N ARG B 263 29.31 -12.22 -0.52
CA ARG B 263 30.11 -13.24 -1.20
C ARG B 263 30.89 -14.07 -0.19
N ASP B 264 31.54 -13.40 0.77
CA ASP B 264 32.32 -14.10 1.78
C ASP B 264 31.45 -15.09 2.55
N LEU B 265 30.28 -14.66 3.01
CA LEU B 265 29.42 -15.52 3.81
C LEU B 265 28.85 -16.66 2.97
N PHE B 266 28.42 -16.38 1.73
CA PHE B 266 27.87 -17.43 0.88
C PHE B 266 28.94 -18.45 0.52
N ASN B 267 30.09 -17.96 0.04
CA ASN B 267 31.17 -18.87 -0.33
C ASN B 267 31.62 -19.72 0.85
N ALA B 268 31.71 -19.10 2.04
CA ALA B 268 32.18 -19.83 3.21
C ALA B 268 31.26 -21.00 3.53
N ILE B 269 29.95 -20.75 3.60
CA ILE B 269 29.02 -21.83 3.88
C ILE B 269 28.99 -22.84 2.74
N ALA B 270 29.09 -22.36 1.50
CA ALA B 270 28.98 -23.26 0.35
C ALA B 270 30.12 -24.27 0.29
N THR B 271 31.22 -24.05 1.01
CA THR B 271 32.35 -24.97 1.06
C THR B 271 32.51 -25.59 2.44
N GLY B 272 31.46 -25.60 3.26
CA GLY B 272 31.49 -26.27 4.53
C GLY B 272 32.19 -25.54 5.66
N LYS B 273 32.82 -24.39 5.39
CA LYS B 273 33.45 -23.61 6.44
C LYS B 273 32.36 -22.90 7.26
N TYR B 274 31.51 -23.68 7.90
CA TYR B 274 30.35 -23.16 8.60
C TYR B 274 30.79 -22.27 9.76
N PRO B 275 30.48 -20.97 9.74
CA PRO B 275 30.89 -20.09 10.84
C PRO B 275 30.11 -20.38 12.11
N SER B 276 30.70 -20.00 13.23
CA SER B 276 30.08 -20.22 14.53
C SER B 276 30.46 -19.12 15.50
N TRP B 277 29.60 -18.93 16.50
CA TRP B 277 29.80 -17.99 17.59
C TRP B 277 29.51 -18.67 18.91
N THR B 278 30.30 -18.35 19.93
CA THR B 278 30.08 -18.86 21.27
C THR B 278 29.16 -17.89 22.01
N PHE B 279 28.06 -18.42 22.55
CA PHE B 279 27.00 -17.61 23.15
C PHE B 279 27.19 -17.54 24.66
N TYR B 280 27.24 -16.33 25.20
CA TYR B 280 27.44 -16.10 26.63
C TYR B 280 26.29 -15.25 27.18
N ILE B 281 26.27 -15.13 28.51
CA ILE B 281 25.45 -14.14 29.20
C ILE B 281 26.23 -13.58 30.38
N GLN B 282 26.06 -12.29 30.63
CA GLN B 282 26.42 -11.69 31.90
C GLN B 282 25.15 -11.61 32.74
N VAL B 283 25.29 -11.79 34.05
CA VAL B 283 24.16 -11.77 34.97
C VAL B 283 24.43 -10.75 36.07
N MET B 284 23.43 -9.90 36.33
CA MET B 284 23.47 -8.90 37.37
C MET B 284 22.16 -8.93 38.14
N THR B 285 22.23 -9.15 39.44
CA THR B 285 21.03 -9.24 40.26
C THR B 285 20.41 -7.87 40.47
N PHE B 286 19.15 -7.87 40.93
CA PHE B 286 18.46 -6.61 41.21
C PHE B 286 19.21 -5.80 42.25
N ASN B 287 19.77 -6.46 43.27
CA ASN B 287 20.56 -5.74 44.27
C ASN B 287 21.80 -5.14 43.65
N GLN B 288 22.48 -5.89 42.78
CA GLN B 288 23.66 -5.37 42.10
C GLN B 288 23.31 -4.20 41.20
N ALA B 289 22.10 -4.19 40.64
CA ALA B 289 21.66 -3.06 39.83
C ALA B 289 21.39 -1.82 40.66
N GLU B 290 21.07 -2.00 41.95
CA GLU B 290 20.90 -0.86 42.85
C GLU B 290 22.23 -0.26 43.27
N THR B 291 23.32 -1.02 43.16
CA THR B 291 24.64 -0.54 43.56
C THR B 291 25.59 -0.34 42.38
N PHE B 292 25.12 -0.56 41.15
CA PHE B 292 25.94 -0.29 39.99
C PHE B 292 26.23 1.21 39.92
N PRO B 293 27.47 1.62 39.66
CA PRO B 293 27.82 3.05 39.67
C PRO B 293 27.31 3.83 38.47
N PHE B 294 26.54 3.20 37.58
CA PHE B 294 25.88 3.87 36.47
C PHE B 294 24.45 3.37 36.38
N ASN B 295 23.71 3.89 35.42
CA ASN B 295 22.39 3.33 35.11
C ASN B 295 22.60 1.98 34.43
N PRO B 296 22.17 0.87 35.03
CA PRO B 296 22.38 -0.43 34.37
C PRO B 296 21.66 -0.56 33.05
N PHE B 297 20.62 0.25 32.82
CA PHE B 297 19.85 0.24 31.58
C PHE B 297 20.26 1.37 30.64
N ASP B 298 21.52 1.81 30.73
CA ASP B 298 22.03 2.89 29.90
C ASP B 298 22.85 2.26 28.77
N LEU B 299 22.33 2.35 27.54
CA LEU B 299 22.92 1.69 26.40
C LEU B 299 24.30 2.24 26.04
N THR B 300 24.72 3.34 26.65
CA THR B 300 26.06 3.87 26.41
C THR B 300 27.12 3.22 27.28
N LYS B 301 26.77 2.23 28.09
CA LYS B 301 27.69 1.66 29.06
C LYS B 301 27.67 0.14 29.01
N VAL B 302 28.83 -0.44 29.32
CA VAL B 302 28.99 -1.89 29.37
C VAL B 302 29.05 -2.32 30.83
N TRP B 303 28.77 -3.61 31.06
CA TRP B 303 29.03 -4.23 32.35
C TRP B 303 30.47 -4.70 32.34
N PRO B 304 31.35 -4.14 33.17
CA PRO B 304 32.77 -4.54 33.14
C PRO B 304 32.94 -6.04 33.40
N HIS B 305 33.86 -6.64 32.63
CA HIS B 305 34.05 -8.09 32.67
C HIS B 305 34.52 -8.57 34.03
N LYS B 306 35.22 -7.72 34.79
CA LYS B 306 35.76 -8.14 36.08
C LYS B 306 34.65 -8.40 37.10
N ASP B 307 33.66 -7.51 37.16
CA ASP B 307 32.57 -7.65 38.12
C ASP B 307 31.42 -8.48 37.59
N TYR B 308 31.33 -8.67 36.27
CA TYR B 308 30.22 -9.40 35.65
C TYR B 308 30.80 -10.28 34.56
N PRO B 309 31.41 -11.40 34.93
CA PRO B 309 32.10 -12.23 33.94
C PRO B 309 31.13 -12.91 32.98
N LEU B 310 31.70 -13.47 31.93
CA LEU B 310 30.92 -14.16 30.91
C LEU B 310 30.58 -15.57 31.39
N ILE B 311 29.30 -15.89 31.40
CA ILE B 311 28.82 -17.25 31.66
C ILE B 311 28.49 -17.88 30.31
N PRO B 312 29.17 -18.95 29.90
CA PRO B 312 28.86 -19.57 28.62
C PRO B 312 27.49 -20.22 28.64
N VAL B 313 26.84 -20.23 27.48
CA VAL B 313 25.49 -20.75 27.38
C VAL B 313 25.39 -21.73 26.22
N GLY B 314 25.86 -21.33 25.05
CA GLY B 314 25.69 -22.18 23.89
C GLY B 314 26.48 -21.77 22.67
N LYS B 315 25.93 -22.04 21.49
CA LYS B 315 26.66 -21.93 20.25
C LYS B 315 25.71 -21.58 19.12
N LEU B 316 26.13 -20.63 18.27
CA LEU B 316 25.40 -20.28 17.06
C LEU B 316 26.16 -20.82 15.87
N VAL B 317 25.48 -21.56 15.00
CA VAL B 317 26.11 -22.21 13.86
C VAL B 317 25.33 -21.85 12.60
N LEU B 318 26.04 -21.38 11.58
CA LEU B 318 25.44 -21.05 10.28
C LEU B 318 25.90 -22.10 9.28
N ASN B 319 24.97 -22.91 8.78
CA ASN B 319 25.30 -24.03 7.91
C ASN B 319 24.41 -24.12 6.68
N ARG B 320 23.58 -23.12 6.41
CA ARG B 320 22.69 -23.15 5.26
C ARG B 320 22.63 -21.78 4.61
N ASN B 321 22.89 -21.74 3.30
CA ASN B 321 22.75 -20.51 2.53
C ASN B 321 21.30 -20.33 2.10
N PRO B 322 20.87 -19.09 1.89
CA PRO B 322 19.52 -18.88 1.34
C PRO B 322 19.41 -19.39 -0.09
N VAL B 323 18.22 -19.85 -0.43
CA VAL B 323 17.93 -20.30 -1.79
C VAL B 323 17.46 -19.16 -2.66
N ASN B 324 16.44 -18.43 -2.19
CA ASN B 324 16.02 -17.18 -2.81
C ASN B 324 16.29 -16.06 -1.81
N TYR B 325 17.12 -15.09 -2.22
CA TYR B 325 17.51 -14.02 -1.31
C TYR B 325 16.32 -13.15 -0.93
N PHE B 326 15.54 -12.72 -1.91
CA PHE B 326 14.44 -11.81 -1.62
C PHE B 326 13.44 -12.44 -0.66
N ALA B 327 13.10 -13.72 -0.88
CA ALA B 327 12.15 -14.39 -0.01
C ALA B 327 12.69 -14.55 1.40
N GLU B 328 13.97 -14.91 1.52
CA GLU B 328 14.50 -15.36 2.79
C GLU B 328 15.33 -14.32 3.54
N VAL B 329 15.77 -13.25 2.90
CA VAL B 329 16.61 -12.25 3.51
C VAL B 329 15.96 -10.87 3.49
N GLU B 330 15.55 -10.41 2.30
CA GLU B 330 14.98 -9.08 2.17
C GLU B 330 13.69 -8.96 2.98
N GLN B 331 12.89 -10.02 3.00
CA GLN B 331 11.59 -10.00 3.66
C GLN B 331 11.63 -10.49 5.11
N ILE B 332 12.80 -10.89 5.61
CA ILE B 332 12.86 -11.35 6.99
C ILE B 332 12.65 -10.17 7.94
N ALA B 333 11.98 -10.42 9.06
CA ALA B 333 11.61 -9.38 10.00
C ALA B 333 12.04 -9.81 11.40
N PHE B 334 12.85 -8.98 12.05
CA PHE B 334 13.28 -9.19 13.42
C PHE B 334 12.57 -8.19 14.31
N ASP B 335 11.88 -8.67 15.33
CA ASP B 335 11.17 -7.80 16.28
C ASP B 335 11.74 -8.01 17.67
N PRO B 336 12.45 -7.01 18.23
CA PRO B 336 13.00 -7.16 19.59
C PRO B 336 11.93 -7.49 20.63
N SER B 337 10.68 -7.15 20.31
CA SER B 337 9.56 -7.48 21.18
C SER B 337 9.10 -8.93 21.02
N ASN B 338 9.76 -9.73 20.19
CA ASN B 338 9.49 -11.16 20.10
C ASN B 338 10.33 -11.84 21.18
N MET B 339 9.76 -11.98 22.36
CA MET B 339 10.46 -12.54 23.51
C MET B 339 9.61 -13.62 24.15
N PRO B 340 10.08 -14.87 24.21
CA PRO B 340 9.30 -15.94 24.81
C PRO B 340 9.37 -15.88 26.32
N PRO B 341 8.49 -16.62 27.03
CA PRO B 341 8.55 -16.61 28.49
C PRO B 341 9.92 -16.99 29.02
N GLY B 342 10.29 -16.37 30.14
CA GLY B 342 11.64 -16.49 30.65
C GLY B 342 12.61 -15.46 30.14
N ILE B 343 12.19 -14.64 29.17
CA ILE B 343 13.00 -13.54 28.65
C ILE B 343 12.08 -12.34 28.47
N GLU B 344 12.43 -11.21 29.08
CA GLU B 344 11.60 -10.02 29.06
C GLU B 344 12.48 -8.79 28.85
N ALA B 345 11.83 -7.66 28.60
CA ALA B 345 12.53 -6.41 28.41
C ALA B 345 12.91 -5.78 29.74
N SER B 346 14.02 -5.05 29.73
CA SER B 346 14.37 -4.17 30.83
C SER B 346 13.77 -2.79 30.60
N PRO B 347 13.79 -1.91 31.60
CA PRO B 347 13.31 -0.54 31.39
C PRO B 347 14.29 0.35 30.64
N ASP B 348 15.22 -0.26 29.90
CA ASP B 348 16.08 0.50 29.00
C ASP B 348 15.24 1.30 28.02
N LYS B 349 15.34 2.63 28.09
CA LYS B 349 14.54 3.50 27.23
C LYS B 349 14.67 3.13 25.77
N MET B 350 15.90 2.87 25.31
CA MET B 350 16.13 2.51 23.91
C MET B 350 15.36 1.24 23.55
N LEU B 351 15.51 0.19 24.35
CA LEU B 351 14.80 -1.05 24.08
C LEU B 351 13.29 -0.82 24.10
N GLN B 352 12.80 -0.04 25.06
CA GLN B 352 11.38 0.27 25.14
C GLN B 352 10.87 0.85 23.82
N GLY B 353 11.58 1.83 23.27
CA GLY B 353 11.18 2.39 21.99
C GLY B 353 11.27 1.39 20.85
N ARG B 354 12.29 0.52 20.88
CA ARG B 354 12.40 -0.52 19.87
C ARG B 354 11.22 -1.47 19.92
N LEU B 355 10.60 -1.64 21.10
CA LEU B 355 9.46 -2.55 21.21
C LEU B 355 8.31 -2.11 20.33
N PHE B 356 8.19 -0.80 20.07
CA PHE B 356 7.16 -0.31 19.16
C PHE B 356 7.62 -0.27 17.72
N ALA B 357 8.83 0.23 17.47
CA ALA B 357 9.21 0.66 16.13
C ALA B 357 9.25 -0.49 15.13
N TYR B 358 9.73 -1.67 15.56
CA TYR B 358 9.97 -2.75 14.59
C TYR B 358 8.67 -3.31 14.01
N PRO B 359 7.71 -3.79 14.80
CA PRO B 359 6.45 -4.23 14.18
C PRO B 359 5.75 -3.12 13.43
N ASP B 360 5.94 -1.88 13.86
CA ASP B 360 5.31 -0.75 13.17
C ASP B 360 5.89 -0.58 11.77
N THR B 361 7.22 -0.55 11.65
CA THR B 361 7.83 -0.40 10.33
C THR B 361 7.64 -1.65 9.48
N HIS B 362 7.55 -2.83 10.11
CA HIS B 362 7.40 -4.06 9.35
C HIS B 362 6.02 -4.12 8.68
N ARG B 363 4.99 -3.58 9.33
CA ARG B 363 3.68 -3.46 8.71
C ARG B 363 3.68 -2.50 7.54
N HIS B 364 4.66 -1.58 7.48
CA HIS B 364 4.81 -0.66 6.36
C HIS B 364 5.69 -1.26 5.26
N ARG B 365 6.90 -1.71 5.62
CA ARG B 365 7.84 -2.19 4.62
C ARG B 365 7.35 -3.45 3.94
N LEU B 366 6.78 -4.39 4.71
CA LEU B 366 6.34 -5.67 4.19
C LEU B 366 4.83 -5.73 4.03
N GLY B 367 4.08 -5.45 5.10
CA GLY B 367 2.64 -5.51 5.05
C GLY B 367 2.03 -5.90 6.38
N PRO B 368 0.73 -5.69 6.53
CA PRO B 368 0.07 -6.05 7.81
C PRO B 368 0.25 -7.50 8.22
N ASN B 369 0.22 -8.43 7.27
CA ASN B 369 0.39 -9.85 7.53
C ASN B 369 1.81 -10.32 7.27
N TYR B 370 2.82 -9.53 7.67
CA TYR B 370 4.19 -9.89 7.38
C TYR B 370 4.65 -11.12 8.14
N LEU B 371 3.97 -11.48 9.24
CA LEU B 371 4.31 -12.69 9.96
C LEU B 371 3.87 -13.94 9.22
N HIS B 372 3.05 -13.81 8.18
CA HIS B 372 2.69 -14.92 7.31
C HIS B 372 3.76 -15.20 6.26
N ILE B 373 4.73 -14.32 6.10
CA ILE B 373 5.85 -14.58 5.18
C ILE B 373 6.64 -15.78 5.69
N PRO B 374 7.00 -16.74 4.82
CA PRO B 374 7.56 -18.02 5.31
C PRO B 374 8.69 -17.88 6.33
N VAL B 375 9.72 -17.08 6.05
CA VAL B 375 10.85 -16.98 6.98
C VAL B 375 10.47 -16.30 8.28
N ASN B 376 9.39 -15.51 8.30
CA ASN B 376 8.92 -14.86 9.51
C ASN B 376 7.94 -15.72 10.31
N CYS B 377 7.50 -16.85 9.76
CA CYS B 377 6.49 -17.65 10.41
C CYS B 377 7.08 -18.33 11.66
N PRO B 378 6.34 -18.33 12.76
CA PRO B 378 6.73 -19.16 13.93
C PRO B 378 6.38 -20.62 13.72
N TYR B 379 7.08 -21.25 12.77
CA TYR B 379 6.69 -22.56 12.26
C TYR B 379 6.94 -23.70 13.24
N ARG B 380 7.42 -23.42 14.45
CA ARG B 380 7.55 -24.43 15.49
C ARG B 380 6.62 -24.19 16.65
N ALA B 381 5.82 -23.12 16.60
CA ALA B 381 4.79 -22.83 17.59
C ALA B 381 3.42 -22.88 16.92
N ARG B 382 2.42 -23.33 17.67
CA ARG B 382 1.04 -23.40 17.21
C ARG B 382 0.40 -22.03 17.44
N VAL B 383 0.27 -21.24 16.39
CA VAL B 383 -0.37 -19.93 16.49
C VAL B 383 -1.88 -20.12 16.45
N ALA B 384 -2.57 -19.51 17.41
CA ALA B 384 -4.03 -19.52 17.46
C ALA B 384 -4.46 -18.35 18.31
N ASN B 385 -5.20 -17.41 17.73
CA ASN B 385 -5.61 -16.21 18.44
C ASN B 385 -6.91 -15.69 17.82
N TYR B 386 -7.19 -14.40 18.02
CA TYR B 386 -8.44 -13.80 17.57
C TYR B 386 -8.20 -12.67 16.58
N GLN B 387 -7.01 -12.63 15.98
CA GLN B 387 -6.71 -11.69 14.91
C GLN B 387 -7.13 -12.29 13.57
N ARG B 388 -7.74 -11.46 12.72
CA ARG B 388 -8.31 -11.93 11.47
C ARG B 388 -8.03 -10.94 10.35
N ASP B 389 -8.13 -11.44 9.12
CA ASP B 389 -8.15 -10.61 7.92
C ASP B 389 -6.85 -9.85 7.68
N GLY B 390 -6.93 -8.74 6.95
CA GLY B 390 -5.76 -8.00 6.56
C GLY B 390 -5.35 -8.33 5.15
N PRO B 391 -4.63 -7.42 4.50
CA PRO B 391 -4.22 -7.66 3.11
C PRO B 391 -3.28 -8.84 3.01
N MET B 392 -3.38 -9.57 1.90
CA MET B 392 -2.54 -10.73 1.64
C MET B 392 -2.63 -11.75 2.78
N CYS B 393 -3.86 -12.02 3.20
CA CYS B 393 -4.12 -13.00 4.24
C CYS B 393 -4.00 -14.41 3.68
N MET B 394 -3.15 -15.22 4.30
CA MET B 394 -2.82 -16.54 3.80
C MET B 394 -3.37 -17.63 4.73
N GLN B 395 -3.04 -18.88 4.40
CA GLN B 395 -3.54 -20.05 5.10
C GLN B 395 -5.06 -20.05 5.13
N ASP B 396 -5.65 -20.45 6.26
CA ASP B 396 -7.11 -20.52 6.39
C ASP B 396 -7.70 -19.36 7.15
N ASN B 397 -6.88 -18.38 7.54
CA ASN B 397 -7.30 -17.28 8.41
C ASN B 397 -7.92 -17.82 9.69
N GLN B 398 -7.38 -18.94 10.19
CA GLN B 398 -7.91 -19.70 11.31
C GLN B 398 -9.35 -20.15 11.09
N GLY B 399 -9.75 -20.28 9.82
CA GLY B 399 -11.00 -20.95 9.46
C GLY B 399 -12.22 -20.34 10.11
N GLY B 400 -13.10 -21.21 10.59
CA GLY B 400 -14.35 -20.79 11.20
C GLY B 400 -14.29 -20.80 12.71
N ALA B 401 -13.09 -20.64 13.26
CA ALA B 401 -12.96 -20.54 14.70
C ALA B 401 -13.59 -19.24 15.19
N PRO B 402 -14.31 -19.27 16.31
CA PRO B 402 -14.84 -18.03 16.89
C PRO B 402 -13.75 -16.98 17.05
N ASN B 403 -14.10 -15.73 16.78
CA ASN B 403 -13.15 -14.64 16.65
C ASN B 403 -13.22 -13.62 17.80
N TYR B 404 -13.92 -13.95 18.89
CA TYR B 404 -14.03 -13.04 20.02
C TYR B 404 -13.65 -13.77 21.29
N TYR B 405 -13.11 -13.01 22.24
CA TYR B 405 -12.61 -13.54 23.51
C TYR B 405 -13.02 -12.62 24.65
N PRO B 406 -13.61 -13.16 25.73
CA PRO B 406 -13.83 -14.59 25.97
C PRO B 406 -15.00 -15.16 25.16
N ASN B 407 -15.17 -16.48 25.23
CA ASN B 407 -16.24 -17.15 24.49
C ASN B 407 -16.60 -18.43 25.24
N SER B 408 -17.70 -19.05 24.82
CA SER B 408 -18.15 -20.31 25.39
C SER B 408 -18.06 -21.46 24.39
N PHE B 409 -17.32 -21.29 23.29
CA PHE B 409 -17.39 -22.21 22.16
C PHE B 409 -16.04 -22.84 21.81
N GLY B 410 -15.07 -22.79 22.71
CA GLY B 410 -13.87 -23.60 22.58
C GLY B 410 -12.69 -22.97 21.89
N ALA B 411 -12.71 -21.67 21.64
CA ALA B 411 -11.58 -20.98 21.03
C ALA B 411 -10.42 -20.93 22.03
N PRO B 412 -9.20 -20.56 21.59
CA PRO B 412 -8.05 -20.60 22.50
C PRO B 412 -8.24 -19.81 23.79
N GLU B 413 -7.48 -20.20 24.82
CA GLU B 413 -7.54 -19.59 26.14
C GLU B 413 -6.14 -19.15 26.56
N GLN B 414 -6.09 -18.13 27.40
CA GLN B 414 -4.84 -17.68 27.99
C GLN B 414 -4.28 -18.75 28.93
N GLN B 415 -2.98 -18.68 29.20
CA GLN B 415 -2.51 -19.57 30.26
C GLN B 415 -1.56 -18.83 31.19
N PRO B 416 -1.82 -18.84 32.49
CA PRO B 416 -1.03 -18.01 33.42
C PRO B 416 0.47 -18.29 33.43
N SER B 417 0.92 -19.42 32.88
CA SER B 417 2.34 -19.72 32.89
C SER B 417 3.16 -18.73 32.05
N ALA B 418 2.52 -17.97 31.17
CA ALA B 418 3.22 -17.05 30.29
C ALA B 418 3.07 -15.60 30.72
N LEU B 419 2.54 -15.35 31.91
CA LEU B 419 2.34 -13.99 32.39
C LEU B 419 3.68 -13.39 32.85
N GLU B 420 3.79 -12.07 32.73
CA GLU B 420 5.05 -11.40 32.95
C GLU B 420 5.43 -11.39 34.44
N HIS B 421 6.62 -10.90 34.72
CA HIS B 421 7.14 -10.74 36.07
C HIS B 421 6.91 -9.31 36.53
N SER B 422 6.47 -9.16 37.79
CA SER B 422 6.07 -7.86 38.32
C SER B 422 7.26 -7.13 38.94
N ILE B 423 7.33 -5.84 38.68
CA ILE B 423 8.34 -4.94 39.24
C ILE B 423 7.64 -3.69 39.74
N GLN B 424 8.00 -3.24 40.95
CA GLN B 424 7.43 -2.03 41.51
C GLN B 424 8.19 -0.81 41.01
N TYR B 425 7.45 0.24 40.67
CA TYR B 425 8.03 1.53 40.26
C TYR B 425 7.32 2.66 41.00
N SER B 426 8.04 3.77 41.17
CA SER B 426 7.49 4.95 41.82
C SER B 426 8.10 6.20 41.21
N GLY B 427 7.25 7.16 40.83
CA GLY B 427 7.76 8.38 40.25
C GLY B 427 6.70 9.10 39.46
N GLU B 428 7.06 10.31 39.04
CA GLU B 428 6.20 11.12 38.17
C GLU B 428 6.31 10.64 36.73
N VAL B 429 5.20 10.73 36.02
CA VAL B 429 5.15 10.35 34.61
C VAL B 429 5.49 11.60 33.82
N ARG B 430 6.75 11.71 33.42
CA ARG B 430 7.24 12.88 32.68
C ARG B 430 8.55 12.51 32.00
N ARG B 431 9.20 13.51 31.40
CA ARG B 431 10.41 13.31 30.59
C ARG B 431 11.62 13.65 31.45
N PHE B 432 12.33 12.61 31.89
CA PHE B 432 13.49 12.78 32.75
C PHE B 432 14.76 12.93 31.90
N ASN B 433 15.56 13.94 32.21
CA ASN B 433 16.72 14.26 31.40
C ASN B 433 17.85 13.25 31.66
N THR B 434 18.32 12.59 30.60
CA THR B 434 19.47 11.71 30.68
C THR B 434 20.63 12.22 29.82
N ALA B 435 20.55 13.46 29.32
CA ALA B 435 21.62 13.98 28.49
C ALA B 435 22.93 14.11 29.25
N ASN B 436 22.86 14.31 30.57
CA ASN B 436 24.06 14.54 31.35
C ASN B 436 24.37 13.37 32.30
N ASP B 437 23.93 12.16 31.95
CA ASP B 437 24.51 10.99 32.57
C ASP B 437 25.99 10.92 32.20
N ASP B 438 26.72 10.04 32.88
CA ASP B 438 28.16 9.97 32.69
C ASP B 438 28.49 9.68 31.23
N ASN B 439 29.22 10.60 30.59
CA ASN B 439 29.52 10.50 29.17
C ASN B 439 30.98 10.17 28.87
N VAL B 440 31.86 10.20 29.87
CA VAL B 440 33.30 10.13 29.61
C VAL B 440 34.03 9.08 30.44
N THR B 441 33.45 8.58 31.54
CA THR B 441 34.21 7.73 32.44
C THR B 441 34.58 6.39 31.79
N GLN B 442 33.59 5.68 31.25
CA GLN B 442 33.88 4.40 30.61
C GLN B 442 34.66 4.59 29.32
N VAL B 443 34.51 5.73 28.64
CA VAL B 443 35.27 6.00 27.43
C VAL B 443 36.75 6.15 27.76
N ARG B 444 37.07 6.85 28.85
CA ARG B 444 38.45 6.99 29.27
C ARG B 444 39.07 5.63 29.59
N ALA B 445 38.30 4.74 30.21
CA ALA B 445 38.76 3.37 30.41
C ALA B 445 39.00 2.67 29.08
N PHE B 446 38.21 3.02 28.06
CA PHE B 446 38.44 2.44 26.74
C PHE B 446 39.71 2.99 26.09
N TYR B 447 39.95 4.29 26.25
CA TYR B 447 41.09 4.92 25.58
C TYR B 447 42.41 4.52 26.23
N VAL B 448 42.41 4.27 27.54
CA VAL B 448 43.64 4.00 28.28
C VAL B 448 43.84 2.51 28.52
N ASN B 449 42.79 1.80 28.93
CA ASN B 449 42.94 0.43 29.40
C ASN B 449 42.67 -0.61 28.33
N VAL B 450 42.00 -0.27 27.23
CA VAL B 450 41.65 -1.24 26.22
C VAL B 450 42.57 -1.16 25.00
N LEU B 451 43.10 0.01 24.68
CA LEU B 451 43.86 0.21 23.45
C LEU B 451 45.34 0.41 23.75
N ASN B 452 46.18 0.02 22.79
CA ASN B 452 47.57 0.45 22.82
C ASN B 452 47.73 1.74 22.01
N GLU B 453 48.90 2.36 22.14
CA GLU B 453 49.15 3.60 21.41
C GLU B 453 49.09 3.40 19.91
N GLU B 454 49.32 2.18 19.43
CA GLU B 454 49.14 1.89 18.01
C GLU B 454 47.68 2.02 17.60
N GLN B 455 46.77 1.58 18.47
CA GLN B 455 45.34 1.71 18.22
C GLN B 455 44.83 3.10 18.55
N ARG B 456 45.44 3.78 19.53
CA ARG B 456 45.05 5.15 19.83
C ARG B 456 45.34 6.08 18.66
N LYS B 457 46.51 5.92 18.04
CA LYS B 457 46.88 6.77 16.91
C LYS B 457 46.00 6.49 15.69
N ARG B 458 45.75 5.21 15.39
CA ARG B 458 44.84 4.88 14.30
C ARG B 458 43.45 5.43 14.56
N LEU B 459 43.00 5.40 15.82
CA LEU B 459 41.69 5.92 16.16
C LEU B 459 41.63 7.43 15.98
N CYS B 460 42.61 8.15 16.54
CA CYS B 460 42.65 9.59 16.37
C CYS B 460 42.80 9.98 14.91
N GLU B 461 43.57 9.18 14.14
CA GLU B 461 43.64 9.40 12.70
C GLU B 461 42.29 9.16 12.05
N ASN B 462 41.59 8.10 12.45
CA ASN B 462 40.32 7.76 11.81
C ASN B 462 39.27 8.84 12.03
N ILE B 463 39.23 9.42 13.24
CA ILE B 463 38.27 10.49 13.50
C ILE B 463 38.65 11.75 12.72
N ALA B 464 39.94 12.12 12.75
CA ALA B 464 40.37 13.35 12.09
C ALA B 464 40.26 13.25 10.57
N GLY B 465 40.31 12.03 10.02
CA GLY B 465 40.16 11.89 8.58
C GLY B 465 38.78 12.28 8.09
N HIS B 466 37.77 12.18 8.95
CA HIS B 466 36.40 12.50 8.59
C HIS B 466 35.88 13.79 9.22
N LEU B 467 36.31 14.11 10.45
CA LEU B 467 35.88 15.34 11.09
C LEU B 467 36.48 16.57 10.43
N LYS B 468 37.58 16.42 9.70
CA LYS B 468 38.23 17.58 9.07
C LYS B 468 37.29 18.30 8.11
N ASP B 469 36.33 17.59 7.53
CA ASP B 469 35.44 18.16 6.53
C ASP B 469 34.22 18.86 7.13
N ALA B 470 34.15 18.98 8.44
CA ALA B 470 33.10 19.73 9.11
C ALA B 470 33.57 21.14 9.43
N GLN B 471 32.62 22.00 9.80
CA GLN B 471 32.95 23.39 10.12
C GLN B 471 33.84 23.46 11.35
N ILE B 472 34.67 24.50 11.39
CA ILE B 472 35.67 24.62 12.45
C ILE B 472 35.01 24.74 13.81
N PHE B 473 33.88 25.45 13.89
CA PHE B 473 33.19 25.54 15.16
C PHE B 473 32.66 24.17 15.61
N ILE B 474 32.35 23.29 14.65
CA ILE B 474 31.96 21.94 15.01
C ILE B 474 33.16 21.16 15.52
N GLN B 475 34.31 21.29 14.86
CA GLN B 475 35.52 20.64 15.34
C GLN B 475 35.87 21.09 16.75
N LYS B 476 35.63 22.38 17.05
CA LYS B 476 35.88 22.90 18.39
C LYS B 476 35.10 22.11 19.44
N LYS B 477 33.77 22.06 19.30
CA LYS B 477 32.95 21.34 20.26
C LYS B 477 33.22 19.84 20.21
N ALA B 478 33.58 19.31 19.04
CA ALA B 478 33.93 17.90 18.94
C ALA B 478 35.19 17.59 19.73
N VAL B 479 36.26 18.36 19.47
CA VAL B 479 37.51 18.17 20.21
C VAL B 479 37.28 18.44 21.70
N LYS B 480 36.50 19.48 22.01
CA LYS B 480 36.12 19.76 23.39
C LYS B 480 35.60 18.50 24.09
N ASN B 481 34.80 17.70 23.38
CA ASN B 481 34.27 16.49 23.98
C ASN B 481 35.35 15.40 24.11
N PHE B 482 36.30 15.35 23.18
CA PHE B 482 37.35 14.34 23.27
C PHE B 482 38.36 14.67 24.37
N THR B 483 38.54 15.95 24.68
CA THR B 483 39.46 16.32 25.76
C THR B 483 38.86 16.02 27.13
N GLU B 484 37.53 16.08 27.27
CA GLU B 484 36.90 15.70 28.52
C GLU B 484 37.11 14.21 28.80
N VAL B 485 37.23 13.39 27.77
CA VAL B 485 37.63 12.00 27.95
C VAL B 485 39.12 11.91 28.27
N HIS B 486 39.95 12.46 27.37
CA HIS B 486 41.39 12.45 27.58
C HIS B 486 41.99 13.66 26.86
N PRO B 487 42.79 14.48 27.54
CA PRO B 487 43.52 15.53 26.81
C PRO B 487 44.44 14.97 25.75
N ASP B 488 44.98 13.76 25.94
CA ASP B 488 45.69 13.09 24.85
C ASP B 488 44.76 12.88 23.67
N TYR B 489 43.53 12.44 23.94
CA TYR B 489 42.56 12.17 22.87
C TYR B 489 42.32 13.40 22.03
N GLY B 490 41.97 14.52 22.67
CA GLY B 490 41.68 15.75 21.96
C GLY B 490 42.87 16.32 21.22
N SER B 491 43.97 16.56 21.94
CA SER B 491 45.15 17.16 21.32
C SER B 491 45.69 16.30 20.19
N HIS B 492 45.62 14.97 20.33
CA HIS B 492 46.01 14.09 19.24
C HIS B 492 45.14 14.33 18.00
N ILE B 493 43.83 14.41 18.21
CA ILE B 493 42.92 14.74 17.11
C ILE B 493 43.18 16.16 16.63
N GLN B 494 43.39 17.10 17.56
CA GLN B 494 43.52 18.50 17.20
C GLN B 494 44.71 18.73 16.28
N ALA B 495 45.82 18.03 16.52
CA ALA B 495 46.99 18.18 15.66
C ALA B 495 46.69 17.71 14.24
N LEU B 496 46.06 16.55 14.11
CA LEU B 496 45.69 16.02 12.80
C LEU B 496 44.67 16.92 12.12
N LEU B 497 43.79 17.55 12.88
CA LEU B 497 42.84 18.49 12.29
C LEU B 497 43.55 19.74 11.78
N ASP B 498 44.56 20.21 12.52
CA ASP B 498 45.38 21.30 12.02
C ASP B 498 46.07 20.94 10.72
N LYS B 499 46.26 19.64 10.46
CA LYS B 499 46.94 19.21 9.24
C LYS B 499 46.03 19.37 8.03
N TYR B 500 44.85 18.74 8.06
CA TYR B 500 43.93 18.82 6.93
C TYR B 500 43.42 20.25 6.71
N ASN B 501 43.33 21.04 7.77
CA ASN B 501 42.80 22.41 7.67
C ASN B 501 43.72 23.38 6.96
N ALA B 502 44.77 22.92 6.29
CA ALA B 502 45.66 23.80 5.54
C ALA B 502 45.79 23.31 4.10
N SER C 4 -38.84 22.72 -5.52
CA SER C 4 -39.79 21.65 -5.26
C SER C 4 -39.09 20.32 -5.09
N ARG C 5 -37.81 20.39 -4.71
CA ARG C 5 -37.01 19.21 -4.38
C ARG C 5 -35.95 19.64 -3.38
N ASP C 6 -35.61 18.74 -2.46
CA ASP C 6 -34.66 19.07 -1.41
C ASP C 6 -33.31 19.44 -2.04
N PRO C 7 -32.54 20.32 -1.38
CA PRO C 7 -31.29 20.78 -2.00
C PRO C 7 -30.31 19.68 -2.38
N ALA C 8 -30.31 18.56 -1.65
CA ALA C 8 -29.48 17.42 -2.05
C ALA C 8 -29.88 16.91 -3.42
N SER C 9 -31.18 16.89 -3.71
CA SER C 9 -31.65 16.37 -4.99
C SER C 9 -31.18 17.24 -6.14
N ASP C 10 -31.13 18.56 -5.93
CA ASP C 10 -30.85 19.53 -6.99
C ASP C 10 -29.37 19.91 -7.07
N GLN C 11 -28.46 19.12 -6.48
CA GLN C 11 -27.08 19.57 -6.36
C GLN C 11 -26.38 19.65 -7.72
N MET C 12 -26.68 18.73 -8.63
CA MET C 12 -26.11 18.83 -9.96
C MET C 12 -26.68 20.01 -10.72
N GLN C 13 -27.94 20.34 -10.48
CA GLN C 13 -28.53 21.51 -11.11
C GLN C 13 -27.96 22.79 -10.53
N HIS C 14 -27.78 22.83 -9.21
CA HIS C 14 -27.21 24.02 -8.59
C HIS C 14 -25.74 24.19 -8.96
N TRP C 15 -25.02 23.08 -9.18
CA TRP C 15 -23.63 23.18 -9.62
C TRP C 15 -23.56 23.82 -11.00
N LYS C 16 -24.44 23.39 -11.92
CA LYS C 16 -24.41 23.91 -13.28
C LYS C 16 -24.74 25.40 -13.31
N GLU C 17 -25.77 25.82 -12.57
CA GLU C 17 -26.16 27.23 -12.61
C GLU C 17 -25.17 28.13 -11.88
N GLN C 18 -24.29 27.55 -11.06
CA GLN C 18 -23.17 28.34 -10.53
C GLN C 18 -22.26 28.81 -11.66
N ARG C 19 -22.28 28.08 -12.76
CA ARG C 19 -21.60 28.54 -13.95
C ARG C 19 -22.58 29.46 -14.64
N ALA C 20 -22.36 30.75 -14.46
CA ALA C 20 -23.26 31.75 -14.96
C ALA C 20 -22.90 31.99 -16.39
N ALA C 21 -23.20 31.01 -17.23
CA ALA C 21 -22.78 31.06 -18.60
C ALA C 21 -21.29 31.17 -18.71
N GLN C 22 -20.57 30.32 -17.99
CA GLN C 22 -19.17 30.00 -18.25
C GLN C 22 -19.17 29.01 -19.40
N LYS C 23 -18.01 28.66 -19.92
CA LYS C 23 -17.95 27.57 -20.88
C LYS C 23 -17.09 26.41 -20.40
N ALA C 24 -17.56 25.19 -20.65
CA ALA C 24 -17.00 24.00 -20.11
C ALA C 24 -15.49 23.90 -20.09
N ASP C 25 -14.96 23.32 -19.04
CA ASP C 25 -13.57 23.03 -18.97
C ASP C 25 -13.19 21.98 -19.99
N VAL C 26 -11.97 22.00 -20.46
CA VAL C 26 -11.52 21.03 -21.45
C VAL C 26 -11.18 19.72 -20.75
N LEU C 27 -11.75 18.63 -21.27
CA LEU C 27 -11.52 17.30 -20.73
C LEU C 27 -10.08 16.87 -20.97
N THR C 28 -9.35 16.53 -19.90
CA THR C 28 -7.94 16.21 -20.00
C THR C 28 -7.64 14.87 -19.35
N THR C 29 -6.51 14.30 -19.74
CA THR C 29 -5.98 13.15 -19.03
C THR C 29 -5.52 13.59 -17.64
N GLY C 30 -4.98 12.64 -16.88
CA GLY C 30 -4.43 12.98 -15.59
C GLY C 30 -3.29 13.99 -15.70
N ALA C 31 -2.46 13.86 -16.73
CA ALA C 31 -1.34 14.76 -16.92
C ALA C 31 -1.70 16.04 -17.64
N GLY C 32 -2.99 16.37 -17.77
CA GLY C 32 -3.41 17.61 -18.36
C GLY C 32 -3.49 17.63 -19.87
N ASN C 33 -3.22 16.51 -20.53
CA ASN C 33 -3.26 16.47 -21.99
C ASN C 33 -4.71 16.51 -22.47
N PRO C 34 -5.05 17.36 -23.44
CA PRO C 34 -6.44 17.43 -23.91
C PRO C 34 -6.87 16.12 -24.56
N VAL C 35 -8.12 15.72 -24.31
CA VAL C 35 -8.68 14.50 -24.84
C VAL C 35 -9.58 14.84 -26.02
N GLY C 36 -9.37 14.18 -27.15
CA GLY C 36 -10.18 14.42 -28.32
C GLY C 36 -11.49 13.67 -28.29
N ASP C 37 -11.42 12.37 -28.01
CA ASP C 37 -12.61 11.51 -27.98
C ASP C 37 -12.50 10.59 -26.77
N LYS C 38 -13.29 10.87 -25.74
CA LYS C 38 -13.39 9.99 -24.59
C LYS C 38 -14.65 9.14 -24.61
N LEU C 39 -15.24 8.95 -25.80
CA LEU C 39 -16.47 8.17 -25.95
C LEU C 39 -16.26 6.85 -26.67
N ASN C 40 -15.21 6.73 -27.48
CA ASN C 40 -14.95 5.53 -28.26
C ASN C 40 -13.49 5.16 -28.16
N VAL C 41 -13.22 3.88 -27.99
CA VAL C 41 -11.88 3.36 -27.75
C VAL C 41 -11.17 3.17 -29.09
N ILE C 42 -9.85 2.96 -29.06
CA ILE C 42 -9.07 2.83 -30.28
C ILE C 42 -9.02 1.36 -30.68
N THR C 43 -9.40 1.06 -31.92
CA THR C 43 -9.38 -0.29 -32.46
C THR C 43 -8.73 -0.29 -33.84
N VAL C 44 -8.35 -1.48 -34.30
CA VAL C 44 -7.82 -1.66 -35.66
C VAL C 44 -9.00 -2.11 -36.52
N GLY C 45 -9.70 -1.14 -37.09
CA GLY C 45 -10.92 -1.40 -37.81
C GLY C 45 -12.11 -1.31 -36.87
N PRO C 46 -13.30 -1.13 -37.43
CA PRO C 46 -14.50 -1.02 -36.58
C PRO C 46 -14.82 -2.28 -35.78
N ARG C 47 -14.34 -3.45 -36.20
CA ARG C 47 -14.60 -4.70 -35.49
C ARG C 47 -13.30 -5.34 -35.02
N GLY C 48 -12.31 -4.55 -34.66
CA GLY C 48 -11.00 -5.06 -34.31
C GLY C 48 -10.67 -4.94 -32.84
N PRO C 49 -9.57 -5.57 -32.44
CA PRO C 49 -9.17 -5.57 -31.03
C PRO C 49 -8.59 -4.23 -30.59
N LEU C 50 -8.48 -4.08 -29.27
CA LEU C 50 -8.04 -2.84 -28.63
C LEU C 50 -6.52 -2.71 -28.67
N LEU C 51 -6.06 -1.47 -28.62
CA LEU C 51 -4.65 -1.15 -28.75
C LEU C 51 -4.09 -0.58 -27.45
N VAL C 52 -2.83 -0.88 -27.18
CA VAL C 52 -2.16 -0.40 -25.97
C VAL C 52 -1.91 1.11 -26.04
N GLN C 53 -1.65 1.63 -27.24
CA GLN C 53 -1.35 3.06 -27.34
C GLN C 53 -2.56 3.95 -27.09
N ASP C 54 -3.72 3.38 -26.77
CA ASP C 54 -4.84 4.18 -26.27
C ASP C 54 -4.55 4.51 -24.81
N VAL C 55 -3.72 5.53 -24.62
CA VAL C 55 -3.33 5.96 -23.29
C VAL C 55 -4.49 6.67 -22.59
N VAL C 56 -5.40 7.26 -23.34
CA VAL C 56 -6.57 7.90 -22.75
C VAL C 56 -7.40 6.87 -21.98
N PHE C 57 -7.72 5.75 -22.63
CA PHE C 57 -8.56 4.73 -22.00
C PHE C 57 -7.87 4.16 -20.76
N THR C 58 -6.60 3.80 -20.87
CA THR C 58 -5.90 3.19 -19.74
C THR C 58 -5.72 4.17 -18.59
N ASP C 59 -5.43 5.44 -18.90
CA ASP C 59 -5.26 6.45 -17.85
C ASP C 59 -6.53 6.57 -17.02
N GLU C 60 -7.69 6.67 -17.68
CA GLU C 60 -8.93 6.78 -16.94
C GLU C 60 -9.30 5.47 -16.25
N MET C 61 -9.10 4.34 -16.93
CA MET C 61 -9.55 3.06 -16.39
C MET C 61 -8.73 2.65 -15.17
N ALA C 62 -7.41 2.86 -15.22
CA ALA C 62 -6.58 2.44 -14.10
C ALA C 62 -6.86 3.28 -12.85
N HIS C 63 -7.27 4.53 -13.01
CA HIS C 63 -7.67 5.32 -11.87
C HIS C 63 -9.05 4.91 -11.35
N PHE C 64 -9.91 4.40 -12.23
CA PHE C 64 -11.18 3.85 -11.78
C PHE C 64 -10.95 2.57 -10.97
N ASP C 65 -9.98 1.76 -11.39
CA ASP C 65 -9.61 0.54 -10.68
C ASP C 65 -9.07 0.80 -9.28
N ARG C 66 -8.71 2.05 -8.97
CA ARG C 66 -8.08 2.37 -7.69
C ARG C 66 -8.87 3.38 -6.88
N GLU C 67 -10.15 3.60 -7.18
CA GLU C 67 -10.91 4.60 -6.46
C GLU C 67 -11.04 4.26 -4.98
N ARG C 68 -11.16 2.98 -4.65
CA ARG C 68 -11.55 2.56 -3.32
C ARG C 68 -10.35 2.49 -2.37
N ILE C 69 -10.58 2.93 -1.14
CA ILE C 69 -9.64 2.75 -0.04
C ILE C 69 -10.33 1.89 1.00
N PRO C 70 -9.57 1.31 1.92
CA PRO C 70 -10.21 0.56 3.01
C PRO C 70 -11.15 1.43 3.82
N GLU C 71 -12.27 0.86 4.22
CA GLU C 71 -13.21 1.58 5.05
C GLU C 71 -12.74 1.57 6.50
N ARG C 72 -13.27 2.49 7.29
CA ARG C 72 -13.00 2.50 8.72
C ARG C 72 -13.37 1.16 9.34
N VAL C 73 -12.47 0.62 10.15
CA VAL C 73 -12.72 -0.68 10.77
C VAL C 73 -13.97 -0.61 11.65
N VAL C 74 -14.27 0.55 12.22
CA VAL C 74 -15.55 0.82 12.87
C VAL C 74 -15.98 2.23 12.49
N HIS C 75 -17.29 2.47 12.59
CA HIS C 75 -17.87 3.77 12.20
C HIS C 75 -17.67 4.05 10.72
N ALA C 76 -17.77 3.00 9.90
CA ALA C 76 -17.54 3.18 8.47
C ALA C 76 -18.64 4.01 7.82
N LYS C 77 -19.87 3.91 8.32
CA LYS C 77 -21.02 4.57 7.72
C LYS C 77 -21.31 5.86 8.47
N GLY C 78 -21.27 6.99 7.76
CA GLY C 78 -21.52 8.24 8.43
C GLY C 78 -21.55 9.44 7.51
N ALA C 79 -21.77 10.61 8.12
CA ALA C 79 -21.92 11.87 7.41
C ALA C 79 -21.00 12.91 8.02
N GLY C 80 -20.81 14.00 7.28
CA GLY C 80 -19.88 15.04 7.66
C GLY C 80 -20.41 16.42 7.42
N ALA C 81 -19.96 17.35 8.26
CA ALA C 81 -20.34 18.75 8.15
C ALA C 81 -19.28 19.58 8.84
N PHE C 82 -19.27 20.86 8.54
CA PHE C 82 -18.22 21.77 9.00
C PHE C 82 -18.85 23.02 9.59
N GLY C 83 -18.06 23.74 10.39
CA GLY C 83 -18.53 24.96 11.01
C GLY C 83 -17.53 25.60 11.96
N TYR C 84 -17.98 25.98 13.15
CA TYR C 84 -17.11 26.66 14.10
C TYR C 84 -17.56 26.37 15.53
N PHE C 85 -16.65 26.60 16.47
CA PHE C 85 -16.93 26.56 17.90
C PHE C 85 -16.67 27.94 18.49
N GLU C 86 -17.65 28.48 19.20
CA GLU C 86 -17.56 29.81 19.79
C GLU C 86 -17.59 29.71 21.31
N VAL C 87 -16.66 30.41 21.96
CA VAL C 87 -16.56 30.40 23.42
C VAL C 87 -17.55 31.39 23.99
N THR C 88 -18.30 30.97 25.01
CA THR C 88 -19.28 31.82 25.67
C THR C 88 -18.93 32.16 27.12
N HIS C 89 -18.26 31.26 27.83
CA HIS C 89 -17.91 31.47 29.22
C HIS C 89 -16.39 31.36 29.40
N ASP C 90 -15.94 31.72 30.60
CA ASP C 90 -14.51 31.79 30.91
C ASP C 90 -14.15 30.59 31.79
N ILE C 91 -13.50 29.60 31.17
CA ILE C 91 -13.03 28.42 31.90
C ILE C 91 -11.51 28.41 31.99
N THR C 92 -10.86 29.57 31.82
CA THR C 92 -9.42 29.65 31.94
C THR C 92 -8.94 29.25 33.34
N LYS C 93 -9.82 29.29 34.34
CA LYS C 93 -9.49 28.78 35.66
C LYS C 93 -9.13 27.29 35.61
N TYR C 94 -9.63 26.57 34.60
CA TYR C 94 -9.43 25.14 34.46
C TYR C 94 -8.45 24.76 33.35
N SER C 95 -8.42 25.49 32.23
CA SER C 95 -7.62 25.07 31.10
C SER C 95 -7.04 26.28 30.38
N LYS C 96 -5.79 26.15 29.94
CA LYS C 96 -5.08 27.20 29.21
C LYS C 96 -5.15 27.00 27.70
N ALA C 97 -6.04 26.14 27.21
CA ALA C 97 -6.12 25.86 25.79
C ALA C 97 -6.51 27.11 25.01
N LYS C 98 -5.76 27.41 23.95
CA LYS C 98 -6.04 28.59 23.12
C LYS C 98 -7.48 28.58 22.58
N VAL C 99 -8.04 27.39 22.34
CA VAL C 99 -9.40 27.31 21.83
C VAL C 99 -10.39 27.85 22.86
N PHE C 100 -10.00 27.92 24.14
CA PHE C 100 -10.83 28.49 25.19
C PHE C 100 -10.35 29.87 25.62
N GLU C 101 -9.47 30.50 24.84
CA GLU C 101 -8.69 31.64 25.33
C GLU C 101 -9.57 32.75 25.88
N HIS C 102 -10.42 33.34 25.05
CA HIS C 102 -11.28 34.43 25.46
C HIS C 102 -12.70 34.18 24.99
N ILE C 103 -13.64 34.84 25.66
CA ILE C 103 -15.05 34.72 25.31
C ILE C 103 -15.29 35.38 23.96
N GLY C 104 -15.95 34.66 23.05
CA GLY C 104 -16.17 35.12 21.70
C GLY C 104 -15.16 34.61 20.70
N LYS C 105 -14.12 33.91 21.15
CA LYS C 105 -13.12 33.37 20.24
C LYS C 105 -13.71 32.19 19.46
N LYS C 106 -13.54 32.21 18.14
CA LYS C 106 -14.06 31.19 17.26
C LYS C 106 -12.93 30.31 16.74
N THR C 107 -13.25 29.05 16.47
CA THR C 107 -12.30 28.08 15.95
C THR C 107 -13.04 27.22 14.93
N PRO C 108 -12.50 27.06 13.72
CA PRO C 108 -13.14 26.18 12.74
C PRO C 108 -13.19 24.74 13.24
N ILE C 109 -14.28 24.06 12.91
CA ILE C 109 -14.45 22.66 13.31
C ILE C 109 -14.97 21.85 12.13
N ALA C 110 -14.60 20.57 12.12
CA ALA C 110 -15.14 19.58 11.22
C ALA C 110 -15.72 18.44 12.05
N VAL C 111 -16.88 17.93 11.64
CA VAL C 111 -17.58 16.90 12.39
C VAL C 111 -17.94 15.76 11.46
N ARG C 112 -17.77 14.53 11.94
CA ARG C 112 -18.29 13.35 11.26
C ARG C 112 -19.18 12.59 12.23
N PHE C 113 -20.43 12.36 11.84
CA PHE C 113 -21.33 11.46 12.54
C PHE C 113 -21.23 10.07 11.92
N SER C 114 -21.66 9.06 12.67
CA SER C 114 -21.49 7.70 12.17
C SER C 114 -22.28 6.72 13.03
N THR C 115 -22.52 5.54 12.47
CA THR C 115 -22.96 4.40 13.24
C THR C 115 -21.72 3.61 13.67
N VAL C 116 -21.86 2.33 14.00
CA VAL C 116 -20.74 1.61 14.58
C VAL C 116 -20.45 0.30 13.84
N ALA C 117 -21.44 -0.58 13.76
CA ALA C 117 -21.21 -1.94 13.28
C ALA C 117 -21.31 -2.07 11.77
N GLY C 118 -22.34 -1.48 11.17
CA GLY C 118 -22.53 -1.62 9.74
C GLY C 118 -21.38 -1.03 8.94
N GLU C 119 -21.19 -1.56 7.74
CA GLU C 119 -20.14 -1.09 6.85
C GLU C 119 -20.70 -0.06 5.88
N SER C 120 -19.91 0.27 4.85
CA SER C 120 -20.15 1.45 4.02
C SER C 120 -21.50 1.48 3.34
N GLY C 121 -22.19 0.35 3.22
CA GLY C 121 -23.50 0.32 2.58
C GLY C 121 -24.68 0.12 3.51
N SER C 122 -24.46 0.06 4.82
CA SER C 122 -25.54 -0.23 5.75
C SER C 122 -26.52 0.95 5.82
N ALA C 123 -27.57 0.77 6.62
CA ALA C 123 -28.58 1.80 6.82
C ALA C 123 -28.22 2.66 8.04
N ASP C 124 -28.64 3.92 8.00
CA ASP C 124 -28.33 4.84 9.08
C ASP C 124 -29.23 4.61 10.28
N THR C 125 -30.54 4.42 10.04
CA THR C 125 -31.53 4.35 11.12
C THR C 125 -31.66 2.93 11.65
N VAL C 126 -30.55 2.43 12.20
CA VAL C 126 -30.52 1.14 12.86
C VAL C 126 -30.04 1.35 14.28
N ARG C 127 -30.36 0.39 15.15
CA ARG C 127 -29.95 0.49 16.54
C ARG C 127 -28.43 0.34 16.63
N ASP C 128 -27.75 1.41 17.04
CA ASP C 128 -26.31 1.45 17.14
C ASP C 128 -25.90 2.70 17.89
N PRO C 129 -24.77 2.70 18.58
CA PRO C 129 -24.21 3.96 19.08
C PRO C 129 -23.89 4.87 17.89
N ARG C 130 -23.87 6.16 18.16
CA ARG C 130 -23.62 7.15 17.12
C ARG C 130 -22.29 7.85 17.38
N GLY C 131 -21.40 7.79 16.40
CA GLY C 131 -20.18 8.57 16.47
C GLY C 131 -20.46 10.05 16.30
N PHE C 132 -19.66 10.86 17.01
CA PHE C 132 -19.82 12.32 17.04
C PHE C 132 -18.41 12.90 17.24
N ALA C 133 -17.59 12.82 16.19
CA ALA C 133 -16.21 13.27 16.23
C ALA C 133 -16.12 14.73 15.83
N VAL C 134 -15.32 15.50 16.55
CA VAL C 134 -15.15 16.93 16.32
C VAL C 134 -13.67 17.24 16.24
N LYS C 135 -13.27 17.93 15.16
CA LYS C 135 -11.88 18.32 14.95
C LYS C 135 -11.78 19.83 15.04
N PHE C 136 -11.04 20.32 16.04
CA PHE C 136 -10.80 21.74 16.22
C PHE C 136 -9.47 22.11 15.58
N TYR C 137 -9.51 23.04 14.63
CA TYR C 137 -8.27 23.56 14.03
C TYR C 137 -7.83 24.76 14.85
N THR C 138 -7.09 24.52 15.91
CA THR C 138 -6.65 25.60 16.77
C THR C 138 -5.24 26.05 16.38
N GLU C 139 -4.87 27.24 16.86
CA GLU C 139 -3.53 27.76 16.58
C GLU C 139 -2.44 26.91 17.22
N ASP C 140 -2.77 26.14 18.25
CA ASP C 140 -1.86 25.15 18.83
C ASP C 140 -2.00 23.78 18.16
N GLY C 141 -2.42 23.74 16.89
CA GLY C 141 -2.63 22.49 16.21
C GLY C 141 -4.06 22.00 16.36
N ASN C 142 -4.29 20.79 15.85
CA ASN C 142 -5.63 20.22 15.84
C ASN C 142 -5.95 19.55 17.17
N TRP C 143 -7.17 19.77 17.66
CA TRP C 143 -7.73 19.09 18.81
C TRP C 143 -8.84 18.17 18.32
N ASP C 144 -8.59 16.86 18.34
CA ASP C 144 -9.59 15.88 17.96
C ASP C 144 -10.31 15.38 19.22
N LEU C 145 -11.61 15.65 19.30
CA LEU C 145 -12.46 15.14 20.37
C LEU C 145 -13.36 14.08 19.76
N VAL C 146 -12.93 12.82 19.84
CA VAL C 146 -13.60 11.72 19.14
C VAL C 146 -14.62 11.15 20.12
N GLY C 147 -15.84 11.64 20.04
CA GLY C 147 -16.89 11.28 20.97
C GLY C 147 -17.98 10.42 20.34
N ASN C 148 -18.90 9.98 21.19
CA ASN C 148 -20.09 9.24 20.80
C ASN C 148 -21.32 10.00 21.31
N ASN C 149 -22.50 9.47 21.00
CA ASN C 149 -23.75 10.01 21.53
C ASN C 149 -24.16 9.37 22.84
N THR C 150 -23.20 8.81 23.57
CA THR C 150 -23.39 8.24 24.90
C THR C 150 -22.18 8.58 25.75
N PRO C 151 -22.39 8.81 27.05
CA PRO C 151 -21.26 9.15 27.93
C PRO C 151 -20.47 7.95 28.42
N ILE C 152 -20.86 6.72 28.07
CA ILE C 152 -20.22 5.52 28.54
C ILE C 152 -19.97 4.58 27.36
N PHE C 153 -19.41 3.42 27.66
CA PHE C 153 -19.13 2.41 26.64
C PHE C 153 -19.37 1.03 27.24
N PHE C 154 -19.16 -0.01 26.42
CA PHE C 154 -19.51 -1.37 26.81
C PHE C 154 -18.46 -2.00 27.71
N ILE C 155 -17.18 -1.73 27.45
CA ILE C 155 -16.10 -2.34 28.21
C ILE C 155 -15.31 -1.24 28.93
N ARG C 156 -14.27 -1.65 29.67
CA ARG C 156 -13.41 -0.70 30.35
C ARG C 156 -11.93 -1.07 30.23
N ASP C 157 -11.56 -1.90 29.27
CA ASP C 157 -10.17 -2.26 29.04
C ASP C 157 -9.99 -2.34 27.52
N PRO C 158 -8.98 -1.68 26.96
CA PRO C 158 -8.86 -1.61 25.50
C PRO C 158 -8.53 -2.94 24.84
N ILE C 159 -8.00 -3.91 25.59
CA ILE C 159 -7.64 -5.19 24.98
C ILE C 159 -8.88 -5.99 24.60
N LEU C 160 -10.04 -5.66 25.15
CA LEU C 160 -11.29 -6.34 24.80
C LEU C 160 -11.99 -5.72 23.61
N PHE C 161 -11.53 -4.55 23.15
CA PHE C 161 -12.23 -3.86 22.05
C PHE C 161 -12.24 -4.64 20.75
N PRO C 162 -11.14 -5.25 20.29
CA PRO C 162 -11.23 -6.06 19.06
C PRO C 162 -12.22 -7.19 19.18
N SER C 163 -12.24 -7.88 20.32
CA SER C 163 -13.17 -9.00 20.50
C SER C 163 -14.62 -8.53 20.54
N PHE C 164 -14.87 -7.36 21.14
CA PHE C 164 -16.22 -6.81 21.15
C PHE C 164 -16.65 -6.39 19.75
N ILE C 165 -15.76 -5.74 19.01
CA ILE C 165 -16.09 -5.32 17.65
C ILE C 165 -16.32 -6.55 16.77
N HIS C 166 -15.46 -7.56 16.90
CA HIS C 166 -15.67 -8.80 16.14
C HIS C 166 -17.03 -9.40 16.42
N SER C 167 -17.40 -9.50 17.71
CA SER C 167 -18.69 -10.04 18.09
C SER C 167 -19.86 -9.13 17.71
N GLN C 168 -19.57 -7.92 17.24
CA GLN C 168 -20.60 -7.02 16.74
C GLN C 168 -20.75 -7.07 15.23
N LYS C 169 -19.79 -7.65 14.53
CA LYS C 169 -19.83 -7.72 13.08
C LYS C 169 -20.06 -9.17 12.64
N ARG C 170 -19.77 -9.45 11.38
CA ARG C 170 -20.25 -10.67 10.73
C ARG C 170 -19.52 -11.92 11.21
N ASN C 171 -20.23 -13.04 11.19
CA ASN C 171 -19.64 -14.33 11.49
C ASN C 171 -18.55 -14.65 10.46
N PRO C 172 -17.36 -15.11 10.89
CA PRO C 172 -16.24 -15.21 9.96
C PRO C 172 -16.37 -16.30 8.90
N GLN C 173 -17.32 -17.23 9.06
CA GLN C 173 -17.58 -18.21 8.01
C GLN C 173 -18.79 -17.84 7.17
N THR C 174 -19.89 -17.45 7.80
CA THR C 174 -21.13 -17.20 7.07
C THR C 174 -21.27 -15.77 6.59
N HIS C 175 -20.45 -14.85 7.10
CA HIS C 175 -20.55 -13.43 6.78
C HIS C 175 -21.91 -12.86 7.17
N LEU C 176 -22.50 -13.40 8.23
CA LEU C 176 -23.83 -13.03 8.67
C LEU C 176 -23.77 -12.50 10.10
N LYS C 177 -24.73 -11.65 10.45
CA LYS C 177 -24.89 -11.22 11.83
C LYS C 177 -25.25 -12.41 12.71
N ASP C 178 -24.66 -12.46 13.90
CA ASP C 178 -24.72 -13.66 14.74
C ASP C 178 -25.15 -13.27 16.15
N PRO C 179 -26.39 -13.59 16.56
CA PRO C 179 -26.79 -13.29 17.94
C PRO C 179 -25.99 -14.06 18.98
N ASP C 180 -25.59 -15.29 18.68
CA ASP C 180 -24.70 -16.02 19.58
C ASP C 180 -23.43 -15.23 19.84
N MET C 181 -22.78 -14.76 18.78
CA MET C 181 -21.59 -13.94 18.93
C MET C 181 -21.88 -12.68 19.75
N VAL C 182 -23.00 -12.01 19.47
CA VAL C 182 -23.30 -10.74 20.12
C VAL C 182 -23.54 -10.94 21.61
N TRP C 183 -24.40 -11.89 21.96
CA TRP C 183 -24.85 -12.02 23.34
C TRP C 183 -24.01 -12.98 24.17
N ASP C 184 -23.12 -13.75 23.54
CA ASP C 184 -22.18 -14.53 24.34
C ASP C 184 -21.10 -13.64 24.93
N PHE C 185 -20.66 -12.62 24.17
CA PHE C 185 -19.67 -11.68 24.69
C PHE C 185 -20.26 -10.81 25.79
N TRP C 186 -21.45 -10.26 25.54
CA TRP C 186 -22.05 -9.35 26.51
C TRP C 186 -22.38 -10.07 27.82
N SER C 187 -22.82 -11.33 27.73
CA SER C 187 -23.18 -12.05 28.94
C SER C 187 -21.95 -12.49 29.73
N LEU C 188 -20.87 -12.84 29.05
CA LEU C 188 -19.62 -13.16 29.73
C LEU C 188 -18.91 -11.94 30.28
N ARG C 189 -19.23 -10.75 29.77
CA ARG C 189 -18.64 -9.50 30.23
C ARG C 189 -19.76 -8.61 30.74
N PRO C 190 -20.19 -8.80 31.99
CA PRO C 190 -21.33 -8.04 32.53
C PRO C 190 -21.04 -6.57 32.78
N GLU C 191 -19.82 -6.09 32.50
CA GLU C 191 -19.61 -4.65 32.52
C GLU C 191 -20.33 -3.95 31.37
N SER C 192 -20.82 -4.70 30.38
CA SER C 192 -21.56 -4.14 29.26
C SER C 192 -22.99 -3.77 29.62
N LEU C 193 -23.44 -4.04 30.85
CA LEU C 193 -24.82 -3.81 31.23
C LEU C 193 -25.22 -2.35 31.04
N HIS C 194 -24.38 -1.43 31.49
CA HIS C 194 -24.74 -0.01 31.51
C HIS C 194 -24.97 0.52 30.10
N GLN C 195 -24.05 0.25 29.18
CA GLN C 195 -24.19 0.81 27.83
C GLN C 195 -25.18 0.01 26.98
N VAL C 196 -25.37 -1.28 27.27
CA VAL C 196 -26.38 -2.04 26.55
C VAL C 196 -27.77 -1.50 26.85
N SER C 197 -28.02 -1.13 28.11
CA SER C 197 -29.32 -0.57 28.48
C SER C 197 -29.56 0.75 27.74
N PHE C 198 -28.54 1.60 27.67
CA PHE C 198 -28.63 2.81 26.87
C PHE C 198 -28.84 2.48 25.40
N LEU C 199 -28.19 1.41 24.93
CA LEU C 199 -28.31 1.00 23.53
C LEU C 199 -29.74 0.60 23.19
N PHE C 200 -30.32 -0.31 23.98
CA PHE C 200 -31.64 -0.88 23.71
C PHE C 200 -32.77 -0.05 24.31
N SER C 201 -32.51 1.21 24.64
CA SER C 201 -33.56 2.12 25.06
C SER C 201 -34.03 2.94 23.84
N ASP C 202 -34.74 4.04 24.09
CA ASP C 202 -35.19 4.90 23.01
C ASP C 202 -34.06 5.64 22.33
N ARG C 203 -32.95 5.86 23.02
CA ARG C 203 -31.80 6.57 22.49
C ARG C 203 -30.95 5.71 21.57
N GLY C 204 -31.40 4.50 21.23
CA GLY C 204 -30.63 3.65 20.34
C GLY C 204 -30.72 4.09 18.89
N ILE C 205 -31.89 4.55 18.46
CA ILE C 205 -32.09 5.02 17.10
C ILE C 205 -32.50 6.49 17.15
N PRO C 206 -31.56 7.42 17.25
CA PRO C 206 -31.91 8.83 17.16
C PRO C 206 -32.51 9.19 15.81
N ASP C 207 -33.26 10.30 15.79
CA ASP C 207 -33.91 10.77 14.58
C ASP C 207 -32.96 11.69 13.82
N GLY C 208 -31.93 11.06 13.26
CA GLY C 208 -30.88 11.79 12.60
C GLY C 208 -29.78 12.20 13.57
N HIS C 209 -28.84 12.99 13.03
CA HIS C 209 -27.69 13.41 13.82
C HIS C 209 -27.93 14.72 14.57
N ARG C 210 -28.84 15.56 14.08
CA ARG C 210 -29.08 16.84 14.75
C ARG C 210 -29.82 16.68 16.06
N HIS C 211 -30.48 15.55 16.28
CA HIS C 211 -31.30 15.37 17.48
C HIS C 211 -30.65 14.38 18.45
N MET C 212 -29.39 14.62 18.82
CA MET C 212 -28.68 13.74 19.74
C MET C 212 -27.57 14.53 20.40
N ASN C 213 -27.16 14.07 21.57
CA ASN C 213 -26.08 14.70 22.31
C ASN C 213 -24.74 14.12 21.90
N GLY C 214 -23.67 14.79 22.34
CA GLY C 214 -22.33 14.30 22.15
C GLY C 214 -21.57 14.38 23.46
N TYR C 215 -20.71 13.39 23.67
CA TYR C 215 -19.92 13.33 24.88
C TYR C 215 -18.51 12.90 24.52
N GLY C 216 -17.53 13.40 25.29
CA GLY C 216 -16.21 12.80 25.25
C GLY C 216 -16.11 11.47 25.96
N SER C 217 -17.14 11.10 26.72
CA SER C 217 -17.21 9.82 27.42
C SER C 217 -16.09 9.64 28.44
N HIS C 218 -14.84 9.76 27.99
CA HIS C 218 -13.70 9.58 28.87
C HIS C 218 -13.58 10.74 29.86
N THR C 219 -12.89 10.47 30.95
CA THR C 219 -12.34 11.52 31.79
C THR C 219 -11.07 12.04 31.15
N PHE C 220 -10.97 13.35 30.99
CA PHE C 220 -9.77 14.00 30.47
C PHE C 220 -9.16 14.84 31.58
N LYS C 221 -8.10 15.59 31.24
CA LYS C 221 -7.43 16.45 32.18
C LYS C 221 -7.30 17.84 31.59
N LEU C 222 -7.53 18.87 32.41
CA LEU C 222 -7.40 20.27 32.02
C LEU C 222 -6.32 20.93 32.86
N VAL C 223 -5.38 21.58 32.21
CA VAL C 223 -4.24 22.23 32.87
C VAL C 223 -4.34 23.73 32.60
N ASN C 224 -4.29 24.53 33.66
CA ASN C 224 -4.35 25.97 33.52
C ASN C 224 -2.94 26.57 33.42
N ALA C 225 -2.89 27.90 33.34
CA ALA C 225 -1.62 28.59 33.11
C ALA C 225 -0.65 28.44 34.27
N ASN C 226 -1.12 28.05 35.44
CA ASN C 226 -0.26 27.90 36.61
C ASN C 226 0.26 26.49 36.80
N GLY C 227 -0.16 25.54 35.98
CA GLY C 227 0.24 24.16 36.12
C GLY C 227 -0.67 23.31 36.98
N GLU C 228 -1.84 23.82 37.34
CA GLU C 228 -2.81 23.07 38.13
C GLU C 228 -3.77 22.32 37.20
N ALA C 229 -4.17 21.12 37.62
CA ALA C 229 -4.95 20.25 36.76
C ALA C 229 -6.18 19.71 37.50
N VAL C 230 -7.21 19.40 36.72
CA VAL C 230 -8.41 18.74 37.19
C VAL C 230 -8.78 17.65 36.20
N TYR C 231 -9.81 16.89 36.55
CA TYR C 231 -10.35 15.83 35.71
C TYR C 231 -11.71 16.27 35.18
N CYS C 232 -11.86 16.31 33.86
CA CYS C 232 -13.04 16.89 33.24
C CYS C 232 -13.75 15.89 32.34
N LYS C 233 -15.02 16.18 32.08
CA LYS C 233 -15.84 15.45 31.13
C LYS C 233 -16.40 16.45 30.13
N PHE C 234 -16.33 16.11 28.85
CA PHE C 234 -16.84 16.99 27.80
C PHE C 234 -18.28 16.63 27.45
N HIS C 235 -19.13 17.65 27.37
CA HIS C 235 -20.54 17.50 27.02
C HIS C 235 -20.90 18.51 25.94
N TYR C 236 -21.61 18.04 24.91
CA TYR C 236 -22.26 18.95 23.96
C TYR C 236 -23.68 18.48 23.75
N LYS C 237 -24.64 19.32 24.12
CA LYS C 237 -26.06 18.99 24.08
C LYS C 237 -26.71 19.58 22.84
N THR C 238 -27.57 18.80 22.19
CA THR C 238 -28.27 19.28 21.01
C THR C 238 -29.21 20.42 21.39
N ASP C 239 -29.13 21.51 20.63
CA ASP C 239 -30.08 22.61 20.73
C ASP C 239 -31.32 22.37 19.89
N GLN C 240 -31.41 21.21 19.25
CA GLN C 240 -32.54 20.83 18.42
C GLN C 240 -33.53 19.94 19.17
N GLY C 241 -33.19 19.49 20.36
CA GLY C 241 -34.05 18.63 21.15
C GLY C 241 -33.78 17.16 20.93
N ILE C 242 -33.84 16.37 22.02
CA ILE C 242 -33.73 14.92 21.89
C ILE C 242 -34.91 14.40 21.10
N LYS C 243 -34.64 13.70 20.01
CA LYS C 243 -35.70 13.17 19.16
C LYS C 243 -35.25 11.82 18.61
N ASN C 244 -36.08 10.80 18.81
CA ASN C 244 -35.75 9.44 18.42
C ASN C 244 -36.77 8.91 17.41
N LEU C 245 -36.40 7.82 16.75
CA LEU C 245 -37.27 7.11 15.85
C LEU C 245 -37.79 5.85 16.52
N SER C 246 -39.07 5.55 16.30
CA SER C 246 -39.61 4.30 16.80
C SER C 246 -38.97 3.12 16.06
N VAL C 247 -39.02 1.95 16.70
CA VAL C 247 -38.50 0.74 16.08
C VAL C 247 -39.21 0.48 14.75
N GLU C 248 -40.51 0.80 14.69
CA GLU C 248 -41.27 0.59 13.47
C GLU C 248 -40.82 1.55 12.36
N ASP C 249 -40.70 2.84 12.68
CA ASP C 249 -40.29 3.81 11.68
C ASP C 249 -38.83 3.64 11.31
N ALA C 250 -37.97 3.30 12.27
CA ALA C 250 -36.58 3.05 11.96
C ALA C 250 -36.43 1.86 11.01
N ALA C 251 -37.21 0.81 11.24
CA ALA C 251 -37.23 -0.31 10.31
C ALA C 251 -37.65 0.15 8.92
N ARG C 252 -38.72 0.93 8.85
CA ARG C 252 -39.21 1.43 7.56
C ARG C 252 -38.15 2.25 6.85
N LEU C 253 -37.56 3.22 7.56
CA LEU C 253 -36.60 4.12 6.92
C LEU C 253 -35.32 3.39 6.49
N SER C 254 -34.95 2.32 7.21
CA SER C 254 -33.76 1.57 6.82
C SER C 254 -33.92 0.97 5.42
N GLN C 255 -35.15 0.74 4.98
CA GLN C 255 -35.43 0.28 3.63
C GLN C 255 -35.73 1.42 2.68
N GLU C 256 -36.59 2.37 3.10
CA GLU C 256 -37.00 3.45 2.22
C GLU C 256 -35.84 4.38 1.88
N ASP C 257 -35.07 4.78 2.90
CA ASP C 257 -33.96 5.72 2.72
C ASP C 257 -32.80 5.25 3.58
N PRO C 258 -31.92 4.41 3.05
CA PRO C 258 -30.77 3.94 3.86
C PRO C 258 -29.89 5.08 4.34
N ASP C 259 -29.83 6.18 3.61
CA ASP C 259 -29.01 7.32 3.99
C ASP C 259 -29.86 8.46 4.53
N TYR C 260 -30.65 8.16 5.56
CA TYR C 260 -31.54 9.17 6.15
C TYR C 260 -30.74 10.26 6.85
N GLY C 261 -29.79 9.87 7.70
CA GLY C 261 -29.02 10.86 8.45
C GLY C 261 -28.14 11.72 7.56
N ILE C 262 -27.51 11.11 6.55
CA ILE C 262 -26.70 11.88 5.61
C ILE C 262 -27.56 12.91 4.89
N ARG C 263 -28.73 12.48 4.40
CA ARG C 263 -29.64 13.39 3.73
C ARG C 263 -30.19 14.44 4.68
N ASP C 264 -30.59 14.01 5.89
CA ASP C 264 -31.24 14.92 6.83
C ASP C 264 -30.32 16.09 7.20
N LEU C 265 -29.07 15.77 7.54
CA LEU C 265 -28.13 16.82 7.92
C LEU C 265 -27.82 17.74 6.74
N PHE C 266 -27.73 17.18 5.52
CA PHE C 266 -27.33 17.99 4.38
C PHE C 266 -28.38 19.04 4.04
N ASN C 267 -29.66 18.67 4.09
CA ASN C 267 -30.71 19.61 3.73
C ASN C 267 -30.87 20.69 4.78
N ALA C 268 -30.70 20.34 6.05
CA ALA C 268 -30.83 21.31 7.13
C ALA C 268 -29.80 22.43 6.98
N ILE C 269 -28.55 22.08 6.68
CA ILE C 269 -27.52 23.09 6.45
C ILE C 269 -27.79 23.84 5.16
N ALA C 270 -28.32 23.16 4.14
CA ALA C 270 -28.54 23.77 2.84
C ALA C 270 -29.76 24.67 2.79
N THR C 271 -30.65 24.61 3.78
CA THR C 271 -31.78 25.54 3.89
C THR C 271 -31.54 26.62 4.94
N GLY C 272 -30.35 26.66 5.54
CA GLY C 272 -30.05 27.64 6.56
C GLY C 272 -30.37 27.24 7.98
N LYS C 273 -30.96 26.06 8.19
CA LYS C 273 -31.31 25.60 9.53
C LYS C 273 -30.09 24.92 10.17
N TYR C 274 -29.12 25.75 10.51
CA TYR C 274 -27.86 25.27 11.05
C TYR C 274 -28.05 24.70 12.44
N PRO C 275 -27.71 23.43 12.67
CA PRO C 275 -27.81 22.88 14.03
C PRO C 275 -26.69 23.38 14.91
N SER C 276 -26.96 23.39 16.22
CA SER C 276 -25.99 23.82 17.20
C SER C 276 -26.00 22.88 18.40
N TRP C 277 -24.87 22.84 19.10
CA TRP C 277 -24.69 22.05 20.30
C TRP C 277 -24.00 22.90 21.35
N THR C 278 -24.59 22.98 22.54
CA THR C 278 -24.02 23.78 23.62
C THR C 278 -22.97 22.96 24.36
N PHE C 279 -21.76 23.52 24.46
CA PHE C 279 -20.60 22.79 24.96
C PHE C 279 -20.47 23.01 26.47
N TYR C 280 -20.54 21.93 27.24
CA TYR C 280 -20.38 21.98 28.69
C TYR C 280 -19.16 21.19 29.11
N ILE C 281 -18.77 21.35 30.38
CA ILE C 281 -17.74 20.52 30.99
C ILE C 281 -18.16 20.20 32.42
N GLN C 282 -18.02 18.94 32.80
CA GLN C 282 -18.02 18.56 34.21
C GLN C 282 -16.59 18.65 34.72
N VAL C 283 -16.44 18.98 36.00
CA VAL C 283 -15.12 19.21 36.58
C VAL C 283 -15.03 18.50 37.92
N MET C 284 -13.97 17.71 38.10
CA MET C 284 -13.72 16.99 39.35
C MET C 284 -12.26 17.21 39.74
N THR C 285 -12.06 17.78 40.93
CA THR C 285 -10.71 17.98 41.44
C THR C 285 -10.06 16.64 41.80
N PHE C 286 -8.75 16.69 42.07
CA PHE C 286 -8.03 15.46 42.39
C PHE C 286 -8.43 14.91 43.76
N ASN C 287 -8.89 15.78 44.67
CA ASN C 287 -9.39 15.31 45.95
C ASN C 287 -10.66 14.49 45.77
N GLN C 288 -11.64 15.04 45.06
CA GLN C 288 -12.86 14.29 44.77
C GLN C 288 -12.55 13.03 43.98
N ALA C 289 -11.46 13.03 43.19
CA ALA C 289 -11.11 11.84 42.44
C ALA C 289 -10.78 10.68 43.38
N GLU C 290 -10.08 10.97 44.48
CA GLU C 290 -9.78 9.92 45.45
C GLU C 290 -10.99 9.52 46.28
N THR C 291 -12.07 10.31 46.24
CA THR C 291 -13.26 10.02 47.03
C THR C 291 -14.41 9.45 46.22
N PHE C 292 -14.30 9.44 44.89
CA PHE C 292 -15.37 8.94 44.05
C PHE C 292 -15.64 7.47 44.36
N PRO C 293 -16.91 7.08 44.56
CA PRO C 293 -17.20 5.71 45.00
C PRO C 293 -16.79 4.64 44.00
N PHE C 294 -16.55 5.01 42.75
CA PHE C 294 -16.08 4.09 41.72
C PHE C 294 -14.70 4.55 41.26
N ASN C 295 -14.23 3.95 40.17
CA ASN C 295 -13.08 4.50 39.47
C ASN C 295 -13.55 5.65 38.60
N PRO C 296 -13.15 6.89 38.88
CA PRO C 296 -13.55 8.01 38.00
C PRO C 296 -13.06 7.85 36.57
N PHE C 297 -12.11 6.93 36.33
CA PHE C 297 -11.63 6.61 34.99
C PHE C 297 -12.27 5.36 34.41
N ASP C 298 -13.38 4.90 35.01
CA ASP C 298 -14.14 3.77 34.51
C ASP C 298 -15.10 4.26 33.42
N LEU C 299 -14.83 3.87 32.18
CA LEU C 299 -15.67 4.30 31.06
C LEU C 299 -17.08 3.72 31.14
N THR C 300 -17.35 2.82 32.08
CA THR C 300 -18.69 2.26 32.22
C THR C 300 -19.52 3.02 33.23
N LYS C 301 -19.11 4.22 33.63
CA LYS C 301 -19.78 4.96 34.67
C LYS C 301 -19.74 6.45 34.36
N VAL C 302 -20.76 7.15 34.83
CA VAL C 302 -20.89 8.59 34.63
C VAL C 302 -20.75 9.28 35.98
N TRP C 303 -20.37 10.55 35.92
CA TRP C 303 -20.39 11.39 37.11
C TRP C 303 -21.80 11.96 37.29
N PRO C 304 -22.49 11.64 38.39
CA PRO C 304 -23.87 12.13 38.55
C PRO C 304 -23.94 13.65 38.50
N HIS C 305 -24.86 14.16 37.68
CA HIS C 305 -24.98 15.60 37.47
C HIS C 305 -25.27 16.34 38.78
N LYS C 306 -26.02 15.71 39.69
CA LYS C 306 -26.32 16.33 40.98
C LYS C 306 -25.03 16.62 41.75
N ASP C 307 -24.07 15.70 41.70
CA ASP C 307 -22.80 15.89 42.37
C ASP C 307 -21.78 16.65 41.52
N TYR C 308 -21.93 16.62 40.20
CA TYR C 308 -20.99 17.27 39.29
C TYR C 308 -21.79 17.99 38.21
N PRO C 309 -22.14 19.25 38.44
CA PRO C 309 -23.01 19.95 37.50
C PRO C 309 -22.27 20.38 36.24
N LEU C 310 -23.05 20.81 35.26
CA LEU C 310 -22.53 21.19 33.95
C LEU C 310 -22.08 22.65 33.96
N ILE C 311 -20.83 22.87 33.56
CA ILE C 311 -20.26 24.21 33.45
C ILE C 311 -20.20 24.56 31.97
N PRO C 312 -20.86 25.63 31.53
CA PRO C 312 -20.91 25.94 30.08
C PRO C 312 -19.61 26.54 29.59
N VAL C 313 -19.34 26.30 28.30
CA VAL C 313 -18.11 26.77 27.67
C VAL C 313 -18.44 27.51 26.38
N GLY C 314 -19.28 26.90 25.54
CA GLY C 314 -19.60 27.52 24.28
C GLY C 314 -20.59 26.69 23.49
N LYS C 315 -20.60 26.88 22.18
CA LYS C 315 -21.49 26.11 21.33
C LYS C 315 -20.80 25.72 20.02
N LEU C 316 -21.10 24.51 19.55
CA LEU C 316 -20.66 24.03 18.25
C LEU C 316 -21.74 24.31 17.24
N VAL C 317 -21.34 24.77 16.05
CA VAL C 317 -22.29 25.20 15.02
C VAL C 317 -21.86 24.61 13.69
N LEU C 318 -22.74 23.83 13.06
CA LEU C 318 -22.48 23.25 11.75
C LEU C 318 -23.25 24.07 10.71
N ASN C 319 -22.52 24.75 9.82
CA ASN C 319 -23.15 25.64 8.85
C ASN C 319 -22.61 25.48 7.43
N ARG C 320 -21.77 24.49 7.17
CA ARG C 320 -21.23 24.30 5.82
C ARG C 320 -21.21 22.81 5.50
N ASN C 321 -21.81 22.44 4.37
CA ASN C 321 -21.77 21.08 3.89
C ASN C 321 -20.47 20.82 3.15
N PRO C 322 -20.02 19.57 3.12
CA PRO C 322 -18.81 19.25 2.33
C PRO C 322 -19.05 19.45 0.84
N VAL C 323 -17.99 19.79 0.14
CA VAL C 323 -18.05 19.95 -1.31
C VAL C 323 -17.79 18.62 -2.01
N ASN C 324 -16.88 17.82 -1.49
CA ASN C 324 -16.61 16.47 -1.99
C ASN C 324 -16.61 15.53 -0.78
N TYR C 325 -17.56 14.60 -0.76
CA TYR C 325 -17.71 13.69 0.39
C TYR C 325 -16.46 12.85 0.60
N PHE C 326 -15.91 12.28 -0.48
CA PHE C 326 -14.76 11.39 -0.33
C PHE C 326 -13.57 12.14 0.25
N ALA C 327 -13.27 13.32 -0.30
CA ALA C 327 -12.09 14.05 0.12
C ALA C 327 -12.25 14.67 1.50
N GLU C 328 -13.46 15.08 1.87
CA GLU C 328 -13.67 15.84 3.09
C GLU C 328 -14.28 15.02 4.23
N VAL C 329 -14.96 13.90 3.93
CA VAL C 329 -15.66 13.12 4.93
C VAL C 329 -15.09 11.71 5.02
N GLU C 330 -15.01 11.01 3.88
CA GLU C 330 -14.46 9.65 3.88
C GLU C 330 -13.00 9.66 4.28
N GLN C 331 -12.27 10.71 3.92
CA GLN C 331 -10.85 10.79 4.18
C GLN C 331 -10.49 11.53 5.47
N ILE C 332 -11.47 12.07 6.19
CA ILE C 332 -11.16 12.78 7.42
C ILE C 332 -10.70 11.79 8.49
N ALA C 333 -9.80 12.24 9.35
CA ALA C 333 -9.16 11.37 10.34
C ALA C 333 -9.10 12.09 11.69
N PHE C 334 -9.66 11.46 12.71
CA PHE C 334 -9.65 12.00 14.07
C PHE C 334 -8.76 11.16 14.95
N ASP C 335 -7.88 11.82 15.71
CA ASP C 335 -6.93 11.13 16.60
C ASP C 335 -7.11 11.65 18.02
N PRO C 336 -7.64 10.82 18.93
CA PRO C 336 -7.73 11.26 20.35
C PRO C 336 -6.42 11.76 20.92
N SER C 337 -5.30 11.31 20.37
CA SER C 337 -3.99 11.79 20.77
C SER C 337 -3.68 13.18 20.24
N ASN C 338 -4.59 13.80 19.48
CA ASN C 338 -4.42 15.18 19.03
C ASN C 338 -4.98 16.09 20.12
N MET C 339 -4.13 16.48 21.06
CA MET C 339 -4.54 17.33 22.18
C MET C 339 -3.58 18.50 22.35
N PRO C 340 -4.08 19.73 22.38
CA PRO C 340 -3.22 20.88 22.63
C PRO C 340 -2.89 21.03 24.10
N PRO C 341 -1.89 21.83 24.46
CA PRO C 341 -1.59 22.04 25.87
C PRO C 341 -2.80 22.63 26.60
N GLY C 342 -2.90 22.30 27.89
CA GLY C 342 -4.11 22.54 28.63
C GLY C 342 -5.15 21.46 28.49
N ILE C 343 -4.90 20.45 27.66
CA ILE C 343 -5.78 19.31 27.45
C ILE C 343 -4.92 18.07 27.33
N GLU C 344 -5.09 17.12 28.24
CA GLU C 344 -4.30 15.89 28.25
C GLU C 344 -5.23 14.72 28.53
N ALA C 345 -4.66 13.52 28.56
CA ALA C 345 -5.44 12.33 28.85
C ALA C 345 -5.35 11.96 30.31
N SER C 346 -6.42 11.35 30.82
CA SER C 346 -6.43 10.74 32.14
C SER C 346 -5.99 9.29 32.04
N PRO C 347 -5.73 8.63 33.17
CA PRO C 347 -5.33 7.21 33.10
C PRO C 347 -6.47 6.27 32.76
N ASP C 348 -7.52 6.77 32.12
CA ASP C 348 -8.60 5.93 31.62
C ASP C 348 -8.03 4.88 30.69
N LYS C 349 -8.12 3.61 31.09
CA LYS C 349 -7.51 2.53 30.30
C LYS C 349 -8.05 2.52 28.88
N MET C 350 -9.34 2.81 28.69
CA MET C 350 -9.91 2.84 27.35
C MET C 350 -9.34 3.99 26.54
N LEU C 351 -9.13 5.15 27.17
CA LEU C 351 -8.52 6.26 26.47
C LEU C 351 -7.06 6.00 26.14
N GLN C 352 -6.38 5.20 26.98
CA GLN C 352 -4.97 4.92 26.74
C GLN C 352 -4.78 4.10 25.47
N GLY C 353 -5.63 3.08 25.27
CA GLY C 353 -5.52 2.28 24.06
C GLY C 353 -5.83 3.07 22.80
N ARG C 354 -6.79 4.00 22.88
CA ARG C 354 -7.13 4.81 21.72
C ARG C 354 -6.02 5.76 21.33
N LEU C 355 -5.09 6.06 22.25
CA LEU C 355 -3.97 6.91 21.90
C LEU C 355 -3.10 6.28 20.81
N PHE C 356 -3.05 4.95 20.78
CA PHE C 356 -2.27 4.24 19.77
C PHE C 356 -3.09 3.92 18.53
N ALA C 357 -4.37 3.54 18.72
CA ALA C 357 -5.13 2.88 17.67
C ALA C 357 -5.36 3.79 16.46
N TYR C 358 -5.80 5.03 16.71
CA TYR C 358 -6.24 5.88 15.60
C TYR C 358 -5.09 6.27 14.69
N PRO C 359 -4.00 6.89 15.17
CA PRO C 359 -2.89 7.17 14.24
C PRO C 359 -2.32 5.91 13.62
N ASP C 360 -2.37 4.79 14.34
CA ASP C 360 -1.94 3.53 13.76
C ASP C 360 -2.85 3.11 12.62
N THR C 361 -4.17 3.07 12.87
CA THR C 361 -5.12 2.68 11.83
C THR C 361 -5.20 3.73 10.72
N HIS C 362 -4.85 4.98 11.00
CA HIS C 362 -4.91 6.01 9.97
C HIS C 362 -3.73 5.89 9.01
N ARG C 363 -2.56 5.53 9.52
CA ARG C 363 -1.44 5.23 8.63
C ARG C 363 -1.74 4.03 7.74
N HIS C 364 -2.69 3.19 8.13
CA HIS C 364 -3.10 2.06 7.30
C HIS C 364 -4.22 2.44 6.33
N ARG C 365 -5.28 3.06 6.83
CA ARG C 365 -6.45 3.33 5.99
C ARG C 365 -6.14 4.36 4.91
N LEU C 366 -5.49 5.45 5.28
CA LEU C 366 -5.23 6.55 4.36
C LEU C 366 -3.80 6.54 3.81
N GLY C 367 -2.82 6.34 4.67
CA GLY C 367 -1.43 6.35 4.25
C GLY C 367 -0.55 7.02 5.30
N PRO C 368 0.76 6.76 5.23
CA PRO C 368 1.67 7.32 6.23
C PRO C 368 1.58 8.84 6.39
N ASN C 369 1.40 9.57 5.29
CA ASN C 369 1.30 11.03 5.33
C ASN C 369 -0.15 11.50 5.26
N TYR C 370 -1.05 10.85 6.01
CA TYR C 370 -2.46 11.22 5.98
C TYR C 370 -2.71 12.61 6.55
N LEU C 371 -1.83 13.12 7.41
CA LEU C 371 -1.96 14.48 7.91
C LEU C 371 -1.74 15.52 6.82
N HIS C 372 -1.22 15.12 5.66
CA HIS C 372 -1.10 16.03 4.52
C HIS C 372 -2.41 16.15 3.74
N ILE C 373 -3.38 15.28 3.99
CA ILE C 373 -4.71 15.47 3.41
C ILE C 373 -5.29 16.78 3.94
N PRO C 374 -5.89 17.62 3.10
CA PRO C 374 -6.28 18.97 3.56
C PRO C 374 -7.20 18.99 4.76
N VAL C 375 -8.30 18.23 4.74
CA VAL C 375 -9.25 18.28 5.84
C VAL C 375 -8.63 17.80 7.14
N ASN C 376 -7.50 17.10 7.07
CA ASN C 376 -6.75 16.71 8.25
C ASN C 376 -5.61 17.66 8.56
N CYS C 377 -5.28 18.57 7.66
CA CYS C 377 -4.17 19.49 7.87
C CYS C 377 -4.47 20.43 9.02
N PRO C 378 -3.55 20.60 9.97
CA PRO C 378 -3.71 21.66 11.00
C PRO C 378 -3.37 23.02 10.41
N TYR C 379 -4.26 23.50 9.55
CA TYR C 379 -3.96 24.67 8.72
C TYR C 379 -3.94 25.98 9.49
N ARG C 380 -4.21 25.98 10.78
CA ARG C 380 -4.10 27.19 11.59
C ARG C 380 -2.86 27.19 12.47
N ALA C 381 -1.98 26.21 12.30
CA ALA C 381 -0.67 26.19 12.95
C ALA C 381 0.38 25.83 11.91
N ARG C 382 1.60 26.30 12.13
CA ARG C 382 2.69 26.07 11.20
C ARG C 382 3.41 24.79 11.61
N VAL C 383 3.25 23.74 10.81
CA VAL C 383 3.92 22.47 11.10
C VAL C 383 5.41 22.63 10.87
N ALA C 384 6.19 22.28 11.90
CA ALA C 384 7.64 22.42 11.82
C ALA C 384 8.26 21.37 12.75
N ASN C 385 8.89 20.36 12.16
CA ASN C 385 9.46 19.27 12.93
C ASN C 385 10.61 18.66 12.14
N TYR C 386 11.04 17.48 12.56
CA TYR C 386 12.15 16.77 11.94
C TYR C 386 11.71 15.44 11.33
N GLN C 387 10.44 15.38 10.91
CA GLN C 387 9.92 14.26 10.13
C GLN C 387 10.04 14.58 8.65
N ARG C 388 10.34 13.55 7.85
CA ARG C 388 10.63 13.74 6.43
C ARG C 388 10.09 12.58 5.61
N ASP C 389 9.89 12.85 4.32
CA ASP C 389 9.64 11.85 3.29
C ASP C 389 8.36 11.05 3.53
N GLY C 390 8.39 9.76 3.19
CA GLY C 390 7.21 8.92 3.31
C GLY C 390 6.41 8.84 2.04
N PRO C 391 5.55 7.82 1.93
CA PRO C 391 4.73 7.67 0.72
C PRO C 391 3.79 8.85 0.52
N MET C 392 3.71 9.32 -0.72
CA MET C 392 2.87 10.44 -1.11
C MET C 392 3.16 11.67 -0.25
N CYS C 393 4.43 12.07 -0.25
CA CYS C 393 4.85 13.30 0.40
C CYS C 393 4.35 14.49 -0.42
N MET C 394 3.52 15.32 0.16
CA MET C 394 2.75 16.28 -0.58
C MET C 394 3.27 17.69 -0.69
N GLN C 395 3.63 18.31 0.39
CA GLN C 395 4.10 19.68 0.36
C GLN C 395 5.56 19.54 0.06
N ASP C 396 6.29 20.62 0.39
CA ASP C 396 7.70 20.78 0.16
C ASP C 396 8.62 19.83 0.95
N ASN C 397 8.05 19.04 1.82
CA ASN C 397 8.82 18.16 2.70
C ASN C 397 9.74 18.97 3.61
N GLN C 398 9.29 20.18 3.95
CA GLN C 398 10.01 21.17 4.75
C GLN C 398 11.33 21.58 4.10
N GLY C 399 11.43 21.48 2.78
CA GLY C 399 12.51 22.11 2.03
C GLY C 399 13.88 21.60 2.42
N GLY C 400 14.84 22.52 2.45
CA GLY C 400 16.19 22.21 2.88
C GLY C 400 16.44 22.38 4.36
N ALA C 401 15.40 22.41 5.19
CA ALA C 401 15.59 22.62 6.62
C ALA C 401 16.35 21.43 7.21
N PRO C 402 17.26 21.67 8.15
CA PRO C 402 17.98 20.56 8.77
C PRO C 402 17.03 19.58 9.43
N ASN C 403 17.28 18.28 9.22
CA ASN C 403 16.35 17.22 9.58
C ASN C 403 16.75 16.45 10.83
N TYR C 404 17.55 17.06 11.72
CA TYR C 404 18.03 16.38 12.91
C TYR C 404 18.01 17.35 14.09
N TYR C 405 17.69 16.82 15.27
CA TYR C 405 17.52 17.61 16.48
C TYR C 405 18.29 16.95 17.61
N PRO C 406 19.14 17.70 18.34
CA PRO C 406 19.41 19.14 18.21
C PRO C 406 20.28 19.49 16.99
N ASN C 407 20.36 20.77 16.64
CA ASN C 407 21.15 21.22 15.50
C ASN C 407 21.57 22.67 15.71
N SER C 408 22.67 23.04 15.06
CA SER C 408 23.25 24.37 15.19
C SER C 408 22.92 25.28 14.02
N PHE C 409 21.81 25.02 13.32
CA PHE C 409 21.54 25.72 12.06
C PHE C 409 20.12 26.29 12.04
N GLY C 410 19.56 26.59 13.21
CA GLY C 410 18.34 27.37 13.28
C GLY C 410 17.06 26.66 12.89
N ALA C 411 17.01 25.34 13.05
CA ALA C 411 15.82 24.56 12.75
C ALA C 411 14.87 24.61 13.94
N PRO C 412 13.63 24.13 13.79
CA PRO C 412 12.63 24.25 14.88
C PRO C 412 13.13 23.75 16.22
N GLU C 413 12.61 24.36 17.29
CA GLU C 413 13.06 24.16 18.66
C GLU C 413 11.89 23.84 19.56
N GLN C 414 12.11 22.92 20.49
CA GLN C 414 11.13 22.67 21.55
C GLN C 414 10.97 23.92 22.40
N GLN C 415 9.78 24.11 22.96
CA GLN C 415 9.55 25.22 23.88
C GLN C 415 8.97 24.68 25.18
N PRO C 416 9.53 25.07 26.33
CA PRO C 416 9.09 24.48 27.60
C PRO C 416 7.67 24.85 28.01
N SER C 417 7.06 25.87 27.37
CA SER C 417 5.72 26.26 27.76
C SER C 417 4.67 25.22 27.39
N ALA C 418 5.01 24.27 26.52
CA ALA C 418 4.08 23.23 26.08
C ALA C 418 4.29 21.91 26.81
N LEU C 419 5.13 21.90 27.84
CA LEU C 419 5.51 20.65 28.51
C LEU C 419 4.31 20.01 29.20
N GLU C 420 4.32 18.69 29.25
CA GLU C 420 3.17 17.95 29.75
C GLU C 420 3.07 18.04 31.27
N HIS C 421 1.84 18.02 31.75
CA HIS C 421 1.57 18.04 33.19
C HIS C 421 2.02 16.72 33.83
N SER C 422 2.56 16.81 35.05
CA SER C 422 3.19 15.69 35.71
C SER C 422 2.30 15.16 36.84
N ILE C 423 2.11 13.84 36.87
CA ILE C 423 1.40 13.17 37.94
C ILE C 423 2.27 12.03 38.47
N GLN C 424 2.24 11.83 39.78
CA GLN C 424 2.97 10.75 40.45
C GLN C 424 2.10 9.50 40.52
N TYR C 425 2.68 8.35 40.14
CA TYR C 425 1.99 7.07 40.19
C TYR C 425 2.86 6.05 40.92
N SER C 426 2.20 5.11 41.59
CA SER C 426 2.87 4.12 42.41
C SER C 426 2.19 2.76 42.28
N GLY C 427 2.97 1.70 42.34
CA GLY C 427 2.43 0.35 42.38
C GLY C 427 3.27 -0.62 41.57
N GLU C 428 2.75 -1.84 41.45
CA GLU C 428 3.35 -2.84 40.59
C GLU C 428 2.98 -2.59 39.14
N VAL C 429 3.91 -2.87 38.24
CA VAL C 429 3.63 -2.87 36.81
C VAL C 429 3.15 -4.27 36.45
N ARG C 430 1.86 -4.39 36.15
CA ARG C 430 1.23 -5.69 35.93
C ARG C 430 -0.15 -5.45 35.32
N ARG C 431 -0.86 -6.54 35.07
CA ARG C 431 -2.19 -6.50 34.49
C ARG C 431 -3.21 -6.58 35.62
N PHE C 432 -3.82 -5.45 35.95
CA PHE C 432 -4.82 -5.37 37.00
C PHE C 432 -6.19 -5.70 36.43
N ASN C 433 -6.89 -6.62 37.07
CA ASN C 433 -8.20 -7.06 36.60
C ASN C 433 -9.27 -6.06 37.01
N THR C 434 -10.10 -5.66 36.05
CA THR C 434 -11.24 -4.79 36.32
C THR C 434 -12.56 -5.41 35.87
N ALA C 435 -12.56 -6.71 35.56
CA ALA C 435 -13.80 -7.35 35.12
C ALA C 435 -14.85 -7.30 36.23
N ASN C 436 -14.42 -7.42 37.48
CA ASN C 436 -15.34 -7.46 38.61
C ASN C 436 -15.45 -6.11 39.32
N ASP C 437 -15.26 -5.01 38.59
CA ASP C 437 -15.62 -3.71 39.13
C ASP C 437 -17.14 -3.63 39.26
N ASP C 438 -17.66 -2.53 39.80
CA ASP C 438 -19.10 -2.37 39.89
C ASP C 438 -19.71 -2.42 38.49
N ASN C 439 -20.60 -3.40 38.28
CA ASN C 439 -21.25 -3.58 36.99
C ASN C 439 -22.75 -3.28 37.02
N VAL C 440 -23.32 -2.98 38.18
CA VAL C 440 -24.77 -2.95 38.32
C VAL C 440 -25.30 -1.69 38.97
N THR C 441 -24.50 -0.93 39.75
CA THR C 441 -25.04 0.15 40.57
C THR C 441 -25.74 1.21 39.73
N GLN C 442 -25.00 1.84 38.81
CA GLN C 442 -25.58 2.88 37.96
C GLN C 442 -26.54 2.31 36.92
N VAL C 443 -26.41 1.03 36.57
CA VAL C 443 -27.36 0.41 35.65
C VAL C 443 -28.74 0.38 36.28
N ARG C 444 -28.81 0.10 37.59
CA ARG C 444 -30.09 0.09 38.28
C ARG C 444 -30.68 1.49 38.32
N ALA C 445 -29.86 2.50 38.60
CA ALA C 445 -30.36 3.88 38.63
C ALA C 445 -30.99 4.27 37.31
N PHE C 446 -30.39 3.83 36.19
CA PHE C 446 -30.95 4.17 34.89
C PHE C 446 -32.22 3.38 34.61
N TYR C 447 -32.29 2.13 35.06
CA TYR C 447 -33.48 1.32 34.80
C TYR C 447 -34.69 1.80 35.61
N VAL C 448 -34.46 2.34 36.81
CA VAL C 448 -35.56 2.58 37.73
C VAL C 448 -35.96 4.06 37.77
N ASN C 449 -35.02 4.95 37.48
CA ASN C 449 -35.27 6.38 37.62
C ASN C 449 -35.25 7.14 36.30
N VAL C 450 -34.25 6.90 35.45
CA VAL C 450 -34.19 7.64 34.18
C VAL C 450 -35.30 7.20 33.25
N LEU C 451 -35.71 5.94 33.32
CA LEU C 451 -36.76 5.40 32.48
C LEU C 451 -38.05 5.27 33.27
N ASN C 452 -39.17 5.53 32.60
CA ASN C 452 -40.48 5.30 33.19
C ASN C 452 -40.91 3.86 32.91
N GLU C 453 -42.15 3.52 33.25
CA GLU C 453 -42.63 2.16 32.98
C GLU C 453 -42.78 1.91 31.49
N GLU C 454 -43.11 2.94 30.71
CA GLU C 454 -43.31 2.76 29.28
C GLU C 454 -41.99 2.52 28.57
N GLN C 455 -40.92 3.21 29.00
CA GLN C 455 -39.61 3.02 28.40
C GLN C 455 -38.95 1.72 28.85
N ARG C 456 -39.25 1.26 30.07
CA ARG C 456 -38.70 -0.02 30.51
C ARG C 456 -39.26 -1.17 29.68
N LYS C 457 -40.53 -1.06 29.29
CA LYS C 457 -41.12 -2.11 28.47
C LYS C 457 -40.48 -2.15 27.08
N ARG C 458 -40.36 -1.00 26.43
CA ARG C 458 -39.69 -0.94 25.14
C ARG C 458 -38.24 -1.41 25.27
N LEU C 459 -37.57 -1.02 26.35
CA LEU C 459 -36.20 -1.48 26.59
C LEU C 459 -36.14 -3.01 26.66
N CYS C 460 -37.02 -3.61 27.47
CA CYS C 460 -37.04 -5.06 27.59
C CYS C 460 -37.43 -5.72 26.27
N GLU C 461 -38.40 -5.14 25.56
CA GLU C 461 -38.85 -5.74 24.31
C GLU C 461 -37.79 -5.67 23.23
N ASN C 462 -36.90 -4.67 23.29
CA ASN C 462 -35.83 -4.57 22.31
C ASN C 462 -34.73 -5.58 22.58
N ILE C 463 -34.40 -5.81 23.85
CA ILE C 463 -33.42 -6.84 24.19
C ILE C 463 -33.97 -8.22 23.84
N ALA C 464 -35.26 -8.46 24.12
CA ALA C 464 -35.84 -9.77 23.89
C ALA C 464 -35.96 -10.07 22.40
N GLY C 465 -36.41 -9.09 21.61
CA GLY C 465 -36.57 -9.31 20.18
C GLY C 465 -35.29 -9.66 19.47
N HIS C 466 -34.14 -9.39 20.09
CA HIS C 466 -32.84 -9.73 19.54
C HIS C 466 -32.23 -10.95 20.23
N LEU C 467 -32.25 -10.97 21.57
CA LEU C 467 -31.66 -12.08 22.32
C LEU C 467 -32.37 -13.40 22.03
N LYS C 468 -33.63 -13.34 21.59
CA LYS C 468 -34.40 -14.55 21.33
C LYS C 468 -33.69 -15.48 20.35
N ASP C 469 -32.90 -14.91 19.44
CA ASP C 469 -32.24 -15.69 18.41
C ASP C 469 -30.95 -16.33 18.88
N ALA C 470 -30.51 -16.05 20.11
CA ALA C 470 -29.37 -16.74 20.67
C ALA C 470 -29.80 -18.05 21.31
N GLN C 471 -28.82 -18.92 21.56
CA GLN C 471 -29.10 -20.20 22.19
C GLN C 471 -29.62 -19.99 23.61
N ILE C 472 -30.30 -21.02 24.14
CA ILE C 472 -30.96 -20.89 25.43
C ILE C 472 -29.96 -20.62 26.54
N PHE C 473 -28.81 -21.29 26.51
CA PHE C 473 -27.84 -21.11 27.59
C PHE C 473 -27.27 -19.70 27.59
N ILE C 474 -27.26 -19.03 26.43
CA ILE C 474 -26.83 -17.64 26.39
C ILE C 474 -27.92 -16.73 26.94
N GLN C 475 -29.18 -17.04 26.65
CA GLN C 475 -30.28 -16.27 27.22
C GLN C 475 -30.29 -16.35 28.75
N LYS C 476 -30.01 -17.54 29.29
CA LYS C 476 -30.05 -17.72 30.74
C LYS C 476 -29.01 -16.86 31.44
N LYS C 477 -27.75 -16.95 30.99
CA LYS C 477 -26.69 -16.15 31.59
C LYS C 477 -26.91 -14.65 31.34
N ALA C 478 -27.58 -14.31 30.25
CA ALA C 478 -27.89 -12.90 30.00
C ALA C 478 -28.94 -12.39 30.97
N VAL C 479 -29.99 -13.18 31.23
CA VAL C 479 -31.05 -12.75 32.13
C VAL C 479 -30.53 -12.64 33.56
N LYS C 480 -29.66 -13.57 33.96
CA LYS C 480 -29.04 -13.47 35.28
C LYS C 480 -28.29 -12.15 35.45
N ASN C 481 -27.67 -11.64 34.37
CA ASN C 481 -27.04 -10.33 34.42
C ASN C 481 -28.08 -9.23 34.57
N PHE C 482 -29.16 -9.30 33.79
CA PHE C 482 -30.24 -8.33 33.94
C PHE C 482 -30.96 -8.51 35.27
N THR C 483 -31.05 -9.75 35.77
CA THR C 483 -31.60 -9.95 37.10
C THR C 483 -30.78 -9.21 38.16
N GLU C 484 -29.45 -9.24 38.04
CA GLU C 484 -28.61 -8.55 39.01
C GLU C 484 -28.81 -7.04 38.94
N VAL C 485 -29.21 -6.51 37.78
CA VAL C 485 -29.54 -5.10 37.70
C VAL C 485 -30.82 -4.80 38.46
N HIS C 486 -31.85 -5.61 38.21
CA HIS C 486 -33.12 -5.52 38.94
C HIS C 486 -33.91 -6.78 38.63
N PRO C 487 -34.53 -7.42 39.63
CA PRO C 487 -35.34 -8.61 39.34
C PRO C 487 -36.43 -8.36 38.32
N ASP C 488 -37.09 -7.20 38.38
CA ASP C 488 -38.06 -6.83 37.35
C ASP C 488 -37.41 -6.81 35.97
N TYR C 489 -36.16 -6.34 35.89
CA TYR C 489 -35.45 -6.29 34.62
C TYR C 489 -35.26 -7.70 34.05
N GLY C 490 -34.69 -8.59 34.86
CA GLY C 490 -34.46 -9.95 34.40
C GLY C 490 -35.75 -10.71 34.18
N SER C 491 -36.76 -10.47 35.01
CA SER C 491 -38.02 -11.20 34.88
C SER C 491 -38.79 -10.74 33.65
N HIS C 492 -38.81 -9.43 33.37
CA HIS C 492 -39.54 -8.91 32.22
C HIS C 492 -38.96 -9.47 30.93
N ILE C 493 -37.63 -9.48 30.81
CA ILE C 493 -37.00 -10.06 29.63
C ILE C 493 -37.33 -11.55 29.54
N GLN C 494 -37.23 -12.26 30.66
CA GLN C 494 -37.56 -13.68 30.67
C GLN C 494 -39.03 -13.90 30.32
N ALA C 495 -39.90 -12.98 30.74
CA ALA C 495 -41.31 -13.07 30.37
C ALA C 495 -41.49 -12.97 28.86
N LEU C 496 -40.74 -12.08 28.22
CA LEU C 496 -40.83 -11.94 26.77
C LEU C 496 -40.21 -13.14 26.06
N LEU C 497 -38.98 -13.50 26.46
CA LEU C 497 -38.25 -14.56 25.78
C LEU C 497 -39.06 -15.85 25.71
N ASP C 498 -39.81 -16.16 26.77
CA ASP C 498 -40.64 -17.36 26.76
C ASP C 498 -41.71 -17.29 25.68
N LYS C 499 -42.24 -16.10 25.42
CA LYS C 499 -43.21 -15.94 24.33
C LYS C 499 -42.55 -16.18 22.97
N TYR C 500 -41.35 -15.62 22.76
CA TYR C 500 -40.69 -15.77 21.48
C TYR C 500 -40.30 -17.23 21.23
N ASN C 501 -39.73 -17.90 22.22
CA ASN C 501 -39.16 -19.24 22.03
C ASN C 501 -40.22 -20.31 21.78
N ALA C 502 -41.50 -19.97 21.88
CA ALA C 502 -42.56 -20.96 21.64
C ALA C 502 -42.95 -21.01 20.16
N ARG D 5 -31.64 -24.84 14.85
CA ARG D 5 -31.80 -23.72 13.92
C ARG D 5 -31.32 -24.09 12.52
N ASP D 6 -31.33 -23.10 11.63
CA ASP D 6 -30.73 -23.26 10.32
C ASP D 6 -29.23 -23.41 10.46
N PRO D 7 -28.57 -24.08 9.50
CA PRO D 7 -27.12 -24.32 9.64
C PRO D 7 -26.28 -23.05 9.69
N ALA D 8 -26.81 -21.90 9.27
CA ALA D 8 -26.07 -20.65 9.39
C ALA D 8 -26.02 -20.18 10.84
N SER D 9 -27.14 -20.28 11.56
CA SER D 9 -27.18 -19.80 12.93
C SER D 9 -26.34 -20.66 13.87
N ASP D 10 -26.14 -21.93 13.52
CA ASP D 10 -25.50 -22.90 14.39
C ASP D 10 -24.01 -23.07 14.12
N GLN D 11 -23.42 -22.24 13.25
CA GLN D 11 -22.05 -22.51 12.80
C GLN D 11 -21.06 -22.49 13.96
N MET D 12 -21.27 -21.63 14.96
CA MET D 12 -20.38 -21.64 16.12
C MET D 12 -20.59 -22.90 16.95
N GLN D 13 -21.84 -23.31 17.13
CA GLN D 13 -22.12 -24.52 17.89
C GLN D 13 -21.52 -25.74 17.22
N HIS D 14 -21.60 -25.81 15.89
CA HIS D 14 -21.04 -26.96 15.18
C HIS D 14 -19.52 -27.00 15.29
N TRP D 15 -18.87 -25.83 15.27
CA TRP D 15 -17.42 -25.80 15.44
C TRP D 15 -17.02 -26.31 16.81
N LYS D 16 -17.83 -26.00 17.84
CA LYS D 16 -17.56 -26.51 19.17
C LYS D 16 -17.68 -28.03 19.21
N GLU D 17 -18.64 -28.59 18.47
CA GLU D 17 -18.87 -30.03 18.44
C GLU D 17 -17.95 -30.75 17.46
N GLN D 18 -16.86 -30.12 17.02
CA GLN D 18 -15.93 -30.76 16.11
C GLN D 18 -14.51 -30.62 16.64
N ARG D 19 -14.23 -29.49 17.28
CA ARG D 19 -12.94 -29.17 17.86
C ARG D 19 -12.97 -29.19 19.38
N ALA D 20 -13.96 -28.57 20.01
CA ALA D 20 -13.96 -28.38 21.46
C ALA D 20 -14.41 -29.62 22.23
N ALA D 21 -14.03 -30.81 21.77
CA ALA D 21 -14.02 -32.00 22.62
C ALA D 21 -12.62 -32.33 23.09
N GLN D 22 -11.61 -31.59 22.61
CA GLN D 22 -10.26 -31.62 23.12
C GLN D 22 -10.07 -30.40 24.03
N LYS D 23 -8.85 -30.23 24.53
CA LYS D 23 -8.54 -29.03 25.29
C LYS D 23 -8.55 -27.81 24.38
N ALA D 24 -8.59 -26.63 24.99
CA ALA D 24 -8.49 -25.41 24.22
C ALA D 24 -7.05 -25.17 23.79
N ASP D 25 -6.89 -24.56 22.61
CA ASP D 25 -5.56 -24.21 22.15
C ASP D 25 -4.92 -23.16 23.06
N VAL D 26 -3.65 -22.91 22.84
CA VAL D 26 -2.91 -21.89 23.57
C VAL D 26 -3.08 -20.56 22.86
N LEU D 27 -3.61 -19.56 23.56
CA LEU D 27 -3.72 -18.22 23.00
C LEU D 27 -2.34 -17.59 22.91
N THR D 28 -1.91 -17.29 21.69
CA THR D 28 -0.57 -16.77 21.44
C THR D 28 -0.64 -15.41 20.75
N THR D 29 0.51 -14.74 20.72
CA THR D 29 0.66 -13.53 19.91
C THR D 29 0.82 -13.91 18.44
N GLY D 30 1.08 -12.90 17.60
CA GLY D 30 1.32 -13.18 16.20
C GLY D 30 2.58 -14.01 16.00
N ALA D 31 3.59 -13.79 16.82
CA ALA D 31 4.86 -14.51 16.74
C ALA D 31 4.80 -15.84 17.45
N GLY D 32 3.64 -16.28 17.91
CA GLY D 32 3.48 -17.55 18.58
C GLY D 32 3.78 -17.55 20.06
N ASN D 33 4.18 -16.42 20.63
CA ASN D 33 4.50 -16.38 22.06
C ASN D 33 3.22 -16.57 22.86
N PRO D 34 3.22 -17.45 23.86
CA PRO D 34 2.00 -17.67 24.66
C PRO D 34 1.59 -16.40 25.37
N VAL D 35 0.30 -16.30 25.65
CA VAL D 35 -0.29 -15.14 26.33
C VAL D 35 -0.90 -15.61 27.64
N GLY D 36 -0.55 -14.94 28.74
CA GLY D 36 -1.06 -15.29 30.05
C GLY D 36 -2.34 -14.58 30.42
N ASP D 37 -2.50 -13.36 29.94
CA ASP D 37 -3.71 -12.57 30.20
C ASP D 37 -3.93 -11.66 29.01
N LYS D 38 -4.96 -11.98 28.21
CA LYS D 38 -5.37 -11.12 27.11
C LYS D 38 -6.66 -10.38 27.43
N LEU D 39 -7.01 -10.26 28.71
CA LEU D 39 -8.21 -9.58 29.15
C LEU D 39 -7.93 -8.27 29.88
N ASN D 40 -6.72 -8.04 30.37
CA ASN D 40 -6.37 -6.82 31.08
C ASN D 40 -5.07 -6.27 30.53
N VAL D 41 -4.98 -4.94 30.55
CA VAL D 41 -3.85 -4.24 29.97
C VAL D 41 -2.81 -3.98 31.06
N ILE D 42 -1.56 -3.76 30.66
CA ILE D 42 -0.49 -3.50 31.61
C ILE D 42 -0.47 -2.02 31.96
N THR D 43 -0.65 -1.72 33.25
CA THR D 43 -0.57 -0.36 33.74
C THR D 43 0.25 -0.34 35.02
N VAL D 44 0.80 0.84 35.34
CA VAL D 44 1.59 1.01 36.56
C VAL D 44 0.62 1.37 37.68
N GLY D 45 0.29 0.38 38.51
CA GLY D 45 -0.72 0.55 39.53
C GLY D 45 -2.10 0.34 38.95
N PRO D 46 -3.09 0.06 39.81
CA PRO D 46 -4.42 -0.29 39.31
C PRO D 46 -5.11 0.84 38.59
N ARG D 47 -4.66 2.08 38.78
CA ARG D 47 -5.24 3.25 38.13
C ARG D 47 -4.17 4.08 37.43
N GLY D 48 -3.17 3.41 36.87
CA GLY D 48 -2.05 4.06 36.26
C GLY D 48 -2.09 4.03 34.74
N PRO D 49 -1.18 4.77 34.11
CA PRO D 49 -1.17 4.84 32.65
C PRO D 49 -0.67 3.56 32.02
N LEU D 50 -0.86 3.48 30.69
CA LEU D 50 -0.54 2.30 29.92
C LEU D 50 0.94 2.31 29.52
N LEU D 51 1.51 1.13 29.38
CA LEU D 51 2.93 0.95 29.11
C LEU D 51 3.14 0.39 27.70
N VAL D 52 4.19 0.86 27.03
CA VAL D 52 4.51 0.38 25.69
C VAL D 52 4.97 -1.07 25.73
N GLN D 53 5.50 -1.53 26.87
CA GLN D 53 5.97 -2.90 26.96
C GLN D 53 4.84 -3.92 27.01
N ASP D 54 3.59 -3.47 26.99
CA ASP D 54 2.46 -4.37 26.76
C ASP D 54 2.34 -4.54 25.24
N VAL D 55 3.25 -5.34 24.69
CA VAL D 55 3.23 -5.62 23.26
C VAL D 55 2.16 -6.65 22.90
N VAL D 56 1.65 -7.40 23.88
CA VAL D 56 0.50 -8.26 23.62
C VAL D 56 -0.70 -7.41 23.20
N PHE D 57 -0.89 -6.26 23.85
CA PHE D 57 -1.95 -5.35 23.44
C PHE D 57 -1.68 -4.78 22.05
N THR D 58 -0.45 -4.31 21.82
CA THR D 58 -0.10 -3.70 20.54
C THR D 58 -0.16 -4.70 19.40
N ASP D 59 0.21 -5.96 19.65
CA ASP D 59 0.18 -6.97 18.60
C ASP D 59 -1.25 -7.20 18.11
N GLU D 60 -2.19 -7.41 19.03
CA GLU D 60 -3.58 -7.66 18.62
C GLU D 60 -4.23 -6.38 18.08
N MET D 61 -3.96 -5.25 18.73
CA MET D 61 -4.62 -4.00 18.33
C MET D 61 -4.15 -3.55 16.94
N ALA D 62 -2.85 -3.65 16.68
CA ALA D 62 -2.34 -3.17 15.40
C ALA D 62 -2.82 -4.04 14.24
N HIS D 63 -3.09 -5.32 14.49
CA HIS D 63 -3.66 -6.14 13.44
C HIS D 63 -5.14 -5.83 13.24
N PHE D 64 -5.86 -5.59 14.34
CA PHE D 64 -7.25 -5.14 14.25
C PHE D 64 -7.35 -3.84 13.44
N ASP D 65 -6.41 -2.92 13.66
CA ASP D 65 -6.43 -1.66 12.93
C ASP D 65 -6.17 -1.83 11.44
N ARG D 66 -5.77 -3.03 11.01
CA ARG D 66 -5.39 -3.28 9.63
C ARG D 66 -6.23 -4.37 8.97
N GLU D 67 -7.36 -4.75 9.57
CA GLU D 67 -8.17 -5.82 9.00
C GLU D 67 -8.72 -5.45 7.62
N ARG D 68 -9.14 -4.20 7.44
CA ARG D 68 -9.93 -3.84 6.27
C ARG D 68 -9.05 -3.64 5.05
N ILE D 69 -9.55 -4.12 3.91
CA ILE D 69 -8.93 -3.86 2.61
C ILE D 69 -9.97 -3.13 1.77
N PRO D 70 -9.55 -2.48 0.69
CA PRO D 70 -10.54 -1.83 -0.19
C PRO D 70 -11.54 -2.86 -0.70
N GLU D 71 -12.81 -2.50 -0.65
CA GLU D 71 -13.82 -3.34 -1.26
C GLU D 71 -13.71 -3.26 -2.78
N ARG D 72 -14.34 -4.22 -3.45
CA ARG D 72 -14.36 -4.20 -4.90
C ARG D 72 -15.01 -2.92 -5.40
N VAL D 73 -14.39 -2.30 -6.42
CA VAL D 73 -14.91 -1.04 -6.95
C VAL D 73 -16.33 -1.23 -7.48
N VAL D 74 -16.67 -2.45 -7.89
CA VAL D 74 -18.05 -2.83 -8.18
C VAL D 74 -18.24 -4.27 -7.73
N HIS D 75 -19.50 -4.67 -7.60
CA HIS D 75 -19.86 -6.00 -7.09
C HIS D 75 -19.30 -6.23 -5.69
N ALA D 76 -19.39 -5.20 -4.85
CA ALA D 76 -18.79 -5.28 -3.53
C ALA D 76 -19.53 -6.25 -2.62
N LYS D 77 -20.83 -6.46 -2.86
CA LYS D 77 -21.67 -7.24 -1.96
C LYS D 77 -22.04 -8.57 -2.63
N GLY D 78 -21.60 -9.67 -2.03
CA GLY D 78 -21.85 -10.97 -2.62
C GLY D 78 -21.60 -12.11 -1.66
N ALA D 79 -21.71 -13.32 -2.20
CA ALA D 79 -21.52 -14.55 -1.44
C ALA D 79 -20.75 -15.55 -2.29
N GLY D 80 -20.02 -16.44 -1.63
CA GLY D 80 -19.18 -17.38 -2.34
C GLY D 80 -19.47 -18.84 -2.03
N ALA D 81 -19.09 -19.72 -2.95
CA ALA D 81 -19.24 -21.15 -2.75
C ALA D 81 -18.24 -21.86 -3.65
N PHE D 82 -18.13 -23.18 -3.45
CA PHE D 82 -17.17 -23.99 -4.20
C PHE D 82 -17.81 -25.31 -4.59
N GLY D 83 -17.25 -25.94 -5.61
CA GLY D 83 -17.75 -27.20 -6.10
C GLY D 83 -16.96 -27.77 -7.26
N TYR D 84 -17.65 -28.24 -8.28
CA TYR D 84 -16.99 -28.83 -9.44
C TYR D 84 -17.78 -28.51 -10.71
N PHE D 85 -17.08 -28.57 -11.83
CA PHE D 85 -17.69 -28.56 -13.16
C PHE D 85 -17.42 -29.90 -13.82
N GLU D 86 -18.47 -30.54 -14.33
CA GLU D 86 -18.35 -31.84 -14.97
C GLU D 86 -18.76 -31.76 -16.43
N VAL D 87 -18.07 -32.51 -17.27
CA VAL D 87 -18.35 -32.56 -18.70
C VAL D 87 -19.41 -33.61 -18.96
N THR D 88 -20.40 -33.26 -19.79
CA THR D 88 -21.46 -34.19 -20.18
C THR D 88 -21.60 -34.39 -21.67
N HIS D 89 -21.13 -33.45 -22.50
CA HIS D 89 -21.21 -33.57 -23.95
C HIS D 89 -19.87 -33.19 -24.57
N ASP D 90 -19.62 -33.74 -25.76
CA ASP D 90 -18.34 -33.56 -26.44
C ASP D 90 -18.41 -32.32 -27.34
N ILE D 91 -17.66 -31.28 -26.98
CA ILE D 91 -17.49 -30.12 -27.83
C ILE D 91 -16.02 -29.95 -28.15
N THR D 92 -15.30 -31.07 -28.27
CA THR D 92 -13.89 -31.03 -28.61
C THR D 92 -13.63 -30.68 -30.07
N LYS D 93 -14.65 -30.75 -30.94
CA LYS D 93 -14.48 -30.26 -32.30
C LYS D 93 -14.41 -28.74 -32.34
N TYR D 94 -14.91 -28.06 -31.31
CA TYR D 94 -14.88 -26.61 -31.23
C TYR D 94 -13.72 -26.07 -30.42
N SER D 95 -13.35 -26.73 -29.32
CA SER D 95 -12.35 -26.22 -28.40
C SER D 95 -11.47 -27.36 -27.90
N LYS D 96 -10.16 -27.16 -27.98
CA LYS D 96 -9.16 -28.11 -27.49
C LYS D 96 -8.86 -27.94 -26.00
N ALA D 97 -9.60 -27.07 -25.31
CA ALA D 97 -9.31 -26.79 -23.90
C ALA D 97 -9.38 -28.07 -23.07
N LYS D 98 -8.37 -28.26 -22.22
CA LYS D 98 -8.31 -29.43 -21.36
C LYS D 98 -9.52 -29.55 -20.43
N VAL D 99 -10.30 -28.48 -20.26
CA VAL D 99 -11.44 -28.53 -19.36
C VAL D 99 -12.58 -29.35 -19.96
N PHE D 100 -12.75 -29.34 -21.29
CA PHE D 100 -13.75 -30.18 -21.95
C PHE D 100 -13.11 -31.41 -22.60
N GLU D 101 -12.03 -31.93 -22.01
CA GLU D 101 -11.20 -32.91 -22.72
C GLU D 101 -11.95 -34.20 -22.98
N HIS D 102 -12.65 -34.74 -21.98
CA HIS D 102 -13.41 -35.96 -22.18
C HIS D 102 -14.65 -35.93 -21.30
N ILE D 103 -15.72 -36.57 -21.79
CA ILE D 103 -16.98 -36.59 -21.06
C ILE D 103 -16.78 -37.33 -19.74
N GLY D 104 -17.22 -36.70 -18.65
CA GLY D 104 -16.97 -37.21 -17.32
C GLY D 104 -15.81 -36.55 -16.61
N LYS D 105 -15.09 -35.65 -17.28
CA LYS D 105 -14.00 -34.94 -16.65
C LYS D 105 -14.55 -33.89 -15.69
N LYS D 106 -14.02 -33.88 -14.47
CA LYS D 106 -14.45 -32.93 -13.45
C LYS D 106 -13.32 -31.95 -13.14
N THR D 107 -13.70 -30.69 -12.93
CA THR D 107 -12.76 -29.63 -12.60
C THR D 107 -13.28 -28.90 -11.37
N PRO D 108 -12.45 -28.68 -10.35
CA PRO D 108 -12.89 -27.90 -9.19
C PRO D 108 -13.22 -26.47 -9.61
N ILE D 109 -14.26 -25.91 -9.00
CA ILE D 109 -14.69 -24.56 -9.35
C ILE D 109 -14.86 -23.72 -8.09
N ALA D 110 -14.59 -22.43 -8.24
CA ALA D 110 -14.87 -21.42 -7.23
C ALA D 110 -15.82 -20.40 -7.83
N VAL D 111 -16.85 -20.03 -7.07
CA VAL D 111 -17.91 -19.17 -7.58
C VAL D 111 -18.23 -18.10 -6.56
N ARG D 112 -18.55 -16.90 -7.03
CA ARG D 112 -19.00 -15.82 -6.17
C ARG D 112 -20.09 -15.04 -6.90
N PHE D 113 -21.27 -14.96 -6.30
CA PHE D 113 -22.34 -14.09 -6.75
C PHE D 113 -22.19 -12.72 -6.14
N SER D 114 -22.92 -11.74 -6.67
CA SER D 114 -22.79 -10.38 -6.18
C SER D 114 -23.88 -9.51 -6.79
N THR D 115 -24.16 -8.39 -6.11
CA THR D 115 -24.87 -7.29 -6.73
C THR D 115 -23.85 -6.43 -7.48
N VAL D 116 -24.18 -5.18 -7.78
CA VAL D 116 -23.27 -4.35 -8.56
C VAL D 116 -22.92 -3.05 -7.84
N ALA D 117 -23.92 -2.19 -7.64
CA ALA D 117 -23.65 -0.82 -7.23
C ALA D 117 -23.44 -0.66 -5.72
N GLY D 118 -24.10 -1.48 -4.91
CA GLY D 118 -23.98 -1.34 -3.47
C GLY D 118 -22.60 -1.73 -2.97
N GLU D 119 -22.26 -1.21 -1.81
CA GLU D 119 -21.00 -1.52 -1.17
C GLU D 119 -21.20 -2.64 -0.15
N SER D 120 -20.21 -2.85 0.72
CA SER D 120 -20.18 -4.05 1.55
C SER D 120 -21.37 -4.15 2.51
N GLY D 121 -22.03 -3.04 2.82
CA GLY D 121 -23.14 -3.08 3.74
C GLY D 121 -24.52 -3.09 3.13
N SER D 122 -24.62 -3.06 1.80
CA SER D 122 -25.91 -2.94 1.16
C SER D 122 -26.69 -4.26 1.26
N ALA D 123 -27.93 -4.19 0.82
CA ALA D 123 -28.83 -5.34 0.85
C ALA D 123 -28.69 -6.18 -0.42
N ASP D 124 -29.07 -7.44 -0.31
CA ASP D 124 -29.00 -8.35 -1.46
C ASP D 124 -30.21 -8.20 -2.38
N THR D 125 -31.41 -8.08 -1.82
CA THR D 125 -32.64 -8.11 -2.60
C THR D 125 -33.02 -6.70 -3.04
N VAL D 126 -32.17 -6.13 -3.88
CA VAL D 126 -32.42 -4.83 -4.49
C VAL D 126 -32.34 -5.00 -6.01
N ARG D 127 -32.96 -4.07 -6.72
CA ARG D 127 -32.91 -4.11 -8.18
C ARG D 127 -31.51 -3.78 -8.65
N ASP D 128 -30.89 -4.73 -9.34
CA ASP D 128 -29.50 -4.66 -9.77
C ASP D 128 -29.17 -5.90 -10.59
N PRO D 129 -28.22 -5.81 -11.51
CA PRO D 129 -27.68 -7.04 -12.11
C PRO D 129 -26.97 -7.87 -11.04
N ARG D 130 -26.90 -9.17 -11.29
CA ARG D 130 -26.31 -10.12 -10.35
C ARG D 130 -25.05 -10.72 -10.95
N GLY D 131 -23.90 -10.42 -10.35
CA GLY D 131 -22.67 -11.04 -10.78
C GLY D 131 -22.68 -12.55 -10.53
N PHE D 132 -21.98 -13.28 -11.40
CA PHE D 132 -21.96 -14.75 -11.36
C PHE D 132 -20.62 -15.18 -11.94
N ALA D 133 -19.57 -15.10 -11.13
CA ALA D 133 -18.22 -15.41 -11.55
C ALA D 133 -17.87 -16.85 -11.17
N VAL D 134 -17.23 -17.56 -12.10
CA VAL D 134 -16.86 -18.96 -11.91
C VAL D 134 -15.38 -19.10 -12.22
N LYS D 135 -14.63 -19.72 -11.31
CA LYS D 135 -13.20 -19.93 -11.44
C LYS D 135 -12.94 -21.42 -11.61
N PHE D 136 -12.43 -21.80 -12.77
CA PHE D 136 -12.12 -23.19 -13.09
C PHE D 136 -10.63 -23.45 -12.83
N TYR D 137 -10.33 -24.44 -12.00
CA TYR D 137 -8.95 -24.80 -11.70
C TYR D 137 -8.54 -25.92 -12.65
N THR D 138 -8.03 -25.54 -13.82
CA THR D 138 -7.69 -26.51 -14.86
C THR D 138 -6.19 -26.80 -14.88
N GLU D 139 -5.84 -27.91 -15.55
CA GLU D 139 -4.43 -28.29 -15.64
C GLU D 139 -3.63 -27.23 -16.39
N ASP D 140 -4.25 -26.57 -17.36
CA ASP D 140 -3.64 -25.46 -18.09
C ASP D 140 -3.76 -24.14 -17.35
N GLY D 141 -3.81 -24.18 -16.03
CA GLY D 141 -4.00 -22.98 -15.25
C GLY D 141 -5.45 -22.70 -14.97
N ASN D 142 -5.68 -21.54 -14.36
CA ASN D 142 -7.03 -21.13 -14.00
C ASN D 142 -7.74 -20.48 -15.19
N TRP D 143 -9.03 -20.76 -15.32
CA TRP D 143 -9.90 -20.13 -16.30
C TRP D 143 -11.01 -19.42 -15.54
N ASP D 144 -11.08 -18.10 -15.67
CA ASP D 144 -12.08 -17.29 -15.00
C ASP D 144 -13.16 -16.89 -16.00
N LEU D 145 -14.38 -17.35 -15.77
CA LEU D 145 -15.55 -16.91 -16.53
C LEU D 145 -16.31 -15.96 -15.61
N VAL D 146 -16.03 -14.66 -15.76
CA VAL D 146 -16.58 -13.65 -14.83
C VAL D 146 -17.85 -13.13 -15.47
N GLY D 147 -18.95 -13.87 -15.26
CA GLY D 147 -20.23 -13.54 -15.84
C GLY D 147 -21.19 -12.92 -14.82
N ASN D 148 -22.38 -12.61 -15.32
CA ASN D 148 -23.47 -12.16 -14.47
C ASN D 148 -24.76 -12.80 -14.97
N ASN D 149 -25.91 -12.26 -14.55
CA ASN D 149 -27.20 -12.91 -14.76
C ASN D 149 -27.91 -12.42 -16.03
N THR D 150 -27.22 -11.68 -16.88
CA THR D 150 -27.83 -11.17 -18.11
C THR D 150 -26.92 -11.47 -19.30
N PRO D 151 -27.50 -11.72 -20.47
CA PRO D 151 -26.68 -11.94 -21.66
C PRO D 151 -26.10 -10.67 -22.26
N ILE D 152 -26.53 -9.50 -21.79
CA ILE D 152 -26.20 -8.20 -22.38
C ILE D 152 -25.72 -7.28 -21.26
N PHE D 153 -25.38 -6.05 -21.64
CA PHE D 153 -25.00 -5.02 -20.67
C PHE D 153 -25.53 -3.68 -21.16
N PHE D 154 -25.16 -2.62 -20.45
CA PHE D 154 -25.70 -1.29 -20.69
C PHE D 154 -24.96 -0.54 -21.78
N ILE D 155 -23.67 -0.82 -21.97
CA ILE D 155 -22.84 -0.10 -22.94
C ILE D 155 -22.04 -1.11 -23.74
N ARG D 156 -21.47 -0.62 -24.85
CA ARG D 156 -20.68 -1.47 -25.75
C ARG D 156 -19.27 -0.92 -25.99
N ASP D 157 -18.84 0.07 -25.23
CA ASP D 157 -17.46 0.57 -25.32
C ASP D 157 -16.91 0.73 -23.91
N PRO D 158 -15.77 0.12 -23.59
CA PRO D 158 -15.29 0.12 -22.19
C PRO D 158 -14.95 1.50 -21.66
N ILE D 159 -14.77 2.49 -22.54
CA ILE D 159 -14.37 3.82 -22.08
C ILE D 159 -15.51 4.53 -21.35
N LEU D 160 -16.75 4.05 -21.47
CA LEU D 160 -17.88 4.64 -20.78
C LEU D 160 -18.23 3.92 -19.49
N PHE D 161 -17.57 2.81 -19.18
CA PHE D 161 -17.89 2.06 -17.97
C PHE D 161 -17.65 2.84 -16.69
N PRO D 162 -16.51 3.53 -16.49
CA PRO D 162 -16.35 4.26 -15.22
C PRO D 162 -17.41 5.32 -14.99
N SER D 163 -17.87 6.00 -16.05
CA SER D 163 -18.92 6.99 -15.88
C SER D 163 -20.27 6.33 -15.59
N PHE D 164 -20.55 5.20 -16.25
CA PHE D 164 -21.79 4.49 -15.97
C PHE D 164 -21.82 4.01 -14.53
N ILE D 165 -20.70 3.49 -14.04
CA ILE D 165 -20.60 3.12 -12.64
C ILE D 165 -20.76 4.34 -11.74
N HIS D 166 -20.13 5.46 -12.15
CA HIS D 166 -20.29 6.70 -11.40
C HIS D 166 -21.76 7.13 -11.37
N SER D 167 -22.43 7.05 -12.51
CA SER D 167 -23.84 7.45 -12.59
C SER D 167 -24.75 6.57 -11.75
N GLN D 168 -24.32 5.34 -11.44
CA GLN D 168 -25.12 4.40 -10.68
C GLN D 168 -24.84 4.42 -9.18
N LYS D 169 -23.77 5.10 -8.75
CA LYS D 169 -23.42 5.15 -7.34
C LYS D 169 -23.82 6.49 -6.74
N ARG D 170 -23.05 6.96 -5.75
CA ARG D 170 -23.44 8.12 -4.96
C ARG D 170 -22.98 9.41 -5.62
N ASN D 171 -23.77 10.46 -5.39
CA ASN D 171 -23.38 11.80 -5.83
C ASN D 171 -22.07 12.21 -5.16
N PRO D 172 -21.14 12.84 -5.88
CA PRO D 172 -19.83 13.12 -5.29
C PRO D 172 -19.86 14.10 -4.14
N GLN D 173 -20.93 14.88 -3.97
CA GLN D 173 -21.03 15.83 -2.87
C GLN D 173 -21.96 15.36 -1.77
N THR D 174 -23.15 14.87 -2.12
CA THR D 174 -24.13 14.48 -1.11
C THR D 174 -23.95 13.05 -0.62
N HIS D 175 -23.20 12.23 -1.34
CA HIS D 175 -23.02 10.80 -1.04
C HIS D 175 -24.34 10.04 -1.08
N LEU D 176 -25.31 10.56 -1.82
CA LEU D 176 -26.64 9.96 -1.91
C LEU D 176 -26.86 9.40 -3.31
N LYS D 177 -27.69 8.37 -3.40
CA LYS D 177 -28.12 7.85 -4.69
C LYS D 177 -28.87 8.93 -5.44
N ASP D 178 -28.40 9.26 -6.63
CA ASP D 178 -28.95 10.39 -7.37
C ASP D 178 -29.69 9.90 -8.60
N PRO D 179 -31.02 10.03 -8.66
CA PRO D 179 -31.74 9.64 -9.88
C PRO D 179 -31.42 10.52 -11.07
N ASP D 180 -31.10 11.81 -10.84
CA ASP D 180 -30.66 12.66 -11.94
C ASP D 180 -29.47 12.03 -12.67
N MET D 181 -28.48 11.56 -11.91
CA MET D 181 -27.29 10.98 -12.55
C MET D 181 -27.64 9.70 -13.31
N VAL D 182 -28.53 8.88 -12.74
CA VAL D 182 -28.82 7.58 -13.32
C VAL D 182 -29.47 7.74 -14.69
N TRP D 183 -30.51 8.57 -14.78
CA TRP D 183 -31.26 8.68 -16.02
C TRP D 183 -30.74 9.75 -16.96
N ASP D 184 -29.92 10.69 -16.49
CA ASP D 184 -29.20 11.57 -17.40
C ASP D 184 -28.28 10.74 -18.29
N PHE D 185 -27.46 9.89 -17.69
CA PHE D 185 -26.57 9.03 -18.46
C PHE D 185 -27.36 8.05 -19.32
N TRP D 186 -28.43 7.47 -18.77
CA TRP D 186 -29.18 6.47 -19.53
C TRP D 186 -29.92 7.10 -20.71
N SER D 187 -30.44 8.32 -20.54
CA SER D 187 -31.10 8.99 -21.65
C SER D 187 -30.10 9.46 -22.70
N LEU D 188 -28.90 9.85 -22.26
CA LEU D 188 -27.88 10.29 -23.20
C LEU D 188 -27.26 9.12 -23.98
N ARG D 189 -27.35 7.91 -23.45
CA ARG D 189 -26.78 6.72 -24.10
C ARG D 189 -27.89 5.70 -24.33
N PRO D 190 -28.70 5.88 -25.38
CA PRO D 190 -29.83 4.96 -25.61
C PRO D 190 -29.42 3.53 -25.94
N GLU D 191 -28.12 3.24 -26.09
CA GLU D 191 -27.71 1.84 -26.24
C GLU D 191 -28.00 1.04 -24.98
N SER D 192 -28.35 1.70 -23.89
CA SER D 192 -28.68 1.03 -22.62
C SER D 192 -30.08 0.45 -22.59
N LEU D 193 -30.91 0.75 -23.59
CA LEU D 193 -32.33 0.39 -23.53
C LEU D 193 -32.56 -1.10 -23.34
N HIS D 194 -31.72 -1.93 -23.96
CA HIS D 194 -31.93 -3.38 -23.90
C HIS D 194 -31.73 -3.89 -22.47
N GLN D 195 -30.62 -3.52 -21.84
CA GLN D 195 -30.34 -4.01 -20.49
C GLN D 195 -31.14 -3.27 -19.43
N VAL D 196 -31.50 -2.00 -19.68
CA VAL D 196 -32.40 -1.31 -18.76
C VAL D 196 -33.75 -1.99 -18.72
N SER D 197 -34.23 -2.47 -19.87
CA SER D 197 -35.51 -3.20 -19.90
C SER D 197 -35.41 -4.53 -19.15
N PHE D 198 -34.29 -5.25 -19.31
CA PHE D 198 -34.12 -6.49 -18.55
C PHE D 198 -33.97 -6.20 -17.07
N LEU D 199 -33.36 -5.06 -16.72
CA LEU D 199 -33.13 -4.74 -15.31
C LEU D 199 -34.44 -4.46 -14.58
N PHE D 200 -35.38 -3.81 -15.25
CA PHE D 200 -36.64 -3.44 -14.62
C PHE D 200 -37.75 -4.46 -14.87
N SER D 201 -37.45 -5.57 -15.53
CA SER D 201 -38.40 -6.68 -15.61
C SER D 201 -38.30 -7.50 -14.33
N ASP D 202 -39.00 -8.64 -14.29
CA ASP D 202 -39.05 -9.43 -13.08
C ASP D 202 -37.68 -9.98 -12.70
N ARG D 203 -36.81 -10.22 -13.68
CA ARG D 203 -35.49 -10.76 -13.42
C ARG D 203 -34.58 -9.81 -12.65
N GLY D 204 -34.97 -8.54 -12.52
CA GLY D 204 -34.09 -7.58 -11.86
C GLY D 204 -33.77 -7.92 -10.43
N ILE D 205 -34.67 -8.64 -9.76
CA ILE D 205 -34.45 -9.06 -8.37
C ILE D 205 -34.75 -10.55 -8.27
N PRO D 206 -33.81 -11.42 -8.62
CA PRO D 206 -34.07 -12.86 -8.52
C PRO D 206 -34.13 -13.33 -7.07
N ASP D 207 -34.97 -14.34 -6.82
CA ASP D 207 -35.09 -14.95 -5.50
C ASP D 207 -33.78 -15.64 -5.13
N GLY D 208 -32.80 -14.87 -4.68
CA GLY D 208 -31.51 -15.41 -4.36
C GLY D 208 -30.68 -15.68 -5.60
N HIS D 209 -29.58 -16.41 -5.39
CA HIS D 209 -28.64 -16.69 -6.46
C HIS D 209 -28.84 -18.05 -7.12
N ARG D 210 -29.54 -18.98 -6.47
CA ARG D 210 -29.78 -20.29 -7.05
C ARG D 210 -30.88 -20.28 -8.09
N HIS D 211 -31.66 -19.20 -8.20
CA HIS D 211 -32.83 -19.13 -9.07
C HIS D 211 -32.65 -18.11 -10.16
N MET D 212 -31.44 -18.01 -10.69
CA MET D 212 -31.12 -17.11 -11.79
C MET D 212 -30.18 -17.82 -12.75
N ASN D 213 -30.14 -17.34 -13.98
CA ASN D 213 -29.22 -17.88 -14.97
C ASN D 213 -27.90 -17.12 -14.94
N GLY D 214 -26.90 -17.70 -15.59
CA GLY D 214 -25.60 -17.07 -15.72
C GLY D 214 -25.15 -17.04 -17.16
N TYR D 215 -24.40 -15.99 -17.50
CA TYR D 215 -23.98 -15.78 -18.88
C TYR D 215 -22.59 -15.16 -18.88
N GLY D 216 -21.77 -15.59 -19.83
CA GLY D 216 -20.55 -14.86 -20.12
C GLY D 216 -20.78 -13.58 -20.89
N SER D 217 -21.99 -13.38 -21.40
CA SER D 217 -22.41 -12.17 -22.09
C SER D 217 -21.60 -11.94 -23.37
N HIS D 218 -20.29 -11.81 -23.24
CA HIS D 218 -19.45 -11.50 -24.39
C HIS D 218 -19.39 -12.66 -25.38
N THR D 219 -19.19 -12.31 -26.64
CA THR D 219 -18.73 -13.30 -27.61
C THR D 219 -17.30 -13.69 -27.29
N PHE D 220 -17.04 -15.00 -27.22
CA PHE D 220 -15.70 -15.52 -27.01
C PHE D 220 -15.27 -16.28 -28.25
N LYS D 221 -14.04 -16.80 -28.22
CA LYS D 221 -13.47 -17.54 -29.33
C LYS D 221 -12.98 -18.89 -28.85
N LEU D 222 -13.30 -19.94 -29.62
CA LEU D 222 -12.91 -21.30 -29.31
C LEU D 222 -11.98 -21.82 -30.41
N VAL D 223 -10.97 -22.57 -30.01
CA VAL D 223 -9.96 -23.12 -30.92
C VAL D 223 -9.80 -24.60 -30.62
N ASN D 224 -9.87 -25.43 -31.66
CA ASN D 224 -9.68 -26.86 -31.51
C ASN D 224 -8.23 -27.22 -31.81
N ALA D 225 -7.96 -28.53 -31.92
CA ALA D 225 -6.59 -29.00 -32.07
C ALA D 225 -6.01 -28.70 -33.44
N ASN D 226 -6.85 -28.46 -34.45
CA ASN D 226 -6.37 -28.21 -35.81
C ASN D 226 -6.29 -26.73 -36.13
N GLY D 227 -6.32 -25.87 -35.12
CA GLY D 227 -6.17 -24.44 -35.31
C GLY D 227 -7.42 -23.69 -35.73
N GLU D 228 -8.46 -24.39 -36.19
CA GLU D 228 -9.66 -23.70 -36.65
C GLU D 228 -10.42 -23.12 -35.45
N ALA D 229 -11.08 -21.99 -35.69
CA ALA D 229 -11.70 -21.22 -34.63
C ALA D 229 -13.18 -20.99 -34.89
N VAL D 230 -13.93 -20.78 -33.80
CA VAL D 230 -15.34 -20.42 -33.84
C VAL D 230 -15.60 -19.41 -32.73
N TYR D 231 -16.63 -18.59 -32.92
CA TYR D 231 -17.07 -17.66 -31.87
C TYR D 231 -18.17 -18.32 -31.05
N CYS D 232 -18.14 -18.08 -29.74
CA CYS D 232 -19.06 -18.76 -28.84
C CYS D 232 -19.63 -17.81 -27.81
N LYS D 233 -20.77 -18.22 -27.24
CA LYS D 233 -21.35 -17.64 -26.05
C LYS D 233 -21.33 -18.69 -24.96
N PHE D 234 -21.32 -18.23 -23.70
CA PHE D 234 -21.37 -19.13 -22.55
C PHE D 234 -22.67 -18.90 -21.79
N HIS D 235 -23.49 -19.93 -21.70
CA HIS D 235 -24.74 -19.91 -20.94
C HIS D 235 -24.69 -21.00 -19.89
N TYR D 236 -25.19 -20.70 -18.70
CA TYR D 236 -25.42 -21.73 -17.69
C TYR D 236 -26.73 -21.40 -16.97
N LYS D 237 -27.76 -22.18 -17.26
CA LYS D 237 -29.11 -21.95 -16.77
C LYS D 237 -29.36 -22.76 -15.50
N THR D 238 -30.14 -22.16 -14.60
CA THR D 238 -30.39 -22.78 -13.30
C THR D 238 -31.24 -24.04 -13.45
N ASP D 239 -30.88 -25.07 -12.69
CA ASP D 239 -31.68 -26.29 -12.59
C ASP D 239 -32.76 -26.19 -11.53
N GLN D 240 -32.60 -25.29 -10.56
CA GLN D 240 -33.62 -25.08 -9.53
C GLN D 240 -34.79 -24.25 -10.02
N GLY D 241 -34.71 -23.72 -11.23
CA GLY D 241 -35.79 -22.94 -11.79
C GLY D 241 -35.56 -21.43 -11.64
N ILE D 242 -36.09 -20.68 -12.59
CA ILE D 242 -36.06 -19.21 -12.51
C ILE D 242 -37.10 -18.76 -11.50
N LYS D 243 -36.69 -17.90 -10.57
CA LYS D 243 -37.61 -17.37 -9.57
C LYS D 243 -37.25 -15.92 -9.27
N ASN D 244 -38.26 -15.10 -9.06
CA ASN D 244 -38.07 -13.67 -8.84
C ASN D 244 -38.85 -13.22 -7.61
N LEU D 245 -38.30 -12.23 -6.92
CA LEU D 245 -39.00 -11.56 -5.84
C LEU D 245 -39.75 -10.35 -6.38
N SER D 246 -40.90 -10.06 -5.77
CA SER D 246 -41.67 -8.89 -6.16
C SER D 246 -41.06 -7.64 -5.54
N VAL D 247 -41.65 -6.48 -5.85
CA VAL D 247 -41.10 -5.23 -5.36
C VAL D 247 -41.33 -5.10 -3.85
N GLU D 248 -42.51 -5.48 -3.37
CA GLU D 248 -42.78 -5.41 -1.94
C GLU D 248 -42.08 -6.51 -1.18
N ASP D 249 -41.91 -7.68 -1.81
CA ASP D 249 -41.16 -8.76 -1.18
C ASP D 249 -39.70 -8.38 -0.97
N ALA D 250 -39.05 -7.87 -2.02
CA ALA D 250 -37.63 -7.53 -1.93
C ALA D 250 -37.41 -6.32 -1.02
N ALA D 251 -38.32 -5.35 -1.06
CA ALA D 251 -38.22 -4.19 -0.18
C ALA D 251 -38.31 -4.61 1.28
N ARG D 252 -39.22 -5.54 1.59
CA ARG D 252 -39.32 -6.05 2.95
C ARG D 252 -38.04 -6.80 3.34
N LEU D 253 -37.56 -7.68 2.45
CA LEU D 253 -36.36 -8.45 2.74
C LEU D 253 -35.12 -7.58 2.81
N SER D 254 -35.12 -6.42 2.16
CA SER D 254 -33.99 -5.49 2.32
C SER D 254 -33.93 -4.96 3.74
N GLN D 255 -35.06 -4.93 4.43
CA GLN D 255 -35.12 -4.52 5.82
C GLN D 255 -34.92 -5.69 6.77
N GLU D 256 -35.59 -6.81 6.50
CA GLU D 256 -35.59 -7.92 7.46
C GLU D 256 -34.28 -8.71 7.44
N ASP D 257 -33.66 -8.83 6.26
CA ASP D 257 -32.42 -9.59 6.15
C ASP D 257 -31.66 -9.09 4.93
N PRO D 258 -30.80 -8.09 5.11
CA PRO D 258 -29.97 -7.61 3.98
C PRO D 258 -29.13 -8.70 3.32
N ASP D 259 -28.72 -9.71 4.08
CA ASP D 259 -27.89 -10.80 3.58
C ASP D 259 -28.72 -12.01 3.18
N TYR D 260 -29.84 -11.78 2.49
CA TYR D 260 -30.72 -12.87 2.07
C TYR D 260 -29.99 -13.85 1.16
N GLY D 261 -29.28 -13.33 0.15
CA GLY D 261 -28.58 -14.19 -0.78
C GLY D 261 -27.49 -15.02 -0.12
N ILE D 262 -26.80 -14.44 0.86
CA ILE D 262 -25.76 -15.19 1.58
C ILE D 262 -26.40 -16.34 2.36
N ARG D 263 -27.40 -16.03 3.18
CA ARG D 263 -28.03 -17.04 4.02
C ARG D 263 -28.66 -18.15 3.18
N ASP D 264 -29.39 -17.77 2.13
CA ASP D 264 -30.08 -18.76 1.32
C ASP D 264 -29.10 -19.74 0.68
N LEU D 265 -28.06 -19.22 0.04
CA LEU D 265 -27.08 -20.09 -0.62
C LEU D 265 -26.32 -20.93 0.39
N PHE D 266 -25.96 -20.34 1.54
CA PHE D 266 -25.20 -21.08 2.54
C PHE D 266 -26.02 -22.25 3.09
N ASN D 267 -27.29 -22.01 3.43
CA ASN D 267 -28.10 -23.05 4.03
C ASN D 267 -28.41 -24.17 3.04
N ALA D 268 -28.60 -23.83 1.76
CA ALA D 268 -28.89 -24.84 0.76
C ALA D 268 -27.76 -25.86 0.66
N ILE D 269 -26.53 -25.38 0.49
CA ILE D 269 -25.38 -26.28 0.46
C ILE D 269 -25.25 -27.04 1.76
N ALA D 270 -25.59 -26.38 2.88
CA ALA D 270 -25.43 -26.99 4.19
C ALA D 270 -26.43 -28.12 4.42
N THR D 271 -27.65 -28.00 3.89
CA THR D 271 -28.64 -29.06 3.96
C THR D 271 -28.58 -30.01 2.78
N GLY D 272 -27.43 -30.08 2.10
CA GLY D 272 -27.25 -31.01 1.00
C GLY D 272 -28.08 -30.69 -0.24
N LYS D 273 -28.76 -29.54 -0.22
CA LYS D 273 -29.58 -29.12 -1.36
C LYS D 273 -28.74 -28.35 -2.37
N TYR D 274 -27.71 -29.02 -2.85
CA TYR D 274 -26.68 -28.39 -3.69
C TYR D 274 -27.30 -27.82 -4.97
N PRO D 275 -27.17 -26.53 -5.22
CA PRO D 275 -27.69 -25.96 -6.47
C PRO D 275 -26.83 -26.37 -7.66
N SER D 276 -27.44 -26.34 -8.84
CA SER D 276 -26.71 -26.74 -10.04
C SER D 276 -27.23 -25.95 -11.23
N TRP D 277 -26.37 -25.84 -12.24
CA TRP D 277 -26.64 -25.13 -13.48
C TRP D 277 -26.21 -25.99 -14.66
N THR D 278 -27.00 -25.99 -15.72
CA THR D 278 -26.66 -26.70 -16.95
C THR D 278 -25.85 -25.78 -17.85
N PHE D 279 -24.63 -26.19 -18.18
CA PHE D 279 -23.78 -25.41 -19.06
C PHE D 279 -24.18 -25.60 -20.52
N TYR D 280 -24.14 -24.49 -21.28
CA TYR D 280 -24.42 -24.51 -22.71
C TYR D 280 -23.40 -23.65 -23.42
N ILE D 281 -23.35 -23.80 -24.76
CA ILE D 281 -22.65 -22.85 -25.61
C ILE D 281 -23.48 -22.62 -26.87
N GLN D 282 -23.40 -21.39 -27.38
CA GLN D 282 -23.80 -21.09 -28.74
C GLN D 282 -22.55 -20.94 -29.58
N VAL D 283 -22.58 -21.48 -30.80
CA VAL D 283 -21.45 -21.39 -31.72
C VAL D 283 -21.86 -20.59 -32.94
N MET D 284 -20.98 -19.67 -33.34
CA MET D 284 -21.16 -18.89 -34.56
C MET D 284 -19.86 -18.92 -35.34
N THR D 285 -19.93 -19.42 -36.58
CA THR D 285 -18.74 -19.49 -37.41
C THR D 285 -18.29 -18.10 -37.83
N PHE D 286 -17.07 -18.03 -38.39
CA PHE D 286 -16.57 -16.74 -38.88
C PHE D 286 -17.36 -16.26 -40.08
N ASN D 287 -17.82 -17.17 -40.92
CA ASN D 287 -18.70 -16.79 -42.02
C ASN D 287 -20.03 -16.26 -41.50
N GLN D 288 -20.55 -16.89 -40.44
CA GLN D 288 -21.76 -16.40 -39.80
C GLN D 288 -21.53 -15.04 -39.14
N ALA D 289 -20.31 -14.79 -38.65
CA ALA D 289 -20.02 -13.49 -38.06
C ALA D 289 -20.18 -12.38 -39.08
N GLU D 290 -19.84 -12.65 -40.33
CA GLU D 290 -19.98 -11.65 -41.38
C GLU D 290 -21.44 -11.49 -41.83
N THR D 291 -22.27 -12.50 -41.64
CA THR D 291 -23.67 -12.43 -42.04
C THR D 291 -24.58 -12.03 -40.89
N PHE D 292 -24.04 -11.76 -39.71
CA PHE D 292 -24.88 -11.44 -38.57
C PHE D 292 -25.52 -10.06 -38.77
N PRO D 293 -26.81 -9.92 -38.52
CA PRO D 293 -27.50 -8.64 -38.80
C PRO D 293 -27.02 -7.48 -37.91
N PHE D 294 -26.23 -7.75 -36.87
CA PHE D 294 -25.65 -6.70 -36.06
C PHE D 294 -24.15 -6.89 -35.97
N ASN D 295 -23.50 -6.12 -35.12
CA ASN D 295 -22.14 -6.44 -34.72
C ASN D 295 -22.22 -7.66 -33.82
N PRO D 296 -21.66 -8.81 -34.21
CA PRO D 296 -21.74 -10.00 -33.35
C PRO D 296 -21.00 -9.84 -32.03
N PHE D 297 -20.07 -8.89 -31.93
CA PHE D 297 -19.36 -8.61 -30.70
C PHE D 297 -19.98 -7.46 -29.93
N ASP D 298 -21.17 -7.01 -30.32
CA ASP D 298 -21.86 -5.92 -29.65
C ASP D 298 -22.50 -6.46 -28.38
N LEU D 299 -21.99 -6.05 -27.22
CA LEU D 299 -22.46 -6.58 -25.94
C LEU D 299 -23.91 -6.21 -25.64
N THR D 300 -24.50 -5.28 -26.38
CA THR D 300 -25.90 -4.94 -26.17
C THR D 300 -26.85 -5.87 -26.91
N LYS D 301 -26.34 -6.86 -27.62
CA LYS D 301 -27.16 -7.73 -28.45
C LYS D 301 -27.02 -9.18 -28.03
N VAL D 302 -28.10 -9.93 -28.25
CA VAL D 302 -28.10 -11.36 -28.06
C VAL D 302 -27.98 -12.05 -29.41
N TRP D 303 -27.59 -13.31 -29.39
CA TRP D 303 -27.73 -14.17 -30.55
C TRP D 303 -29.06 -14.91 -30.45
N PRO D 304 -29.98 -14.75 -31.40
CA PRO D 304 -31.28 -15.40 -31.28
C PRO D 304 -31.16 -16.93 -31.32
N HIS D 305 -31.95 -17.58 -30.46
CA HIS D 305 -31.85 -19.03 -30.32
C HIS D 305 -32.32 -19.74 -31.58
N LYS D 306 -33.33 -19.18 -32.26
CA LYS D 306 -33.84 -19.82 -33.48
C LYS D 306 -32.73 -20.01 -34.50
N ASP D 307 -31.87 -19.01 -34.65
CA ASP D 307 -30.78 -19.10 -35.62
C ASP D 307 -29.48 -19.62 -35.01
N TYR D 308 -29.37 -19.57 -33.69
CA TYR D 308 -28.17 -20.04 -32.99
C TYR D 308 -28.60 -20.74 -31.71
N PRO D 309 -29.00 -22.02 -31.82
CA PRO D 309 -29.55 -22.72 -30.66
C PRO D 309 -28.49 -23.12 -29.66
N LEU D 310 -28.95 -23.41 -28.45
CA LEU D 310 -28.04 -23.81 -27.37
C LEU D 310 -27.53 -25.23 -27.58
N ILE D 311 -26.31 -25.48 -27.09
CA ILE D 311 -25.63 -26.75 -27.25
C ILE D 311 -25.15 -27.21 -25.89
N PRO D 312 -25.54 -28.38 -25.40
CA PRO D 312 -25.11 -28.82 -24.07
C PRO D 312 -23.63 -29.13 -24.04
N VAL D 313 -23.01 -28.84 -22.90
CA VAL D 313 -21.58 -29.07 -22.71
C VAL D 313 -21.35 -29.80 -21.38
N GLY D 314 -21.91 -29.25 -20.30
CA GLY D 314 -21.73 -29.84 -18.99
C GLY D 314 -22.67 -29.29 -17.93
N LYS D 315 -22.18 -29.24 -16.70
CA LYS D 315 -22.99 -28.85 -15.55
C LYS D 315 -22.10 -28.21 -14.49
N LEU D 316 -22.69 -27.31 -13.70
CA LEU D 316 -22.00 -26.66 -12.60
C LEU D 316 -22.73 -27.04 -11.31
N VAL D 317 -21.96 -27.46 -10.30
CA VAL D 317 -22.52 -27.87 -9.02
C VAL D 317 -21.72 -27.21 -7.90
N LEU D 318 -22.42 -26.58 -6.98
CA LEU D 318 -21.83 -25.93 -5.80
C LEU D 318 -22.19 -26.76 -4.58
N ASN D 319 -21.17 -27.32 -3.91
CA ASN D 319 -21.42 -28.28 -2.85
C ASN D 319 -20.50 -28.08 -1.65
N ARG D 320 -19.82 -26.94 -1.55
CA ARG D 320 -18.95 -26.65 -0.42
C ARG D 320 -19.06 -25.19 -0.04
N ASN D 321 -19.56 -24.94 1.18
CA ASN D 321 -19.57 -23.59 1.72
C ASN D 321 -18.15 -23.14 2.07
N PRO D 322 -17.87 -21.84 2.00
CA PRO D 322 -16.55 -21.35 2.42
C PRO D 322 -16.32 -21.59 3.90
N VAL D 323 -15.07 -21.81 4.25
CA VAL D 323 -14.71 -22.01 5.66
C VAL D 323 -14.41 -20.69 6.35
N ASN D 324 -13.66 -19.80 5.68
CA ASN D 324 -13.46 -18.43 6.13
C ASN D 324 -13.81 -17.51 4.99
N TYR D 325 -14.85 -16.68 5.20
CA TYR D 325 -15.38 -15.86 4.11
C TYR D 325 -14.34 -14.88 3.58
N PHE D 326 -13.54 -14.30 4.46
CA PHE D 326 -12.58 -13.28 4.02
C PHE D 326 -11.49 -13.89 3.14
N ALA D 327 -10.93 -15.02 3.56
CA ALA D 327 -9.83 -15.61 2.81
C ALA D 327 -10.29 -16.25 1.51
N GLU D 328 -11.55 -16.69 1.43
CA GLU D 328 -12.01 -17.47 0.30
C GLU D 328 -12.97 -16.73 -0.61
N VAL D 329 -13.58 -15.64 -0.17
CA VAL D 329 -14.59 -14.94 -0.97
C VAL D 329 -14.22 -13.47 -1.13
N GLU D 330 -13.92 -12.80 -0.02
CA GLU D 330 -13.57 -11.39 -0.13
C GLU D 330 -12.23 -11.21 -0.82
N GLN D 331 -11.33 -12.20 -0.71
CA GLN D 331 -10.02 -12.13 -1.34
C GLN D 331 -9.96 -12.81 -2.70
N ILE D 332 -11.07 -13.40 -3.16
CA ILE D 332 -11.05 -14.08 -4.46
C ILE D 332 -11.01 -13.04 -5.57
N ALA D 333 -10.34 -13.39 -6.66
CA ALA D 333 -10.10 -12.47 -7.77
C ALA D 333 -10.27 -13.22 -9.07
N PHE D 334 -11.16 -12.74 -9.93
CA PHE D 334 -11.44 -13.34 -11.24
C PHE D 334 -10.90 -12.42 -12.32
N ASP D 335 -10.07 -12.96 -13.20
CA ASP D 335 -9.53 -12.20 -14.33
C ASP D 335 -10.07 -12.77 -15.64
N PRO D 336 -10.89 -12.02 -16.38
CA PRO D 336 -11.31 -12.50 -17.71
C PRO D 336 -10.15 -12.75 -18.66
N SER D 337 -8.97 -12.18 -18.39
CA SER D 337 -7.79 -12.49 -19.18
C SER D 337 -7.31 -13.92 -18.93
N ASN D 338 -7.72 -14.54 -17.82
CA ASN D 338 -7.32 -15.91 -17.51
C ASN D 338 -8.08 -16.89 -18.39
N MET D 339 -7.48 -17.26 -19.53
CA MET D 339 -8.08 -18.22 -20.44
C MET D 339 -7.02 -19.23 -20.86
N PRO D 340 -7.26 -20.53 -20.68
CA PRO D 340 -6.28 -21.53 -21.08
C PRO D 340 -6.34 -21.77 -22.58
N PRO D 341 -5.40 -22.53 -23.14
CA PRO D 341 -5.45 -22.79 -24.59
C PRO D 341 -6.75 -23.45 -25.00
N GLY D 342 -7.23 -23.08 -26.20
CA GLY D 342 -8.53 -23.49 -26.65
C GLY D 342 -9.64 -22.51 -26.35
N ILE D 343 -9.39 -21.55 -25.47
CA ILE D 343 -10.33 -20.48 -25.15
C ILE D 343 -9.58 -19.16 -25.29
N GLU D 344 -10.07 -18.29 -26.17
CA GLU D 344 -9.46 -16.99 -26.41
C GLU D 344 -10.55 -15.92 -26.39
N ALA D 345 -10.15 -14.67 -26.59
CA ALA D 345 -11.08 -13.56 -26.61
C ALA D 345 -11.52 -13.23 -28.04
N SER D 346 -12.66 -12.57 -28.13
CA SER D 346 -13.16 -11.98 -29.35
C SER D 346 -12.86 -10.49 -29.34
N PRO D 347 -13.05 -9.79 -30.48
CA PRO D 347 -12.81 -8.33 -30.50
C PRO D 347 -13.95 -7.50 -29.90
N ASP D 348 -14.62 -8.03 -28.89
CA ASP D 348 -15.61 -7.25 -28.15
C ASP D 348 -14.90 -6.14 -27.40
N LYS D 349 -15.15 -4.89 -27.80
CA LYS D 349 -14.50 -3.75 -27.15
C LYS D 349 -14.64 -3.83 -25.63
N MET D 350 -15.82 -4.22 -25.14
CA MET D 350 -16.02 -4.32 -23.70
C MET D 350 -15.10 -5.37 -23.10
N LEU D 351 -15.10 -6.58 -23.68
CA LEU D 351 -14.18 -7.61 -23.21
C LEU D 351 -12.73 -7.16 -23.35
N GLN D 352 -12.41 -6.46 -24.45
CA GLN D 352 -11.05 -5.99 -24.66
C GLN D 352 -10.58 -5.12 -23.51
N GLY D 353 -11.46 -4.22 -23.02
CA GLY D 353 -11.11 -3.40 -21.88
C GLY D 353 -11.02 -4.18 -20.59
N ARG D 354 -11.92 -5.16 -20.41
CA ARG D 354 -11.89 -5.99 -19.21
C ARG D 354 -10.62 -6.82 -19.12
N LEU D 355 -9.96 -7.07 -20.26
CA LEU D 355 -8.72 -7.84 -20.24
C LEU D 355 -7.66 -7.14 -19.40
N PHE D 356 -7.66 -5.81 -19.42
CA PHE D 356 -6.71 -5.03 -18.64
C PHE D 356 -7.22 -4.71 -17.23
N ALA D 357 -8.53 -4.46 -17.09
CA ALA D 357 -9.04 -3.83 -15.87
C ALA D 357 -8.94 -4.73 -14.65
N TYR D 358 -9.17 -6.04 -14.81
CA TYR D 358 -9.28 -6.90 -13.63
C TYR D 358 -7.93 -7.17 -12.96
N PRO D 359 -6.93 -7.72 -13.65
CA PRO D 359 -5.61 -7.85 -13.00
C PRO D 359 -5.04 -6.52 -12.57
N ASP D 360 -5.50 -5.42 -13.17
CA ASP D 360 -5.05 -4.10 -12.78
C ASP D 360 -5.62 -3.72 -11.41
N THR D 361 -6.94 -3.87 -11.23
CA THR D 361 -7.55 -3.52 -9.95
C THR D 361 -7.17 -4.50 -8.85
N HIS D 362 -6.85 -5.74 -9.21
CA HIS D 362 -6.51 -6.74 -8.19
C HIS D 362 -5.13 -6.45 -7.58
N ARG D 363 -4.20 -5.92 -8.38
CA ARG D 363 -2.92 -5.48 -7.84
C ARG D 363 -3.08 -4.33 -6.85
N HIS D 364 -4.21 -3.62 -6.90
CA HIS D 364 -4.53 -2.55 -5.97
C HIS D 364 -5.30 -3.04 -4.77
N ARG D 365 -6.43 -3.73 -5.00
CA ARG D 365 -7.29 -4.15 -3.90
C ARG D 365 -6.62 -5.19 -3.02
N LEU D 366 -5.91 -6.14 -3.63
CA LEU D 366 -5.26 -7.23 -2.91
C LEU D 366 -3.76 -7.07 -2.85
N GLY D 367 -3.10 -6.79 -3.98
CA GLY D 367 -1.67 -6.61 -3.99
C GLY D 367 -1.03 -7.13 -5.26
N PRO D 368 0.24 -6.79 -5.48
CA PRO D 368 0.95 -7.29 -6.67
C PRO D 368 0.99 -8.81 -6.76
N ASN D 369 1.16 -9.50 -5.64
CA ASN D 369 1.22 -10.96 -5.61
C ASN D 369 -0.10 -11.58 -5.18
N TYR D 370 -1.22 -11.02 -5.64
CA TYR D 370 -2.53 -11.52 -5.23
C TYR D 370 -2.80 -12.93 -5.74
N LEU D 371 -2.08 -13.39 -6.76
CA LEU D 371 -2.25 -14.75 -7.25
C LEU D 371 -1.65 -15.79 -6.31
N HIS D 372 -0.92 -15.36 -5.29
CA HIS D 372 -0.36 -16.26 -4.29
C HIS D 372 -1.33 -16.58 -3.16
N ILE D 373 -2.44 -15.86 -3.07
CA ILE D 373 -3.47 -16.17 -2.08
C ILE D 373 -4.09 -17.51 -2.44
N PRO D 374 -4.45 -18.36 -1.46
CA PRO D 374 -4.93 -19.71 -1.80
C PRO D 374 -6.01 -19.82 -2.87
N VAL D 375 -7.13 -19.10 -2.75
CA VAL D 375 -8.23 -19.34 -3.69
C VAL D 375 -7.89 -18.87 -5.10
N ASN D 376 -6.93 -17.97 -5.27
CA ASN D 376 -6.51 -17.52 -6.60
C ASN D 376 -5.30 -18.29 -7.12
N CYS D 377 -4.68 -19.12 -6.29
CA CYS D 377 -3.57 -19.93 -6.75
C CYS D 377 -4.06 -20.97 -7.76
N PRO D 378 -3.34 -21.16 -8.86
CA PRO D 378 -3.73 -22.23 -9.80
C PRO D 378 -3.13 -23.57 -9.36
N TYR D 379 -3.73 -24.15 -8.33
CA TYR D 379 -3.16 -25.30 -7.63
C TYR D 379 -3.32 -26.61 -8.39
N ARG D 380 -3.83 -26.58 -9.62
CA ARG D 380 -3.81 -27.74 -10.50
C ARG D 380 -2.87 -27.57 -11.68
N ALA D 381 -2.21 -26.42 -11.78
CA ALA D 381 -1.17 -26.15 -12.75
C ALA D 381 0.18 -26.02 -12.07
N ARG D 382 1.22 -25.95 -12.88
CA ARG D 382 2.60 -25.80 -12.41
C ARG D 382 3.07 -24.41 -12.84
N VAL D 383 3.05 -23.46 -11.90
CA VAL D 383 3.49 -22.09 -12.19
C VAL D 383 5.01 -22.08 -12.29
N ALA D 384 5.51 -21.70 -13.46
CA ALA D 384 6.96 -21.64 -13.69
C ALA D 384 7.21 -20.57 -14.74
N ASN D 385 7.75 -19.43 -14.32
CA ASN D 385 8.06 -18.34 -15.22
C ASN D 385 9.24 -17.56 -14.67
N TYR D 386 9.46 -16.36 -15.19
CA TYR D 386 10.61 -15.55 -14.82
C TYR D 386 10.18 -14.31 -14.06
N GLN D 387 9.03 -14.39 -13.39
CA GLN D 387 8.56 -13.35 -12.49
C GLN D 387 9.09 -13.62 -11.08
N ARG D 388 9.48 -12.56 -10.39
CA ARG D 388 10.09 -12.70 -9.08
C ARG D 388 9.70 -11.51 -8.20
N ASP D 389 9.86 -11.70 -6.91
CA ASP D 389 9.83 -10.64 -5.90
C ASP D 389 8.40 -10.09 -5.81
N GLY D 390 8.26 -8.81 -5.45
CA GLY D 390 6.95 -8.24 -5.20
C GLY D 390 6.63 -8.22 -3.72
N PRO D 391 5.74 -7.31 -3.31
CA PRO D 391 5.32 -7.28 -1.89
C PRO D 391 4.66 -8.59 -1.49
N MET D 392 4.93 -9.02 -0.26
CA MET D 392 4.29 -10.20 0.34
C MET D 392 4.50 -11.44 -0.52
N CYS D 393 5.74 -11.63 -0.95
CA CYS D 393 6.09 -12.81 -1.74
C CYS D 393 5.91 -14.06 -0.88
N MET D 394 5.02 -14.95 -1.31
CA MET D 394 4.51 -16.00 -0.43
C MET D 394 5.12 -17.38 -0.66
N GLN D 395 5.50 -17.73 -1.88
CA GLN D 395 6.06 -19.04 -2.14
C GLN D 395 7.58 -18.94 -2.03
N ASP D 396 8.28 -20.00 -2.41
CA ASP D 396 9.75 -19.95 -2.43
C ASP D 396 10.31 -18.93 -3.44
N ASN D 397 9.47 -18.15 -4.12
CA ASN D 397 9.92 -17.24 -5.19
C ASN D 397 10.66 -18.01 -6.29
N GLN D 398 10.28 -19.28 -6.49
CA GLN D 398 10.90 -20.16 -7.49
C GLN D 398 12.39 -20.38 -7.22
N GLY D 399 12.79 -20.26 -5.96
CA GLY D 399 14.12 -20.65 -5.53
C GLY D 399 15.23 -19.93 -6.29
N GLY D 400 16.29 -20.68 -6.57
CA GLY D 400 17.45 -20.15 -7.26
C GLY D 400 17.41 -20.42 -8.75
N ALA D 401 16.20 -20.53 -9.30
CA ALA D 401 16.04 -20.78 -10.72
C ALA D 401 16.49 -19.56 -11.51
N PRO D 402 17.12 -19.76 -12.66
CA PRO D 402 17.49 -18.62 -13.52
C PRO D 402 16.28 -17.77 -13.86
N ASN D 403 16.44 -16.45 -13.69
CA ASN D 403 15.32 -15.51 -13.73
C ASN D 403 15.20 -14.77 -15.05
N TYR D 404 15.91 -15.18 -16.09
CA TYR D 404 15.88 -14.49 -17.37
C TYR D 404 15.65 -15.48 -18.50
N TYR D 405 15.01 -15.01 -19.57
CA TYR D 405 14.64 -15.85 -20.70
C TYR D 405 14.93 -15.11 -22.00
N PRO D 406 15.70 -15.69 -22.93
CA PRO D 406 16.23 -17.07 -22.92
C PRO D 406 17.43 -17.27 -22.02
N ASN D 407 17.74 -18.53 -21.73
CA ASN D 407 18.88 -18.88 -20.88
C ASN D 407 19.33 -20.28 -21.23
N SER D 408 20.61 -20.55 -20.93
CA SER D 408 21.22 -21.85 -21.17
C SER D 408 21.30 -22.69 -19.89
N PHE D 409 20.27 -22.62 -19.03
CA PHE D 409 20.39 -23.23 -17.72
C PHE D 409 19.11 -23.94 -17.28
N GLY D 410 18.37 -24.52 -18.23
CA GLY D 410 17.27 -25.41 -17.91
C GLY D 410 16.02 -24.76 -17.36
N ALA D 411 15.94 -23.43 -17.33
CA ALA D 411 14.78 -22.74 -16.80
C ALA D 411 13.55 -22.98 -17.68
N PRO D 412 12.33 -22.57 -17.27
CA PRO D 412 11.14 -22.85 -18.10
C PRO D 412 11.26 -22.46 -19.57
N GLU D 413 10.46 -23.10 -20.42
CA GLU D 413 10.49 -22.86 -21.86
C GLU D 413 9.07 -22.72 -22.40
N GLN D 414 8.89 -21.77 -23.32
CA GLN D 414 7.63 -21.64 -24.02
C GLN D 414 7.32 -22.91 -24.82
N GLN D 415 6.04 -23.23 -24.94
CA GLN D 415 5.65 -24.39 -25.75
C GLN D 415 4.74 -23.92 -26.89
N PRO D 416 5.12 -24.16 -28.15
CA PRO D 416 4.37 -23.58 -29.27
C PRO D 416 2.98 -24.16 -29.45
N SER D 417 2.62 -25.24 -28.74
CA SER D 417 1.25 -25.73 -28.77
C SER D 417 0.29 -24.86 -27.98
N ALA D 418 0.79 -23.79 -27.35
CA ALA D 418 -0.05 -22.83 -26.64
C ALA D 418 -0.20 -21.51 -27.40
N LEU D 419 0.36 -21.41 -28.61
CA LEU D 419 0.27 -20.17 -29.36
C LEU D 419 -1.18 -19.82 -29.68
N GLU D 420 -1.44 -18.53 -29.83
CA GLU D 420 -2.80 -18.06 -30.06
C GLU D 420 -3.17 -18.19 -31.54
N HIS D 421 -4.46 -18.03 -31.81
CA HIS D 421 -5.02 -18.13 -33.15
C HIS D 421 -4.91 -16.78 -33.87
N SER D 422 -4.28 -16.80 -35.05
CA SER D 422 -4.00 -15.59 -35.81
C SER D 422 -5.09 -15.34 -36.85
N ILE D 423 -5.50 -14.08 -36.96
CA ILE D 423 -6.53 -13.65 -37.89
C ILE D 423 -6.20 -12.26 -38.41
N GLN D 424 -6.61 -11.95 -39.63
CA GLN D 424 -6.37 -10.64 -40.21
C GLN D 424 -7.48 -9.67 -39.84
N TYR D 425 -7.11 -8.43 -39.57
CA TYR D 425 -8.06 -7.35 -39.36
C TYR D 425 -7.83 -6.26 -40.40
N SER D 426 -8.93 -5.60 -40.78
CA SER D 426 -8.92 -4.63 -41.87
C SER D 426 -9.46 -3.29 -41.38
N GLY D 427 -8.74 -2.21 -41.67
CA GLY D 427 -9.17 -0.88 -41.34
C GLY D 427 -8.10 -0.01 -40.69
N GLU D 428 -8.34 1.29 -40.62
CA GLU D 428 -7.42 2.18 -39.91
C GLU D 428 -7.54 1.98 -38.40
N VAL D 429 -6.41 2.15 -37.72
CA VAL D 429 -6.43 2.20 -36.26
C VAL D 429 -6.97 3.57 -35.84
N ARG D 430 -8.08 3.55 -35.12
CA ARG D 430 -8.90 4.75 -34.95
C ARG D 430 -10.02 4.50 -33.95
N ARG D 431 -10.54 5.55 -33.33
CA ARG D 431 -11.70 5.47 -32.45
C ARG D 431 -12.95 5.44 -33.32
N PHE D 432 -13.55 4.27 -33.50
CA PHE D 432 -14.76 4.12 -34.28
C PHE D 432 -15.98 4.33 -33.38
N ASN D 433 -16.93 5.13 -33.85
CA ASN D 433 -18.09 5.48 -33.04
C ASN D 433 -19.13 4.36 -33.12
N THR D 434 -19.49 3.80 -31.98
CA THR D 434 -20.55 2.81 -31.89
C THR D 434 -21.79 3.35 -31.20
N ALA D 435 -21.85 4.66 -30.92
CA ALA D 435 -22.94 5.19 -30.11
C ALA D 435 -24.29 5.01 -30.80
N ASN D 436 -24.32 5.15 -32.12
CA ASN D 436 -25.58 5.12 -32.85
C ASN D 436 -25.70 3.88 -33.74
N ASP D 437 -25.12 2.77 -33.33
CA ASP D 437 -25.52 1.49 -33.89
C ASP D 437 -26.93 1.17 -33.37
N ASP D 438 -27.48 0.04 -33.82
CA ASP D 438 -28.87 -0.28 -33.51
C ASP D 438 -29.11 -0.32 -32.01
N ASN D 439 -30.02 0.54 -31.54
CA ASN D 439 -30.31 0.64 -30.11
C ASN D 439 -31.70 0.14 -29.73
N VAL D 440 -32.58 -0.14 -30.70
CA VAL D 440 -33.99 -0.28 -30.40
C VAL D 440 -34.58 -1.60 -30.90
N THR D 441 -33.98 -2.19 -31.93
CA THR D 441 -34.61 -3.33 -32.60
C THR D 441 -34.76 -4.51 -31.67
N GLN D 442 -33.64 -5.02 -31.12
CA GLN D 442 -33.71 -6.14 -30.20
C GLN D 442 -34.42 -5.78 -28.90
N VAL D 443 -34.63 -4.49 -28.61
CA VAL D 443 -35.39 -4.09 -27.44
C VAL D 443 -36.89 -4.17 -27.72
N ARG D 444 -37.30 -3.79 -28.93
CA ARG D 444 -38.70 -3.95 -29.32
C ARG D 444 -39.11 -5.42 -29.35
N ALA D 445 -38.17 -6.30 -29.73
CA ALA D 445 -38.47 -7.73 -29.70
C ALA D 445 -38.62 -8.23 -28.28
N PHE D 446 -37.81 -7.69 -27.36
CA PHE D 446 -37.95 -8.04 -25.95
C PHE D 446 -39.27 -7.55 -25.39
N TYR D 447 -39.72 -6.39 -25.81
CA TYR D 447 -40.91 -5.78 -25.23
C TYR D 447 -42.19 -6.43 -25.74
N VAL D 448 -42.25 -6.76 -27.02
CA VAL D 448 -43.49 -7.26 -27.62
C VAL D 448 -43.60 -8.78 -27.53
N ASN D 449 -42.48 -9.50 -27.61
CA ASN D 449 -42.50 -10.95 -27.71
C ASN D 449 -42.06 -11.66 -26.43
N VAL D 450 -41.00 -11.18 -25.79
CA VAL D 450 -40.48 -11.87 -24.61
C VAL D 450 -41.39 -11.68 -23.40
N LEU D 451 -42.08 -10.54 -23.32
CA LEU D 451 -42.97 -10.23 -22.22
C LEU D 451 -44.43 -10.35 -22.67
N ASN D 452 -45.30 -10.54 -21.69
CA ASN D 452 -46.73 -10.42 -21.90
C ASN D 452 -47.18 -9.06 -21.37
N GLU D 453 -48.48 -8.76 -21.52
CA GLU D 453 -48.99 -7.48 -21.06
C GLU D 453 -48.92 -7.34 -19.55
N GLU D 454 -48.93 -8.45 -18.82
CA GLU D 454 -48.72 -8.40 -17.38
C GLU D 454 -47.32 -7.90 -17.05
N GLN D 455 -46.32 -8.40 -17.77
CA GLN D 455 -44.93 -8.05 -17.48
C GLN D 455 -44.57 -6.67 -18.00
N ARG D 456 -45.20 -6.22 -19.09
CA ARG D 456 -44.94 -4.87 -19.57
C ARG D 456 -45.42 -3.83 -18.55
N LYS D 457 -46.66 -3.99 -18.09
CA LYS D 457 -47.19 -3.11 -17.05
C LYS D 457 -46.27 -3.07 -15.83
N ARG D 458 -45.90 -4.24 -15.32
CA ARG D 458 -45.04 -4.28 -14.14
C ARG D 458 -43.67 -3.69 -14.42
N LEU D 459 -43.19 -3.81 -15.66
CA LEU D 459 -41.89 -3.26 -16.03
C LEU D 459 -41.97 -1.75 -16.24
N CYS D 460 -43.02 -1.28 -16.94
CA CYS D 460 -43.20 0.15 -17.13
C CYS D 460 -43.38 0.86 -15.79
N GLU D 461 -44.18 0.27 -14.90
CA GLU D 461 -44.36 0.87 -13.58
C GLU D 461 -43.07 0.85 -12.77
N ASN D 462 -42.26 -0.20 -12.93
CA ASN D 462 -41.00 -0.27 -12.21
C ASN D 462 -40.06 0.85 -12.66
N ILE D 463 -40.03 1.14 -13.96
CA ILE D 463 -39.23 2.26 -14.46
C ILE D 463 -39.77 3.57 -13.93
N ALA D 464 -41.09 3.75 -13.99
CA ALA D 464 -41.68 5.03 -13.61
C ALA D 464 -41.40 5.36 -12.15
N GLY D 465 -41.38 4.35 -11.29
CA GLY D 465 -41.12 4.58 -9.88
C GLY D 465 -39.75 5.14 -9.59
N HIS D 466 -38.79 4.95 -10.51
CA HIS D 466 -37.44 5.49 -10.36
C HIS D 466 -37.17 6.68 -11.25
N LEU D 467 -37.77 6.71 -12.45
CA LEU D 467 -37.53 7.82 -13.37
C LEU D 467 -38.24 9.09 -12.91
N LYS D 468 -39.31 8.95 -12.13
CA LYS D 468 -40.10 10.08 -11.69
C LYS D 468 -39.30 11.07 -10.84
N ASP D 469 -38.24 10.61 -10.18
CA ASP D 469 -37.47 11.46 -9.28
C ASP D 469 -36.48 12.35 -10.00
N ALA D 470 -36.19 12.08 -11.27
CA ALA D 470 -35.31 12.94 -12.04
C ALA D 470 -36.09 14.15 -12.56
N GLN D 471 -35.34 15.13 -13.08
CA GLN D 471 -35.96 16.32 -13.62
C GLN D 471 -36.79 16.00 -14.85
N ILE D 472 -37.67 16.94 -15.21
CA ILE D 472 -38.62 16.71 -16.31
C ILE D 472 -37.88 16.51 -17.62
N PHE D 473 -36.90 17.38 -17.90
CA PHE D 473 -36.18 17.27 -19.16
C PHE D 473 -35.41 15.95 -19.25
N ILE D 474 -35.10 15.34 -18.09
CA ILE D 474 -34.56 13.99 -18.09
C ILE D 474 -35.65 12.98 -18.37
N GLN D 475 -36.82 13.16 -17.75
CA GLN D 475 -37.96 12.29 -18.05
C GLN D 475 -38.35 12.37 -19.51
N LYS D 476 -38.26 13.58 -20.09
CA LYS D 476 -38.65 13.77 -21.49
C LYS D 476 -37.78 12.93 -22.40
N LYS D 477 -36.46 13.16 -22.37
CA LYS D 477 -35.54 12.42 -23.22
C LYS D 477 -35.60 10.92 -22.95
N ALA D 478 -35.85 10.53 -21.70
CA ALA D 478 -36.01 9.11 -21.38
C ALA D 478 -37.23 8.53 -22.07
N VAL D 479 -38.36 9.24 -22.00
CA VAL D 479 -39.57 8.78 -22.69
C VAL D 479 -39.36 8.76 -24.20
N LYS D 480 -38.57 9.71 -24.71
CA LYS D 480 -38.30 9.74 -26.15
C LYS D 480 -37.60 8.45 -26.59
N ASN D 481 -36.68 7.94 -25.77
CA ASN D 481 -36.03 6.68 -26.11
C ASN D 481 -37.01 5.52 -26.00
N PHE D 482 -37.83 5.49 -24.95
CA PHE D 482 -38.79 4.42 -24.79
C PHE D 482 -39.85 4.44 -25.88
N THR D 483 -40.34 5.63 -26.22
CA THR D 483 -41.27 5.76 -27.35
C THR D 483 -40.61 5.30 -28.65
N GLU D 484 -39.30 5.48 -28.78
CA GLU D 484 -38.60 5.04 -29.97
C GLU D 484 -38.51 3.52 -30.05
N VAL D 485 -38.47 2.84 -28.90
CA VAL D 485 -38.48 1.38 -28.89
C VAL D 485 -39.86 0.86 -29.29
N HIS D 486 -40.92 1.43 -28.70
CA HIS D 486 -42.29 1.07 -29.02
C HIS D 486 -43.19 2.19 -28.54
N PRO D 487 -44.17 2.62 -29.33
CA PRO D 487 -45.01 3.74 -28.89
C PRO D 487 -45.78 3.44 -27.62
N ASP D 488 -46.27 2.22 -27.45
CA ASP D 488 -46.98 1.88 -26.21
C ASP D 488 -46.02 1.88 -25.02
N TYR D 489 -44.76 1.50 -25.24
CA TYR D 489 -43.78 1.51 -24.17
C TYR D 489 -43.59 2.92 -23.61
N GLY D 490 -43.37 3.89 -24.50
CA GLY D 490 -43.15 5.26 -24.04
C GLY D 490 -44.39 5.90 -23.46
N SER D 491 -45.54 5.70 -24.11
CA SER D 491 -46.79 6.30 -23.62
C SER D 491 -47.23 5.67 -22.31
N HIS D 492 -46.95 4.37 -22.13
CA HIS D 492 -47.29 3.71 -20.86
C HIS D 492 -46.59 4.39 -19.70
N ILE D 493 -45.27 4.57 -19.81
CA ILE D 493 -44.49 5.17 -18.73
C ILE D 493 -44.93 6.62 -18.51
N GLN D 494 -45.16 7.35 -19.61
CA GLN D 494 -45.58 8.75 -19.49
C GLN D 494 -46.90 8.87 -18.75
N ALA D 495 -47.79 7.88 -18.90
CA ALA D 495 -49.03 7.89 -18.14
C ALA D 495 -48.77 7.75 -16.64
N LEU D 496 -47.91 6.80 -16.26
CA LEU D 496 -47.57 6.65 -14.85
C LEU D 496 -46.88 7.90 -14.31
N LEU D 497 -45.96 8.47 -15.09
CA LEU D 497 -45.24 9.65 -14.63
C LEU D 497 -46.18 10.81 -14.35
N ASP D 498 -47.15 11.04 -15.23
CA ASP D 498 -48.12 12.11 -15.01
C ASP D 498 -48.82 11.94 -13.66
N LYS D 499 -49.13 10.69 -13.30
CA LYS D 499 -49.73 10.43 -11.99
C LYS D 499 -48.78 10.82 -10.87
N TYR D 500 -47.51 10.40 -10.98
CA TYR D 500 -46.54 10.71 -9.93
C TYR D 500 -46.22 12.20 -9.90
N ASN D 501 -46.16 12.84 -11.07
CA ASN D 501 -45.94 14.27 -11.12
C ASN D 501 -47.11 15.06 -10.51
N ALA D 502 -48.18 14.39 -10.08
CA ALA D 502 -49.25 15.05 -9.36
C ALA D 502 -49.24 14.69 -7.87
#